data_8IQ9
#
_entry.id   8IQ9
#
_cell.length_a   204.405
_cell.length_b   86.357
_cell.length_c   103.420
_cell.angle_alpha   90.000
_cell.angle_beta   110.212
_cell.angle_gamma   90.000
#
_symmetry.space_group_name_H-M   'C 1 2 1'
#
loop_
_entity.id
_entity.type
_entity.pdbx_description
1 polymer 'K2-2 TSP'
2 branched 'alpha-D-glucopyranuronic acid-(1-3)-beta-D-mannopyranose-(1-4)-alpha-D-glucopyranose-(1-3)-beta-D-glucopyranose-(1-4)-[alpha-D-glucopyranuronic acid-(1-3)]beta-D-mannopyranose-(1-4)-alpha-D-glucopyranose-(1-3)-beta-D-glucopyranose'
3 branched 'alpha-D-glucopyranuronic acid-(1-3)-beta-D-mannopyranose-(1-4)-alpha-D-glucopyranose-(1-3)-beta-D-glucopyranose'
4 non-polymer 'ACETYL GROUP'
5 non-polymer 1,2-ETHANEDIOL
6 water water
#
_entity_poly.entity_id   1
_entity_poly.type   'polypeptide(L)'
_entity_poly.pdbx_seq_one_letter_code
;MGHHHHHHHHHHSSGHGTIQGSEDLYFQSHMMALVDLVRAGGYSVEYPQFSSMAKLKAFPHSEDGQLVRLLSWHEGVGLG
GGLFKVSTSSTATGNDGTVVVASNGVRLLRVVNGPIWADMFGALPNSDIDSMPAVAAAYAYAASVNTDLYIGVATYKFKG
STPINVDPSRAGIIGYQGKVRIDCSEFTGSIVFSINSSYSYTPAAYYNNLSPALQGLYVFGAKTSGVDGLLVGRETVGSD
KSYNGQTEVRECTFDKFDRNIRMGHNSWRFVFYKVNSLNALSPNGILYVPAGLDDSGEILSFYHCQFFDGAGSNIRLSCS
SYTMVFNTCSFLNITFFVDSASSATVTCNGCNFANPGSASTRRYVDISAGHTNVFNIIGGSIVTNSNPGQTQALLYVSTD
NLLNLVGVTAPYGGHYQQEQELGYHAFIGGAGTVTTSGVMLQLRNGAGTCPLHSSLSTFSNWNFGYGNLNAWTVDKGTGT
SSVVEYLANAGPKGTEGAMRVAPVSVGTNVSQVQAVTNPGMFSMSCMVNIATTPGNAGQVSIGFLDAAGNSLPGGVSANL
GTTTGWQVIGKNTLRGKVPIGAKQVRVNIQTVAGADVKYAYLLCNVVKKLGC
;
_entity_poly.pdbx_strand_id   A,B,C
#
loop_
_chem_comp.id
_chem_comp.type
_chem_comp.name
_chem_comp.formula
ACE non-polymer 'ACETYL GROUP' 'C2 H4 O'
BGC D-saccharide, beta linking beta-D-glucopyranose 'C6 H12 O6'
BMA D-saccharide, beta linking beta-D-mannopyranose 'C6 H12 O6'
EDO non-polymer 1,2-ETHANEDIOL 'C2 H6 O2'
GCU D-saccharide, alpha linking 'alpha-D-glucopyranuronic acid' 'C6 H10 O7'
GLC D-saccharide, alpha linking alpha-D-glucopyranose 'C6 H12 O6'
#
# COMPACT_ATOMS: atom_id res chain seq x y z
N GLU A 46 -5.46 -49.90 -27.14
CA GLU A 46 -6.66 -49.27 -26.62
C GLU A 46 -7.01 -49.83 -25.24
N TYR A 47 -7.38 -48.91 -24.34
CA TYR A 47 -7.73 -49.25 -22.97
C TYR A 47 -9.20 -49.70 -22.88
N PRO A 48 -9.48 -50.77 -22.15
CA PRO A 48 -10.89 -51.13 -21.87
C PRO A 48 -11.59 -49.94 -21.24
N GLN A 49 -12.89 -49.83 -21.46
CA GLN A 49 -13.67 -48.67 -21.01
C GLN A 49 -14.84 -49.11 -20.14
N PHE A 50 -15.14 -48.30 -19.12
CA PHE A 50 -16.23 -48.55 -18.21
C PHE A 50 -17.09 -47.30 -18.10
N SER A 51 -18.42 -47.48 -18.17
CA SER A 51 -19.31 -46.33 -18.32
C SER A 51 -19.66 -45.65 -17.01
N SER A 52 -19.35 -46.26 -15.86
CA SER A 52 -19.68 -45.69 -14.57
C SER A 52 -18.73 -46.25 -13.51
N MET A 53 -18.63 -45.53 -12.38
CA MET A 53 -17.86 -46.03 -11.25
C MET A 53 -18.41 -47.37 -10.75
N ALA A 54 -19.74 -47.53 -10.76
CA ALA A 54 -20.33 -48.81 -10.35
C ALA A 54 -19.84 -49.94 -11.25
N LYS A 55 -19.84 -49.72 -12.57
CA LYS A 55 -19.39 -50.77 -13.47
C LYS A 55 -17.91 -51.04 -13.32
N LEU A 56 -17.11 -49.99 -13.08
CA LEU A 56 -15.69 -50.16 -12.85
C LEU A 56 -15.43 -51.04 -11.65
N LYS A 57 -16.20 -50.83 -10.57
CA LYS A 57 -16.01 -51.61 -9.35
C LYS A 57 -16.52 -53.03 -9.48
N ALA A 58 -17.59 -53.25 -10.25
CA ALA A 58 -18.16 -54.58 -10.36
C ALA A 58 -17.35 -55.53 -11.23
N PHE A 59 -16.51 -55.02 -12.12
CA PHE A 59 -15.79 -55.86 -13.07
C PHE A 59 -14.67 -56.61 -12.36
N PRO A 60 -14.45 -57.91 -12.68
CA PRO A 60 -13.39 -58.72 -12.03
C PRO A 60 -12.02 -58.44 -12.65
N HIS A 61 -11.49 -57.25 -12.38
CA HIS A 61 -10.18 -56.90 -12.91
C HIS A 61 -9.14 -57.89 -12.43
N SER A 62 -8.20 -58.22 -13.32
CA SER A 62 -7.19 -59.20 -12.97
C SER A 62 -5.82 -58.92 -13.56
N GLU A 63 -5.69 -57.99 -14.54
CA GLU A 63 -4.40 -57.79 -15.20
C GLU A 63 -3.63 -56.72 -14.47
N ASP A 64 -2.72 -57.14 -13.60
CA ASP A 64 -1.91 -56.19 -12.85
C ASP A 64 -1.21 -55.23 -13.80
N GLY A 65 -1.33 -53.93 -13.52
CA GLY A 65 -0.68 -52.88 -14.29
C GLY A 65 -1.47 -52.34 -15.47
N GLN A 66 -2.58 -52.96 -15.82
CA GLN A 66 -3.35 -52.54 -16.98
C GLN A 66 -3.94 -51.15 -16.80
N LEU A 67 -3.87 -50.32 -17.85
CA LEU A 67 -4.61 -49.06 -17.87
C LEU A 67 -6.01 -49.28 -18.41
N VAL A 68 -7.00 -48.69 -17.73
CA VAL A 68 -8.40 -48.74 -18.13
C VAL A 68 -8.96 -47.33 -18.08
N ARG A 69 -10.04 -47.10 -18.81
CA ARG A 69 -10.66 -45.78 -18.89
C ARG A 69 -12.03 -45.81 -18.24
N LEU A 70 -12.25 -44.93 -17.27
CA LEU A 70 -13.58 -44.67 -16.73
C LEU A 70 -14.19 -43.52 -17.53
N LEU A 71 -15.33 -43.75 -18.16
CA LEU A 71 -15.92 -42.71 -19.00
C LEU A 71 -16.59 -41.62 -18.20
N SER A 72 -17.15 -41.98 -17.05
CA SER A 72 -17.94 -41.09 -16.22
C SER A 72 -18.05 -41.69 -14.84
N TRP A 73 -18.08 -40.85 -13.80
CA TRP A 73 -18.36 -41.39 -12.46
C TRP A 73 -19.80 -41.89 -12.37
N HIS A 74 -20.76 -40.99 -12.60
CA HIS A 74 -22.16 -41.36 -12.66
C HIS A 74 -22.53 -41.76 -14.09
N GLU A 75 -23.27 -42.87 -14.21
CA GLU A 75 -23.68 -43.35 -15.51
C GLU A 75 -24.41 -42.27 -16.29
N GLY A 76 -23.98 -42.04 -17.52
CA GLY A 76 -24.67 -41.13 -18.43
C GLY A 76 -24.37 -39.66 -18.27
N VAL A 77 -23.54 -39.26 -17.30
CA VAL A 77 -23.32 -37.84 -17.06
C VAL A 77 -22.16 -37.31 -17.90
N GLY A 78 -21.06 -38.04 -17.91
CA GLY A 78 -19.89 -37.61 -18.65
C GLY A 78 -18.88 -36.79 -17.87
N LEU A 79 -18.94 -36.80 -16.55
CA LEU A 79 -18.02 -36.08 -15.68
C LEU A 79 -17.32 -37.06 -14.75
N GLY A 80 -16.10 -36.72 -14.36
CA GLY A 80 -15.39 -37.48 -13.34
C GLY A 80 -14.66 -38.70 -13.85
N GLY A 81 -14.66 -38.95 -15.15
CA GLY A 81 -13.88 -40.05 -15.71
C GLY A 81 -12.39 -39.74 -15.76
N GLY A 82 -11.66 -40.68 -16.36
CA GLY A 82 -10.22 -40.59 -16.46
C GLY A 82 -9.60 -41.97 -16.59
N LEU A 83 -8.28 -42.00 -16.63
CA LEU A 83 -7.54 -43.25 -16.69
C LEU A 83 -7.25 -43.76 -15.29
N PHE A 84 -7.31 -45.08 -15.14
CA PHE A 84 -6.97 -45.77 -13.91
C PHE A 84 -5.97 -46.87 -14.23
N LYS A 85 -5.02 -47.08 -13.32
CA LYS A 85 -4.08 -48.18 -13.46
C LYS A 85 -4.49 -49.29 -12.49
N VAL A 86 -4.72 -50.50 -13.01
CA VAL A 86 -5.04 -51.64 -12.17
C VAL A 86 -3.83 -52.02 -11.33
N SER A 87 -4.04 -52.25 -10.04
CA SER A 87 -3.00 -52.85 -9.20
C SER A 87 -3.66 -53.97 -8.43
N THR A 88 -3.30 -55.21 -8.75
CA THR A 88 -3.89 -56.30 -7.99
C THR A 88 -3.28 -56.43 -6.60
N SER A 89 -2.08 -55.84 -6.39
CA SER A 89 -1.33 -56.00 -5.14
C SER A 89 -1.50 -54.83 -4.17
N SER A 90 -1.90 -53.66 -4.64
CA SER A 90 -2.05 -52.49 -3.76
C SER A 90 -3.00 -52.79 -2.63
N THR A 91 -2.65 -52.32 -1.42
CA THR A 91 -3.58 -52.37 -0.30
C THR A 91 -3.98 -50.97 0.15
N ALA A 92 -3.88 -50.01 -0.76
CA ALA A 92 -4.29 -48.64 -0.48
C ALA A 92 -5.78 -48.59 -0.12
N THR A 93 -6.12 -47.63 0.74
CA THR A 93 -7.50 -47.49 1.19
C THR A 93 -8.41 -46.94 0.08
N GLY A 94 -9.55 -47.59 -0.13
CA GLY A 94 -10.47 -47.15 -1.15
C GLY A 94 -11.11 -45.84 -0.75
N ASN A 95 -11.32 -44.96 -1.74
CA ASN A 95 -12.06 -43.73 -1.48
C ASN A 95 -13.09 -43.43 -2.58
N ASP A 96 -13.34 -44.36 -3.52
CA ASP A 96 -14.33 -44.19 -4.59
C ASP A 96 -14.04 -42.95 -5.45
N GLY A 97 -12.78 -42.52 -5.51
CA GLY A 97 -12.44 -41.34 -6.29
C GLY A 97 -11.13 -41.53 -7.04
N THR A 98 -10.03 -41.54 -6.28
CA THR A 98 -8.71 -41.74 -6.84
C THR A 98 -8.13 -43.11 -6.52
N VAL A 99 -8.64 -43.78 -5.48
CA VAL A 99 -8.25 -45.16 -5.18
C VAL A 99 -9.56 -45.93 -5.13
N VAL A 100 -9.78 -46.81 -6.09
CA VAL A 100 -11.04 -47.51 -6.21
C VAL A 100 -10.80 -48.98 -5.90
N VAL A 101 -11.58 -49.55 -4.97
CA VAL A 101 -11.45 -50.96 -4.63
C VAL A 101 -12.60 -51.70 -5.33
N ALA A 102 -12.26 -52.57 -6.29
CA ALA A 102 -13.27 -53.36 -6.97
C ALA A 102 -13.84 -54.42 -6.02
N SER A 103 -14.95 -55.02 -6.44
CA SER A 103 -15.62 -55.98 -5.55
C SER A 103 -14.75 -57.19 -5.25
N ASN A 104 -13.76 -57.50 -6.10
CA ASN A 104 -12.83 -58.59 -5.83
C ASN A 104 -11.57 -58.13 -5.09
N GLY A 105 -11.53 -56.89 -4.63
CA GLY A 105 -10.39 -56.40 -3.86
C GLY A 105 -9.29 -55.74 -4.67
N VAL A 106 -9.32 -55.87 -6.00
CA VAL A 106 -8.29 -55.24 -6.83
C VAL A 106 -8.43 -53.73 -6.79
N ARG A 107 -7.30 -53.03 -6.75
CA ARG A 107 -7.29 -51.57 -6.73
C ARG A 107 -7.23 -51.03 -8.14
N LEU A 108 -7.89 -49.90 -8.35
CA LEU A 108 -7.78 -49.11 -9.57
C LEU A 108 -7.30 -47.74 -9.11
N LEU A 109 -6.14 -47.31 -9.59
CA LEU A 109 -5.49 -46.11 -9.10
C LEU A 109 -5.61 -45.03 -10.18
N ARG A 110 -6.35 -43.98 -9.88
CA ARG A 110 -6.57 -42.94 -10.88
C ARG A 110 -5.27 -42.25 -11.26
N VAL A 111 -5.08 -42.01 -12.56
CA VAL A 111 -3.97 -41.22 -13.06
C VAL A 111 -4.44 -39.78 -13.07
N VAL A 112 -3.83 -38.92 -12.24
CA VAL A 112 -4.20 -37.50 -12.19
C VAL A 112 -2.99 -36.67 -12.53
N ASN A 113 -3.22 -35.61 -13.30
CA ASN A 113 -2.21 -34.60 -13.62
C ASN A 113 -2.82 -33.25 -13.25
N GLY A 114 -2.21 -32.58 -12.26
CA GLY A 114 -2.77 -31.33 -11.79
C GLY A 114 -3.68 -31.55 -10.59
N PRO A 115 -4.58 -30.61 -10.35
CA PRO A 115 -5.46 -30.68 -9.19
C PRO A 115 -6.42 -31.86 -9.24
N ILE A 116 -6.85 -32.27 -8.05
CA ILE A 116 -7.98 -33.17 -7.91
C ILE A 116 -9.25 -32.37 -8.20
N TRP A 117 -10.25 -33.01 -8.81
CA TRP A 117 -11.54 -32.38 -9.04
C TRP A 117 -12.62 -33.12 -8.26
N ALA A 118 -13.58 -32.37 -7.72
CA ALA A 118 -14.60 -32.97 -6.87
C ALA A 118 -15.44 -34.01 -7.61
N ASP A 119 -15.64 -33.80 -8.91
CA ASP A 119 -16.44 -34.76 -9.67
C ASP A 119 -15.75 -36.13 -9.76
N MET A 120 -14.43 -36.20 -9.52
CA MET A 120 -13.74 -37.49 -9.48
C MET A 120 -14.22 -38.36 -8.35
N PHE A 121 -14.88 -37.77 -7.35
CA PHE A 121 -15.44 -38.46 -6.20
C PHE A 121 -16.96 -38.52 -6.27
N GLY A 122 -17.54 -38.21 -7.43
CA GLY A 122 -18.98 -38.30 -7.60
C GLY A 122 -19.74 -37.01 -7.38
N ALA A 123 -19.06 -35.90 -7.10
CA ALA A 123 -19.78 -34.63 -7.01
C ALA A 123 -20.39 -34.29 -8.37
N LEU A 124 -21.57 -33.66 -8.34
CA LEU A 124 -22.26 -33.25 -9.54
C LEU A 124 -22.54 -31.75 -9.51
N PRO A 125 -22.48 -31.10 -10.65
CA PRO A 125 -22.78 -29.66 -10.72
C PRO A 125 -24.28 -29.41 -10.79
N ASN A 126 -24.70 -28.24 -10.26
CA ASN A 126 -26.08 -27.78 -10.42
C ASN A 126 -27.10 -28.80 -9.92
N SER A 127 -26.76 -29.46 -8.82
CA SER A 127 -27.53 -30.53 -8.22
C SER A 127 -28.13 -30.07 -6.90
N ASP A 128 -29.31 -30.62 -6.58
CA ASP A 128 -29.99 -30.42 -5.29
C ASP A 128 -29.45 -31.30 -4.17
N ILE A 129 -28.71 -32.36 -4.52
CA ILE A 129 -28.14 -33.27 -3.54
C ILE A 129 -27.08 -32.52 -2.73
N ASP A 130 -26.99 -32.85 -1.44
CA ASP A 130 -25.90 -32.33 -0.62
C ASP A 130 -24.55 -32.71 -1.24
N SER A 131 -23.78 -31.72 -1.66
CA SER A 131 -22.45 -31.95 -2.21
C SER A 131 -21.36 -31.92 -1.15
N MET A 132 -21.67 -31.52 0.08
CA MET A 132 -20.59 -31.41 1.05
C MET A 132 -19.91 -32.74 1.33
N PRO A 133 -20.59 -33.89 1.40
CA PRO A 133 -19.85 -35.14 1.61
C PRO A 133 -18.83 -35.45 0.52
N ALA A 134 -19.22 -35.27 -0.74
CA ALA A 134 -18.29 -35.57 -1.83
C ALA A 134 -17.14 -34.57 -1.85
N VAL A 135 -17.43 -33.29 -1.64
CA VAL A 135 -16.34 -32.31 -1.60
C VAL A 135 -15.40 -32.62 -0.44
N ALA A 136 -15.96 -32.98 0.72
CA ALA A 136 -15.14 -33.29 1.89
C ALA A 136 -14.26 -34.50 1.65
N ALA A 137 -14.80 -35.53 0.99
CA ALA A 137 -14.00 -36.72 0.70
C ALA A 137 -12.91 -36.42 -0.32
N ALA A 138 -13.26 -35.69 -1.38
CA ALA A 138 -12.27 -35.29 -2.37
C ALA A 138 -11.19 -34.44 -1.72
N TYR A 139 -11.60 -33.53 -0.81
CA TYR A 139 -10.63 -32.65 -0.14
C TYR A 139 -9.70 -33.46 0.76
N ALA A 140 -10.25 -34.41 1.52
CA ALA A 140 -9.41 -35.26 2.36
C ALA A 140 -8.32 -35.92 1.52
N TYR A 141 -8.69 -36.46 0.36
CA TYR A 141 -7.66 -37.07 -0.48
C TYR A 141 -6.66 -36.03 -1.00
N ALA A 142 -7.17 -34.93 -1.57
CA ALA A 142 -6.30 -33.90 -2.14
C ALA A 142 -5.29 -33.43 -1.10
N ALA A 143 -5.75 -33.15 0.10
CA ALA A 143 -4.86 -32.75 1.18
C ALA A 143 -3.83 -33.84 1.46
N SER A 144 -4.23 -35.11 1.41
CA SER A 144 -3.27 -36.17 1.72
C SER A 144 -2.14 -36.27 0.70
N VAL A 145 -2.33 -35.74 -0.52
CA VAL A 145 -1.24 -35.71 -1.51
C VAL A 145 -0.81 -34.28 -1.86
N ASN A 146 -1.05 -33.31 -0.97
CA ASN A 146 -0.52 -31.93 -1.09
C ASN A 146 -0.90 -31.31 -2.43
N THR A 147 -2.13 -31.56 -2.85
CA THR A 147 -2.67 -31.18 -4.15
C THR A 147 -3.94 -30.37 -3.97
N ASP A 148 -4.11 -29.28 -4.70
CA ASP A 148 -5.35 -28.53 -4.51
C ASP A 148 -6.56 -29.29 -5.05
N LEU A 149 -7.74 -28.96 -4.51
CA LEU A 149 -9.01 -29.48 -4.99
C LEU A 149 -9.75 -28.42 -5.79
N TYR A 150 -10.15 -28.78 -7.01
CA TYR A 150 -11.01 -27.94 -7.84
C TYR A 150 -12.46 -28.38 -7.69
N ILE A 151 -13.36 -27.41 -7.64
CA ILE A 151 -14.80 -27.65 -7.74
C ILE A 151 -15.23 -26.99 -9.03
N GLY A 152 -15.71 -27.77 -10.00
CA GLY A 152 -16.10 -27.19 -11.27
C GLY A 152 -17.21 -26.15 -11.12
N VAL A 153 -17.09 -25.05 -11.86
CA VAL A 153 -18.03 -23.95 -11.69
C VAL A 153 -19.46 -24.43 -11.98
N ALA A 154 -20.35 -24.13 -11.04
CA ALA A 154 -21.74 -24.53 -11.03
C ALA A 154 -22.34 -24.05 -9.72
N THR A 155 -23.60 -24.39 -9.47
CA THR A 155 -24.17 -24.21 -8.14
C THR A 155 -24.08 -25.51 -7.35
N TYR A 156 -23.95 -25.37 -6.04
CA TYR A 156 -23.83 -26.48 -5.10
C TYR A 156 -24.63 -26.18 -3.87
N LYS A 157 -25.11 -27.24 -3.19
CA LYS A 157 -25.72 -27.13 -1.88
C LYS A 157 -24.88 -27.88 -0.85
N PHE A 158 -24.56 -27.22 0.27
CA PHE A 158 -23.90 -27.84 1.41
C PHE A 158 -24.96 -27.97 2.51
N LYS A 159 -25.20 -29.19 2.96
CA LYS A 159 -26.22 -29.45 3.97
C LYS A 159 -25.53 -30.12 5.16
N GLY A 160 -26.33 -30.67 6.07
CA GLY A 160 -25.68 -31.32 7.23
C GLY A 160 -25.10 -30.32 8.22
N SER A 161 -24.15 -30.80 9.04
CA SER A 161 -23.59 -29.97 10.10
C SER A 161 -22.11 -30.24 10.31
N THR A 162 -21.43 -30.81 9.33
CA THR A 162 -20.03 -31.16 9.48
C THR A 162 -19.18 -30.13 8.74
N PRO A 163 -18.37 -29.34 9.43
CA PRO A 163 -17.50 -28.38 8.74
C PRO A 163 -16.44 -29.06 7.90
N ILE A 164 -15.96 -28.35 6.88
CA ILE A 164 -14.74 -28.73 6.16
C ILE A 164 -13.60 -27.92 6.76
N ASN A 165 -12.58 -28.63 7.22
CA ASN A 165 -11.39 -28.04 7.81
C ASN A 165 -10.30 -28.03 6.74
N VAL A 166 -10.08 -26.87 6.11
CA VAL A 166 -9.02 -26.71 5.12
C VAL A 166 -7.69 -26.61 5.83
N ASP A 167 -6.72 -27.40 5.37
CA ASP A 167 -5.36 -27.34 5.90
C ASP A 167 -4.52 -26.64 4.85
N PRO A 168 -4.18 -25.36 5.03
CA PRO A 168 -3.51 -24.58 3.97
C PRO A 168 -2.09 -25.03 3.71
N SER A 169 -1.54 -25.87 4.59
CA SER A 169 -0.22 -26.44 4.37
C SER A 169 -0.27 -27.65 3.45
N ARG A 170 -1.47 -28.05 3.04
CA ARG A 170 -1.65 -29.26 2.22
C ARG A 170 -2.44 -28.98 0.95
N ALA A 171 -3.55 -28.24 1.04
CA ALA A 171 -4.42 -28.13 -0.12
C ALA A 171 -5.45 -27.03 0.07
N GLY A 172 -5.73 -26.30 -1.00
CA GLY A 172 -6.84 -25.37 -1.01
C GLY A 172 -8.03 -25.92 -1.77
N ILE A 173 -9.15 -25.20 -1.68
CA ILE A 173 -10.38 -25.50 -2.44
C ILE A 173 -10.63 -24.34 -3.38
N ILE A 174 -10.70 -24.63 -4.67
CA ILE A 174 -10.69 -23.63 -5.75
C ILE A 174 -11.93 -23.83 -6.60
N GLY A 175 -12.80 -22.83 -6.65
CA GLY A 175 -13.91 -22.89 -7.59
C GLY A 175 -13.41 -22.56 -8.98
N TYR A 176 -13.61 -23.46 -9.95
CA TYR A 176 -12.89 -23.39 -11.22
C TYR A 176 -13.83 -23.52 -12.43
N GLN A 177 -14.02 -22.45 -13.19
CA GLN A 177 -13.65 -21.10 -12.84
C GLN A 177 -14.77 -20.20 -13.32
N GLY A 178 -15.19 -19.31 -12.45
CA GLY A 178 -16.35 -18.50 -12.70
C GLY A 178 -17.08 -18.23 -11.41
N LYS A 179 -18.41 -18.11 -11.49
CA LYS A 179 -19.15 -17.67 -10.31
C LYS A 179 -19.69 -18.90 -9.57
N VAL A 180 -18.82 -19.54 -8.78
CA VAL A 180 -19.17 -20.79 -8.11
C VAL A 180 -20.03 -20.47 -6.90
N ARG A 181 -21.22 -21.08 -6.82
CA ARG A 181 -22.24 -20.72 -5.82
C ARG A 181 -22.41 -21.89 -4.85
N ILE A 182 -22.07 -21.66 -3.56
CA ILE A 182 -22.13 -22.65 -2.50
C ILE A 182 -23.24 -22.21 -1.53
N ASP A 183 -24.41 -22.79 -1.73
CA ASP A 183 -25.60 -22.50 -0.93
C ASP A 183 -25.51 -23.31 0.35
N CYS A 184 -25.27 -22.64 1.48
CA CYS A 184 -25.20 -23.29 2.79
C CYS A 184 -26.41 -22.95 3.65
N SER A 185 -27.53 -22.59 3.01
CA SER A 185 -28.71 -22.16 3.75
C SER A 185 -29.30 -23.26 4.62
N GLU A 186 -29.07 -24.53 4.28
CA GLU A 186 -29.56 -25.64 5.08
C GLU A 186 -28.50 -26.24 5.99
N PHE A 187 -27.29 -25.69 6.00
CA PHE A 187 -26.23 -26.18 6.86
C PHE A 187 -26.47 -25.72 8.30
N THR A 188 -26.28 -26.63 9.25
CA THR A 188 -26.57 -26.34 10.65
C THR A 188 -25.37 -26.52 11.59
N GLY A 189 -24.17 -26.70 11.06
CA GLY A 189 -22.98 -26.79 11.88
C GLY A 189 -22.49 -25.44 12.38
N SER A 190 -21.45 -25.48 13.22
CA SER A 190 -20.95 -24.27 13.88
C SER A 190 -20.29 -23.32 12.88
N ILE A 191 -19.64 -23.87 11.87
CA ILE A 191 -18.86 -23.15 10.85
C ILE A 191 -18.92 -23.97 9.59
N VAL A 192 -19.00 -23.31 8.43
CA VAL A 192 -18.92 -24.05 7.17
C VAL A 192 -17.49 -24.48 6.89
N PHE A 193 -16.56 -23.52 6.88
CA PHE A 193 -15.16 -23.78 6.63
C PHE A 193 -14.34 -23.30 7.81
N SER A 194 -13.33 -24.06 8.19
CA SER A 194 -12.23 -23.49 8.97
C SER A 194 -10.96 -23.60 8.14
N ILE A 195 -9.97 -22.74 8.41
CA ILE A 195 -8.68 -22.85 7.74
C ILE A 195 -7.61 -22.83 8.83
N ASN A 196 -6.88 -23.94 8.96
CA ASN A 196 -5.91 -24.08 10.03
C ASN A 196 -4.92 -25.19 9.70
N SER A 197 -3.63 -24.89 9.84
CA SER A 197 -2.59 -25.85 9.54
C SER A 197 -2.54 -26.97 10.58
N SER A 198 -2.18 -28.17 10.12
CA SER A 198 -1.91 -29.31 11.01
C SER A 198 -0.49 -29.36 11.52
N TYR A 199 0.36 -28.42 11.10
CA TYR A 199 1.77 -28.43 11.44
C TYR A 199 2.13 -27.27 12.36
N SER A 200 3.15 -27.49 13.18
CA SER A 200 3.68 -26.39 13.98
C SER A 200 4.81 -25.63 13.28
N TYR A 201 5.48 -26.24 12.30
CA TYR A 201 6.50 -25.50 11.55
C TYR A 201 6.63 -26.01 10.11
N THR A 202 7.27 -27.16 9.90
CA THR A 202 7.42 -27.66 8.52
C THR A 202 6.46 -28.79 8.23
N PRO A 203 5.94 -28.90 7.00
CA PRO A 203 6.27 -28.03 5.85
C PRO A 203 5.40 -26.77 5.70
N ALA A 204 4.62 -26.37 6.72
CA ALA A 204 3.81 -25.16 6.61
C ALA A 204 4.64 -23.94 6.20
N ALA A 205 5.85 -23.81 6.76
CA ALA A 205 6.71 -22.66 6.44
C ALA A 205 7.13 -22.66 4.98
N TYR A 206 7.01 -23.79 4.28
CA TYR A 206 7.38 -23.91 2.88
C TYR A 206 6.17 -23.92 1.94
N TYR A 207 5.01 -24.34 2.45
CA TYR A 207 3.88 -24.70 1.60
C TYR A 207 2.69 -23.77 1.69
N ASN A 208 2.44 -23.08 2.83
CA ASN A 208 1.18 -22.33 2.93
C ASN A 208 1.00 -21.36 1.80
N ASN A 209 2.09 -20.72 1.37
CA ASN A 209 2.07 -19.64 0.39
C ASN A 209 1.95 -20.12 -1.03
N LEU A 210 2.09 -21.43 -1.28
CA LEU A 210 2.23 -21.89 -2.65
C LEU A 210 0.91 -21.92 -3.43
N SER A 211 -0.22 -21.95 -2.75
CA SER A 211 -1.52 -21.96 -3.40
C SER A 211 -2.52 -21.41 -2.38
N PRO A 212 -3.63 -20.86 -2.84
CA PRO A 212 -4.63 -20.31 -1.91
C PRO A 212 -5.32 -21.42 -1.13
N ALA A 213 -5.89 -21.05 0.02
CA ALA A 213 -6.68 -21.99 0.81
C ALA A 213 -8.12 -22.06 0.31
N LEU A 214 -8.68 -20.94 -0.11
CA LEU A 214 -10.02 -20.86 -0.69
C LEU A 214 -9.96 -19.84 -1.81
N GLN A 215 -10.56 -20.14 -2.94
CA GLN A 215 -10.59 -19.21 -4.06
C GLN A 215 -11.85 -19.43 -4.88
N GLY A 216 -12.53 -18.32 -5.26
CA GLY A 216 -13.54 -18.38 -6.30
C GLY A 216 -14.94 -18.80 -5.89
N LEU A 217 -15.31 -18.60 -4.62
CA LEU A 217 -16.53 -19.17 -4.04
C LEU A 217 -17.42 -18.09 -3.46
N TYR A 218 -18.70 -18.13 -3.82
CA TYR A 218 -19.74 -17.39 -3.13
C TYR A 218 -20.36 -18.38 -2.13
N VAL A 219 -20.16 -18.13 -0.84
CA VAL A 219 -20.58 -19.01 0.23
C VAL A 219 -21.62 -18.24 1.06
N PHE A 220 -22.84 -18.77 1.15
CA PHE A 220 -23.86 -18.01 1.86
C PHE A 220 -24.75 -18.89 2.72
N GLY A 221 -25.30 -18.27 3.77
CA GLY A 221 -26.25 -18.96 4.62
C GLY A 221 -27.65 -18.37 4.57
N ALA A 222 -28.38 -18.56 5.66
CA ALA A 222 -29.73 -18.02 5.81
C ALA A 222 -29.87 -17.20 7.09
N LYS A 223 -28.74 -16.68 7.59
CA LYS A 223 -28.70 -15.86 8.81
C LYS A 223 -29.26 -16.63 10.00
N THR A 224 -28.99 -17.93 10.02
CA THR A 224 -29.34 -18.77 11.17
C THR A 224 -28.39 -18.49 12.32
N SER A 225 -28.95 -18.27 13.51
CA SER A 225 -28.11 -18.03 14.68
C SER A 225 -27.26 -19.27 14.95
N GLY A 226 -25.97 -19.03 15.19
CA GLY A 226 -25.05 -20.10 15.55
C GLY A 226 -24.32 -20.76 14.40
N VAL A 227 -24.54 -20.32 13.16
CA VAL A 227 -23.85 -20.88 11.99
C VAL A 227 -22.96 -19.79 11.42
N ASP A 228 -21.65 -19.94 11.60
CA ASP A 228 -20.68 -19.00 11.04
C ASP A 228 -20.20 -19.46 9.67
N GLY A 229 -19.65 -18.51 8.90
CA GLY A 229 -19.19 -18.86 7.56
C GLY A 229 -17.79 -19.42 7.56
N LEU A 230 -16.81 -18.58 7.84
CA LEU A 230 -15.40 -18.93 7.75
C LEU A 230 -14.72 -18.65 9.09
N LEU A 231 -14.07 -19.68 9.65
CA LEU A 231 -13.22 -19.54 10.82
C LEU A 231 -11.77 -19.52 10.35
N VAL A 232 -11.07 -18.42 10.67
CA VAL A 232 -9.68 -18.19 10.27
C VAL A 232 -8.83 -18.62 11.45
N GLY A 233 -8.26 -19.81 11.37
CA GLY A 233 -7.57 -20.37 12.53
C GLY A 233 -8.37 -21.46 13.22
N ARG A 234 -8.21 -21.56 14.54
CA ARG A 234 -8.64 -22.70 15.34
C ARG A 234 -9.67 -22.27 16.39
N GLU A 235 -10.64 -23.16 16.67
CA GLU A 235 -11.69 -22.83 17.63
C GLU A 235 -11.14 -22.80 19.05
N THR A 236 -10.29 -23.75 19.39
CA THR A 236 -9.72 -23.85 20.72
C THR A 236 -8.19 -23.90 20.62
N VAL A 237 -7.54 -23.62 21.74
CA VAL A 237 -6.07 -23.60 21.74
C VAL A 237 -5.54 -25.03 21.68
N GLY A 238 -4.65 -25.30 20.72
CA GLY A 238 -4.06 -26.62 20.58
C GLY A 238 -2.88 -26.82 21.53
N SER A 239 -2.46 -28.08 21.65
CA SER A 239 -1.30 -28.39 22.47
C SER A 239 -0.02 -27.83 21.87
N ASP A 240 0.04 -27.70 20.54
CA ASP A 240 1.11 -27.00 19.85
C ASP A 240 0.48 -25.92 18.96
N LYS A 241 1.30 -24.98 18.52
CA LYS A 241 0.80 -23.92 17.64
C LYS A 241 0.53 -24.48 16.25
N SER A 242 -0.32 -23.76 15.50
CA SER A 242 -0.64 -24.06 14.12
C SER A 242 -0.01 -22.99 13.23
N TYR A 243 0.85 -23.41 12.29
CA TYR A 243 1.66 -22.48 11.51
C TYR A 243 0.86 -22.03 10.30
N ASN A 244 0.17 -20.90 10.42
CA ASN A 244 -0.78 -20.47 9.39
C ASN A 244 -0.28 -19.35 8.49
N GLY A 245 0.89 -18.80 8.77
CA GLY A 245 1.32 -17.61 8.04
C GLY A 245 1.41 -17.88 6.54
N GLN A 246 0.98 -16.87 5.76
CA GLN A 246 1.04 -16.81 4.31
C GLN A 246 -0.16 -17.47 3.65
N THR A 247 -1.14 -17.92 4.44
CA THR A 247 -2.38 -18.50 3.89
C THR A 247 -3.28 -17.44 3.27
N GLU A 248 -3.77 -17.71 2.06
CA GLU A 248 -4.58 -16.76 1.31
C GLU A 248 -6.01 -17.25 1.14
N VAL A 249 -6.96 -16.33 1.33
CA VAL A 249 -8.35 -16.48 0.89
C VAL A 249 -8.57 -15.42 -0.17
N ARG A 250 -9.00 -15.82 -1.35
CA ARG A 250 -9.12 -14.81 -2.40
C ARG A 250 -10.35 -15.05 -3.24
N GLU A 251 -10.92 -13.96 -3.75
CA GLU A 251 -12.00 -14.06 -4.72
C GLU A 251 -13.16 -14.90 -4.15
N CYS A 252 -13.51 -14.61 -2.90
CA CYS A 252 -14.63 -15.28 -2.24
C CYS A 252 -15.55 -14.24 -1.64
N THR A 253 -16.83 -14.62 -1.55
CA THR A 253 -17.85 -13.82 -0.90
C THR A 253 -18.44 -14.63 0.23
N PHE A 254 -18.55 -14.04 1.43
CA PHE A 254 -19.24 -14.67 2.54
C PHE A 254 -20.44 -13.80 2.91
N ASP A 255 -21.61 -14.43 3.03
CA ASP A 255 -22.86 -13.68 3.04
C ASP A 255 -23.88 -14.41 3.90
N LYS A 256 -24.63 -13.66 4.70
CA LYS A 256 -25.82 -14.19 5.40
C LYS A 256 -25.45 -15.34 6.35
N PHE A 257 -24.32 -15.21 7.03
CA PHE A 257 -24.04 -16.07 8.16
C PHE A 257 -24.26 -15.29 9.46
N ASP A 258 -23.97 -15.94 10.57
CA ASP A 258 -24.06 -15.27 11.87
C ASP A 258 -22.87 -14.33 12.02
N ARG A 259 -21.67 -14.90 12.15
CA ARG A 259 -20.43 -14.21 11.80
C ARG A 259 -19.98 -14.77 10.46
N ASN A 260 -19.84 -13.87 9.46
CA ASN A 260 -19.36 -14.31 8.15
C ASN A 260 -17.92 -14.79 8.22
N ILE A 261 -17.07 -14.01 8.86
CA ILE A 261 -15.64 -14.30 8.98
C ILE A 261 -15.27 -14.04 10.42
N ARG A 262 -14.71 -15.04 11.10
CA ARG A 262 -14.34 -14.91 12.49
C ARG A 262 -12.91 -15.37 12.65
N MET A 263 -12.09 -14.57 13.33
CA MET A 263 -10.73 -15.03 13.62
C MET A 263 -10.73 -15.94 14.83
N GLY A 264 -9.99 -17.05 14.72
CA GLY A 264 -9.71 -17.92 15.83
C GLY A 264 -8.28 -17.85 16.31
N HIS A 265 -7.89 -18.85 17.10
CA HIS A 265 -6.50 -18.94 17.51
C HIS A 265 -5.63 -19.23 16.29
N ASN A 266 -4.36 -18.84 16.39
CA ASN A 266 -3.38 -19.02 15.30
C ASN A 266 -3.77 -18.22 14.06
N SER A 267 -4.45 -17.08 14.24
CA SER A 267 -4.80 -16.24 13.10
C SER A 267 -3.67 -15.24 12.89
N TRP A 268 -2.71 -15.62 12.05
CA TRP A 268 -1.57 -14.75 11.80
C TRP A 268 -1.12 -14.87 10.36
N ARG A 269 -0.83 -13.70 9.76
CA ARG A 269 -0.35 -13.51 8.38
C ARG A 269 -1.22 -14.21 7.33
N PHE A 270 -2.52 -14.34 7.61
CA PHE A 270 -3.46 -14.58 6.52
C PHE A 270 -3.54 -13.34 5.63
N VAL A 271 -3.73 -13.57 4.32
CA VAL A 271 -3.97 -12.48 3.38
C VAL A 271 -5.28 -12.76 2.64
N PHE A 272 -6.06 -11.70 2.39
CA PHE A 272 -7.36 -11.77 1.72
C PHE A 272 -7.33 -10.82 0.55
N TYR A 273 -7.68 -11.31 -0.64
CA TYR A 273 -7.71 -10.48 -1.84
C TYR A 273 -9.08 -10.60 -2.46
N LYS A 274 -9.71 -9.45 -2.72
CA LYS A 274 -11.02 -9.44 -3.39
C LYS A 274 -12.02 -10.28 -2.63
N VAL A 275 -12.04 -10.16 -1.31
CA VAL A 275 -13.03 -10.85 -0.49
C VAL A 275 -14.15 -9.89 -0.13
N ASN A 276 -15.38 -10.38 -0.26
CA ASN A 276 -16.59 -9.61 0.07
C ASN A 276 -17.22 -10.23 1.31
N SER A 277 -17.66 -9.38 2.25
CA SER A 277 -18.42 -9.85 3.40
C SER A 277 -19.58 -8.91 3.61
N LEU A 278 -20.79 -9.45 3.63
CA LEU A 278 -21.98 -8.61 3.73
C LEU A 278 -23.12 -9.34 4.43
N ASN A 279 -24.04 -8.54 4.97
CA ASN A 279 -25.37 -9.01 5.40
C ASN A 279 -25.30 -10.20 6.37
N ALA A 280 -24.52 -10.03 7.44
CA ALA A 280 -24.46 -11.02 8.52
C ALA A 280 -25.50 -10.69 9.60
N LEU A 281 -25.77 -11.70 10.44
CA LEU A 281 -26.74 -11.57 11.52
C LEU A 281 -26.15 -10.88 12.76
N SER A 282 -24.95 -11.30 13.19
CA SER A 282 -24.38 -10.82 14.44
C SER A 282 -24.06 -9.33 14.35
N PRO A 283 -24.20 -8.61 15.45
CA PRO A 283 -23.71 -7.23 15.46
C PRO A 283 -22.24 -7.11 15.07
N ASN A 284 -21.46 -8.20 15.24
CA ASN A 284 -20.05 -8.25 14.90
C ASN A 284 -19.79 -9.08 13.64
N GLY A 285 -20.81 -9.31 12.81
CA GLY A 285 -20.74 -10.42 11.86
C GLY A 285 -20.01 -10.18 10.56
N ILE A 286 -19.69 -8.93 10.20
CA ILE A 286 -18.96 -8.74 8.95
C ILE A 286 -17.55 -9.30 9.05
N LEU A 287 -16.90 -9.06 10.19
CA LEU A 287 -15.55 -9.54 10.48
C LEU A 287 -15.35 -9.38 11.99
N TYR A 288 -15.11 -10.49 12.69
CA TYR A 288 -15.02 -10.48 14.14
C TYR A 288 -13.68 -11.03 14.60
N VAL A 289 -12.94 -10.25 15.38
CA VAL A 289 -11.69 -10.69 16.00
C VAL A 289 -11.93 -10.68 17.51
N PRO A 290 -12.36 -11.78 18.11
CA PRO A 290 -12.65 -11.75 19.55
C PRO A 290 -11.40 -11.60 20.41
N ALA A 291 -11.61 -11.19 21.64
CA ALA A 291 -10.52 -11.09 22.58
C ALA A 291 -10.02 -12.46 22.98
N GLY A 292 -8.75 -12.52 23.39
CA GLY A 292 -8.20 -13.71 24.01
C GLY A 292 -7.62 -14.73 23.06
N LEU A 293 -7.35 -14.34 21.81
CA LEU A 293 -6.81 -15.31 20.86
C LEU A 293 -5.35 -15.58 21.18
N ASP A 294 -4.96 -16.85 21.05
CA ASP A 294 -3.59 -17.28 21.23
C ASP A 294 -2.87 -17.30 19.89
N ASP A 295 -1.58 -16.93 19.90
CA ASP A 295 -0.71 -17.05 18.73
C ASP A 295 -1.31 -16.36 17.50
N SER A 296 -1.83 -15.14 17.71
CA SER A 296 -2.55 -14.44 16.66
C SER A 296 -2.14 -12.98 16.59
N GLY A 297 -2.42 -12.37 15.45
CA GLY A 297 -2.37 -10.91 15.34
C GLY A 297 -1.31 -10.37 14.43
N GLU A 298 -0.46 -11.20 13.83
CA GLU A 298 0.60 -10.66 12.97
C GLU A 298 0.07 -10.36 11.57
N ILE A 299 -0.05 -9.07 11.24
CA ILE A 299 -0.25 -8.58 9.88
C ILE A 299 -1.35 -9.35 9.15
N LEU A 300 -2.57 -9.30 9.71
CA LEU A 300 -3.72 -9.82 8.98
C LEU A 300 -4.05 -8.83 7.90
N SER A 301 -3.99 -9.26 6.64
CA SER A 301 -3.90 -8.33 5.51
C SER A 301 -5.07 -8.50 4.56
N PHE A 302 -5.61 -7.38 4.10
CA PHE A 302 -6.79 -7.37 3.24
C PHE A 302 -6.52 -6.43 2.09
N TYR A 303 -6.53 -6.96 0.88
CA TYR A 303 -6.29 -6.17 -0.33
C TYR A 303 -7.56 -6.15 -1.16
N HIS A 304 -8.07 -4.93 -1.43
CA HIS A 304 -9.24 -4.72 -2.28
C HIS A 304 -10.42 -5.58 -1.84
N CYS A 305 -10.67 -5.59 -0.54
CA CYS A 305 -11.82 -6.28 0.04
C CYS A 305 -12.95 -5.30 0.30
N GLN A 306 -14.17 -5.81 0.33
CA GLN A 306 -15.36 -4.96 0.47
C GLN A 306 -16.20 -5.51 1.60
N PHE A 307 -16.40 -4.67 2.62
CA PHE A 307 -17.10 -5.02 3.86
C PHE A 307 -18.33 -4.13 3.92
N PHE A 308 -19.53 -4.70 3.78
CA PHE A 308 -20.61 -3.80 3.41
C PHE A 308 -21.99 -4.33 3.74
N ASP A 309 -22.96 -3.40 3.76
CA ASP A 309 -24.39 -3.72 3.76
C ASP A 309 -24.70 -4.73 4.85
N GLY A 310 -24.20 -4.44 6.06
CA GLY A 310 -24.34 -5.36 7.16
C GLY A 310 -25.75 -5.45 7.71
N ALA A 311 -26.56 -4.42 7.48
CA ALA A 311 -27.95 -4.41 7.98
C ALA A 311 -27.97 -4.72 9.46
N GLY A 312 -27.03 -4.11 10.17
CA GLY A 312 -26.90 -4.30 11.60
C GLY A 312 -25.64 -5.03 12.01
N SER A 313 -24.96 -5.70 11.08
CA SER A 313 -23.68 -6.33 11.36
C SER A 313 -22.53 -5.39 11.03
N ASN A 314 -21.41 -5.59 11.71
CA ASN A 314 -20.30 -4.64 11.69
C ASN A 314 -18.99 -5.41 11.77
N ILE A 315 -17.88 -4.65 11.75
CA ILE A 315 -16.56 -5.20 12.05
C ILE A 315 -16.25 -4.91 13.50
N ARG A 316 -15.72 -5.88 14.24
CA ARG A 316 -15.25 -5.57 15.59
C ARG A 316 -13.92 -6.25 15.83
N LEU A 317 -12.90 -5.44 16.18
CA LEU A 317 -11.60 -5.92 16.59
C LEU A 317 -11.52 -5.79 18.10
N SER A 318 -11.47 -6.94 18.80
CA SER A 318 -11.43 -6.97 20.28
C SER A 318 -10.19 -7.60 20.86
N CYS A 319 -9.35 -8.22 20.04
CA CYS A 319 -8.15 -8.88 20.51
C CYS A 319 -7.04 -7.87 20.71
N SER A 320 -6.32 -8.02 21.81
CA SER A 320 -5.16 -7.19 22.08
C SER A 320 -3.99 -7.63 21.21
N SER A 321 -3.05 -6.70 21.03
CA SER A 321 -1.79 -7.00 20.31
C SER A 321 -2.08 -7.60 18.95
N TYR A 322 -2.85 -6.87 18.16
CA TYR A 322 -3.40 -7.39 16.91
C TYR A 322 -3.20 -6.34 15.85
N THR A 323 -2.62 -6.70 14.71
CA THR A 323 -2.20 -5.72 13.70
C THR A 323 -2.85 -6.09 12.37
N MET A 324 -3.66 -5.18 11.83
CA MET A 324 -4.42 -5.43 10.61
C MET A 324 -4.07 -4.35 9.59
N VAL A 325 -4.02 -4.75 8.32
CA VAL A 325 -3.71 -3.85 7.23
C VAL A 325 -4.77 -4.01 6.16
N PHE A 326 -5.41 -2.91 5.79
CA PHE A 326 -6.45 -2.89 4.77
C PHE A 326 -6.00 -1.95 3.67
N ASN A 327 -5.83 -2.48 2.46
CA ASN A 327 -5.38 -1.72 1.30
C ASN A 327 -6.50 -1.71 0.28
N THR A 328 -6.88 -0.52 -0.16
CA THR A 328 -7.97 -0.29 -1.13
C THR A 328 -9.23 -1.08 -0.79
N CYS A 329 -9.55 -1.15 0.50
CA CYS A 329 -10.81 -1.75 0.93
C CYS A 329 -11.90 -0.68 1.04
N SER A 330 -13.14 -1.13 1.10
CA SER A 330 -14.24 -0.21 1.39
C SER A 330 -15.07 -0.76 2.52
N PHE A 331 -15.56 0.15 3.38
CA PHE A 331 -16.36 -0.13 4.56
C PHE A 331 -17.66 0.67 4.36
N LEU A 332 -18.74 -0.02 4.00
CA LEU A 332 -19.96 0.63 3.51
C LEU A 332 -21.14 0.22 4.37
N ASN A 333 -21.81 1.20 4.99
CA ASN A 333 -23.01 0.95 5.78
C ASN A 333 -22.75 -0.01 6.93
N ILE A 334 -21.55 0.12 7.52
CA ILE A 334 -21.13 -0.65 8.69
C ILE A 334 -20.26 0.25 9.54
N THR A 335 -20.08 -0.13 10.80
CA THR A 335 -19.11 0.51 11.69
C THR A 335 -17.92 -0.40 11.85
N PHE A 336 -16.73 0.19 11.96
CA PHE A 336 -15.51 -0.53 12.33
C PHE A 336 -15.25 -0.20 13.80
N PHE A 337 -15.54 -1.16 14.68
CA PHE A 337 -15.32 -1.03 16.11
C PHE A 337 -13.94 -1.55 16.49
N VAL A 338 -13.26 -0.84 17.39
CA VAL A 338 -12.02 -1.33 17.99
C VAL A 338 -12.15 -1.16 19.49
N ASP A 339 -12.21 -2.27 20.22
CA ASP A 339 -12.27 -2.17 21.68
C ASP A 339 -11.23 -3.06 22.37
N SER A 340 -10.18 -3.44 21.65
CA SER A 340 -9.08 -4.20 22.24
C SER A 340 -8.59 -3.55 23.53
N ALA A 341 -8.27 -4.39 24.53
CA ALA A 341 -7.73 -3.85 25.77
C ALA A 341 -6.44 -3.04 25.51
N SER A 342 -5.58 -3.51 24.60
CA SER A 342 -4.45 -2.67 24.24
C SER A 342 -3.79 -3.19 22.97
N SER A 343 -3.04 -2.28 22.32
CA SER A 343 -2.06 -2.61 21.29
C SER A 343 -2.69 -3.15 20.02
N ALA A 344 -3.89 -2.69 19.67
CA ALA A 344 -4.38 -2.89 18.31
C ALA A 344 -3.73 -1.84 17.42
N THR A 345 -3.32 -2.25 16.20
CA THR A 345 -2.86 -1.29 15.20
C THR A 345 -3.58 -1.62 13.90
N VAL A 346 -4.46 -0.72 13.45
CA VAL A 346 -5.17 -0.90 12.19
C VAL A 346 -4.69 0.15 11.21
N THR A 347 -4.27 -0.27 10.01
CA THR A 347 -3.81 0.68 9.00
C THR A 347 -4.68 0.53 7.77
N CYS A 348 -5.36 1.60 7.38
CA CYS A 348 -6.20 1.61 6.19
C CYS A 348 -5.54 2.53 5.16
N ASN A 349 -5.02 1.94 4.09
CA ASN A 349 -4.34 2.68 3.05
C ASN A 349 -5.22 2.71 1.81
N GLY A 350 -5.61 3.89 1.37
CA GLY A 350 -6.38 3.98 0.13
C GLY A 350 -7.75 3.33 0.24
N CYS A 351 -8.38 3.42 1.40
CA CYS A 351 -9.72 2.85 1.64
C CYS A 351 -10.80 3.94 1.55
N ASN A 352 -12.06 3.48 1.45
CA ASN A 352 -13.22 4.36 1.51
C ASN A 352 -14.11 3.94 2.69
N PHE A 353 -14.66 4.94 3.38
CA PHE A 353 -15.67 4.77 4.42
C PHE A 353 -16.87 5.58 3.98
N ALA A 354 -18.04 4.95 3.85
CA ALA A 354 -19.19 5.68 3.32
C ALA A 354 -20.49 5.01 3.72
N ASN A 355 -21.58 5.72 3.40
CA ASN A 355 -22.94 5.33 3.81
C ASN A 355 -23.91 5.29 2.62
N PRO A 356 -23.55 4.60 1.53
CA PRO A 356 -24.35 4.70 0.30
C PRO A 356 -25.76 4.15 0.48
N GLY A 357 -26.74 5.03 0.28
CA GLY A 357 -28.13 4.63 0.37
C GLY A 357 -28.66 4.42 1.77
N SER A 358 -27.91 4.80 2.79
CA SER A 358 -28.31 4.57 4.17
C SER A 358 -28.69 5.86 4.87
N ALA A 359 -29.77 5.82 5.66
CA ALA A 359 -30.15 6.92 6.52
C ALA A 359 -29.56 6.81 7.92
N SER A 360 -28.80 5.75 8.20
CA SER A 360 -28.30 5.49 9.53
C SER A 360 -27.26 6.52 9.98
N THR A 361 -27.32 6.89 11.25
CA THR A 361 -26.31 7.76 11.83
C THR A 361 -25.16 6.98 12.47
N ARG A 362 -25.02 5.68 12.14
CA ARG A 362 -23.96 4.86 12.71
C ARG A 362 -22.60 5.49 12.48
N ARG A 363 -21.69 5.26 13.43
CA ARG A 363 -20.33 5.71 13.22
C ARG A 363 -19.64 4.90 12.12
N TYR A 364 -18.60 5.50 11.55
CA TYR A 364 -17.74 4.74 10.63
C TYR A 364 -16.61 4.01 11.38
N VAL A 365 -15.95 4.68 12.31
CA VAL A 365 -14.85 4.11 13.08
C VAL A 365 -15.09 4.48 14.53
N ASP A 366 -15.10 3.48 15.40
CA ASP A 366 -15.40 3.71 16.82
C ASP A 366 -14.33 2.97 17.61
N ILE A 367 -13.24 3.67 17.95
CA ILE A 367 -12.20 3.13 18.81
C ILE A 367 -12.63 3.47 20.23
N SER A 368 -13.23 2.51 20.93
CA SER A 368 -14.10 2.80 22.06
C SER A 368 -13.55 2.41 23.42
N ALA A 369 -12.46 1.66 23.48
CA ALA A 369 -11.97 1.19 24.79
C ALA A 369 -10.48 0.90 24.68
N GLY A 370 -9.88 0.55 25.83
CA GLY A 370 -8.49 0.15 25.84
C GLY A 370 -7.53 1.32 25.81
N HIS A 371 -6.25 0.99 25.65
CA HIS A 371 -5.20 1.99 25.53
C HIS A 371 -4.19 1.53 24.47
N THR A 372 -3.44 2.48 23.93
CA THR A 372 -2.37 2.15 23.00
C THR A 372 -2.92 1.46 21.76
N ASN A 373 -4.15 1.82 21.39
CA ASN A 373 -4.75 1.37 20.13
C ASN A 373 -4.57 2.47 19.11
N VAL A 374 -4.17 2.08 17.89
CA VAL A 374 -3.82 3.02 16.82
C VAL A 374 -4.63 2.68 15.58
N PHE A 375 -5.22 3.69 14.97
CA PHE A 375 -6.00 3.50 13.74
C PHE A 375 -5.52 4.55 12.74
N ASN A 376 -5.01 4.10 11.59
CA ASN A 376 -4.48 4.96 10.55
C ASN A 376 -5.42 4.99 9.35
N ILE A 377 -5.74 6.19 8.88
CA ILE A 377 -6.45 6.38 7.61
C ILE A 377 -5.52 7.18 6.71
N ILE A 378 -4.95 6.52 5.69
CA ILE A 378 -3.91 7.09 4.84
C ILE A 378 -4.46 7.10 3.42
N GLY A 379 -4.67 8.30 2.87
CA GLY A 379 -5.26 8.37 1.54
C GLY A 379 -6.70 7.84 1.50
N GLY A 380 -7.15 7.54 0.27
CA GLY A 380 -8.53 7.08 0.17
C GLY A 380 -9.52 8.22 0.39
N SER A 381 -10.66 7.89 0.98
CA SER A 381 -11.75 8.86 1.04
C SER A 381 -12.68 8.54 2.21
N ILE A 382 -13.37 9.58 2.65
CA ILE A 382 -14.45 9.44 3.61
C ILE A 382 -15.64 10.19 3.03
N VAL A 383 -16.75 9.48 2.80
CA VAL A 383 -17.90 10.04 2.11
C VAL A 383 -19.10 9.99 3.03
N THR A 384 -19.81 11.11 3.16
CA THR A 384 -20.92 11.24 4.10
C THR A 384 -22.14 11.79 3.38
N ASN A 385 -22.84 10.91 2.67
CA ASN A 385 -24.07 11.31 2.00
C ASN A 385 -25.10 11.78 3.01
N SER A 386 -26.02 12.65 2.54
CA SER A 386 -26.96 13.29 3.46
C SER A 386 -27.87 12.26 4.12
N ASN A 387 -28.27 12.56 5.35
CA ASN A 387 -29.24 11.77 6.08
C ASN A 387 -30.07 12.77 6.88
N PRO A 388 -31.06 12.35 7.68
CA PRO A 388 -31.91 13.33 8.37
C PRO A 388 -31.18 14.20 9.39
N GLY A 389 -29.92 13.89 9.72
CA GLY A 389 -29.16 14.71 10.64
C GLY A 389 -28.11 13.84 11.31
N GLN A 390 -26.84 14.17 11.09
CA GLN A 390 -25.78 13.30 11.62
C GLN A 390 -25.49 13.77 13.04
N THR A 391 -26.14 13.13 14.00
CA THR A 391 -26.21 13.62 15.38
C THR A 391 -25.12 13.07 16.29
N GLN A 392 -24.18 12.29 15.76
CA GLN A 392 -23.01 11.87 16.52
C GLN A 392 -21.81 11.88 15.59
N ALA A 393 -20.63 11.87 16.18
CA ALA A 393 -19.40 11.88 15.41
C ALA A 393 -19.25 10.58 14.64
N LEU A 394 -18.85 10.67 13.38
CA LEU A 394 -18.64 9.46 12.59
C LEU A 394 -17.31 8.79 12.89
N LEU A 395 -16.35 9.51 13.45
CA LEU A 395 -15.11 8.92 13.92
C LEU A 395 -15.01 9.21 15.41
N TYR A 396 -14.61 8.20 16.17
CA TYR A 396 -14.53 8.34 17.63
C TYR A 396 -13.25 7.67 18.08
N VAL A 397 -12.46 8.35 18.92
CA VAL A 397 -11.25 7.75 19.43
C VAL A 397 -11.19 8.02 20.93
N SER A 398 -11.23 6.95 21.72
CA SER A 398 -11.34 7.06 23.16
C SER A 398 -9.99 7.35 23.81
N THR A 399 -10.05 7.66 25.11
CA THR A 399 -8.87 8.07 25.87
C THR A 399 -7.76 7.04 25.72
N ASP A 400 -6.54 7.57 25.58
CA ASP A 400 -5.29 6.83 25.49
C ASP A 400 -5.09 6.15 24.15
N ASN A 401 -5.98 6.37 23.20
CA ASN A 401 -5.85 5.81 21.85
C ASN A 401 -5.58 6.93 20.85
N LEU A 402 -5.28 6.52 19.61
CA LEU A 402 -4.75 7.45 18.61
C LEU A 402 -5.38 7.16 17.26
N LEU A 403 -5.93 8.21 16.62
CA LEU A 403 -6.48 8.14 15.27
C LEU A 403 -5.67 9.08 14.38
N ASN A 404 -4.98 8.53 13.37
CA ASN A 404 -4.10 9.29 12.50
C ASN A 404 -4.71 9.43 11.13
N LEU A 405 -4.80 10.67 10.64
CA LEU A 405 -5.27 10.96 9.29
C LEU A 405 -4.13 11.46 8.43
N VAL A 406 -3.93 10.85 7.26
CA VAL A 406 -2.82 11.23 6.38
C VAL A 406 -3.36 11.33 4.96
N GLY A 407 -3.20 12.52 4.35
CA GLY A 407 -3.43 12.61 2.91
C GLY A 407 -4.86 12.31 2.47
N VAL A 408 -5.82 12.67 3.30
CA VAL A 408 -7.23 12.39 3.05
C VAL A 408 -8.01 13.70 3.22
N THR A 409 -9.14 13.82 2.51
CA THR A 409 -9.98 14.99 2.62
C THR A 409 -11.08 14.74 3.64
N ALA A 410 -11.16 15.62 4.64
CA ALA A 410 -12.23 15.52 5.62
C ALA A 410 -13.52 16.02 4.97
N PRO A 411 -14.60 15.25 5.01
CA PRO A 411 -15.83 15.67 4.32
C PRO A 411 -16.63 16.68 5.15
N TYR A 412 -17.56 17.34 4.47
CA TYR A 412 -18.50 18.17 5.20
C TYR A 412 -19.86 18.08 4.53
N GLY A 413 -20.90 18.09 5.35
CA GLY A 413 -22.27 18.09 4.85
C GLY A 413 -23.15 18.99 5.71
N GLY A 414 -24.14 19.61 5.07
CA GLY A 414 -25.04 20.50 5.78
C GLY A 414 -25.90 19.79 6.80
N HIS A 415 -26.01 18.46 6.70
CA HIS A 415 -26.76 17.69 7.67
C HIS A 415 -25.96 17.37 8.92
N TYR A 416 -24.71 17.82 9.02
CA TYR A 416 -23.90 17.51 10.19
C TYR A 416 -24.47 18.17 11.44
N GLN A 417 -24.69 17.37 12.49
CA GLN A 417 -25.24 17.85 13.75
C GLN A 417 -24.53 17.19 14.93
N GLN A 418 -23.20 17.03 14.83
CA GLN A 418 -22.42 16.31 15.83
C GLN A 418 -22.50 16.96 17.21
N GLU A 419 -22.84 18.25 17.28
CA GLU A 419 -22.95 18.92 18.57
C GLU A 419 -23.99 18.23 19.46
N GLN A 420 -24.97 17.53 18.87
CA GLN A 420 -25.96 16.84 19.70
C GLN A 420 -25.28 15.83 20.61
N GLU A 421 -24.23 15.18 20.11
CA GLU A 421 -23.42 14.31 20.98
C GLU A 421 -22.37 15.12 21.75
N LEU A 422 -21.62 15.96 21.05
CA LEU A 422 -20.36 16.46 21.63
C LEU A 422 -20.56 17.68 22.48
N GLY A 423 -21.65 18.41 22.25
CA GLY A 423 -21.83 19.75 22.78
C GLY A 423 -21.38 20.83 21.82
N TYR A 424 -20.61 20.48 20.80
CA TYR A 424 -20.02 21.45 19.88
C TYR A 424 -19.80 20.79 18.54
N HIS A 425 -19.53 21.60 17.54
CA HIS A 425 -19.59 21.16 16.14
C HIS A 425 -18.20 20.73 15.67
N ALA A 426 -17.92 19.43 15.72
CA ALA A 426 -16.63 18.92 15.27
C ALA A 426 -16.84 17.53 14.70
N PHE A 427 -15.86 17.06 13.92
CA PHE A 427 -16.04 15.84 13.15
C PHE A 427 -15.75 14.58 13.95
N ILE A 428 -14.86 14.64 14.93
CA ILE A 428 -14.37 13.47 15.62
C ILE A 428 -14.68 13.62 17.10
N GLY A 429 -15.15 12.54 17.73
CA GLY A 429 -15.43 12.54 19.16
C GLY A 429 -14.37 11.77 19.93
N GLY A 430 -14.45 11.88 21.25
CA GLY A 430 -13.66 11.05 22.14
C GLY A 430 -12.46 11.78 22.71
N ALA A 431 -11.97 11.27 23.84
CA ALA A 431 -10.89 11.90 24.58
C ALA A 431 -9.52 11.39 24.18
N GLY A 432 -9.42 10.61 23.10
CA GLY A 432 -8.12 10.20 22.59
C GLY A 432 -7.42 11.33 21.86
N THR A 433 -6.43 10.95 21.04
CA THR A 433 -5.60 11.90 20.29
C THR A 433 -5.81 11.70 18.80
N VAL A 434 -5.86 12.81 18.06
CA VAL A 434 -5.89 12.79 16.59
C VAL A 434 -4.62 13.46 16.07
N THR A 435 -4.06 12.92 14.99
CA THR A 435 -3.03 13.67 14.26
C THR A 435 -3.45 13.80 12.80
N THR A 436 -2.86 14.81 12.15
CA THR A 436 -3.09 15.06 10.73
C THR A 436 -1.76 15.25 10.01
N SER A 437 -1.72 14.81 8.75
CA SER A 437 -0.58 15.07 7.88
C SER A 437 -1.14 15.11 6.48
N GLY A 438 -1.00 16.24 5.80
CA GLY A 438 -1.51 16.32 4.45
C GLY A 438 -3.03 16.22 4.32
N VAL A 439 -3.76 16.60 5.36
CA VAL A 439 -5.22 16.54 5.33
C VAL A 439 -5.76 17.77 4.64
N MET A 440 -6.77 17.57 3.78
CA MET A 440 -7.46 18.65 3.08
C MET A 440 -8.80 18.89 3.77
N LEU A 441 -9.12 20.15 4.00
CA LEU A 441 -10.46 20.52 4.45
C LEU A 441 -11.24 20.99 3.24
N GLN A 442 -12.58 20.89 3.31
CA GLN A 442 -13.43 21.33 2.20
C GLN A 442 -13.76 22.82 2.37
N LEU A 443 -12.75 23.63 2.10
CA LEU A 443 -12.81 25.06 2.35
C LEU A 443 -13.78 25.79 1.43
N ARG A 444 -14.16 25.18 0.31
CA ARG A 444 -15.06 25.80 -0.66
C ARG A 444 -16.42 25.12 -0.71
N ASN A 445 -16.69 24.23 0.23
CA ASN A 445 -18.00 23.60 0.37
C ASN A 445 -19.00 24.67 0.84
N GLY A 446 -20.05 24.91 0.06
CA GLY A 446 -20.99 25.98 0.40
C GLY A 446 -21.70 25.77 1.73
N ALA A 447 -21.85 24.50 2.15
CA ALA A 447 -22.51 24.21 3.41
C ALA A 447 -21.61 24.50 4.61
N GLY A 448 -20.30 24.43 4.42
CA GLY A 448 -19.40 24.77 5.49
C GLY A 448 -18.21 23.82 5.58
N THR A 449 -17.56 23.89 6.74
CA THR A 449 -16.39 23.11 7.13
C THR A 449 -16.44 23.10 8.66
N CYS A 450 -15.88 22.07 9.27
CA CYS A 450 -15.80 22.08 10.73
C CYS A 450 -14.42 21.64 11.19
N PRO A 451 -14.02 22.02 12.40
CA PRO A 451 -12.79 21.46 12.97
C PRO A 451 -12.93 19.96 13.15
N LEU A 452 -11.78 19.28 13.23
CA LEU A 452 -11.78 17.83 13.34
C LEU A 452 -11.87 17.33 14.77
N HIS A 453 -11.08 17.90 15.69
CA HIS A 453 -11.02 17.28 17.01
C HIS A 453 -10.51 18.25 18.08
N SER A 454 -10.96 18.03 19.30
CA SER A 454 -10.47 18.78 20.45
C SER A 454 -8.94 18.73 20.59
N SER A 455 -8.31 17.59 20.31
CA SER A 455 -6.87 17.45 20.53
C SER A 455 -6.03 18.28 19.57
N LEU A 456 -6.66 18.84 18.53
CA LEU A 456 -6.00 19.71 17.58
C LEU A 456 -6.28 21.18 17.90
N SER A 457 -6.83 21.47 19.08
CA SER A 457 -7.21 22.85 19.39
C SER A 457 -6.05 23.83 19.21
N THR A 458 -6.31 24.89 18.44
CA THR A 458 -5.32 25.95 18.26
C THR A 458 -5.11 26.72 19.55
N PHE A 459 -6.19 26.98 20.27
CA PHE A 459 -6.17 27.90 21.40
C PHE A 459 -6.26 27.14 22.71
N SER A 460 -5.59 27.69 23.72
CA SER A 460 -5.60 27.14 25.07
C SER A 460 -6.88 27.53 25.78
N ASN A 461 -7.34 26.68 26.70
CA ASN A 461 -8.57 26.95 27.45
C ASN A 461 -9.74 27.16 26.49
N TRP A 462 -9.72 26.41 25.38
CA TRP A 462 -10.70 26.58 24.30
C TRP A 462 -12.12 26.25 24.76
N ASN A 463 -12.26 25.33 25.71
CA ASN A 463 -13.54 24.89 26.24
C ASN A 463 -13.80 25.43 27.64
N PHE A 464 -12.98 26.38 28.08
CA PHE A 464 -13.05 26.94 29.43
C PHE A 464 -12.88 25.86 30.49
N GLY A 465 -12.18 24.79 30.12
CA GLY A 465 -11.85 23.71 31.04
C GLY A 465 -10.86 24.10 32.12
N TYR A 466 -10.19 25.25 31.98
CA TYR A 466 -9.36 25.74 33.09
C TYR A 466 -10.20 26.03 34.32
N GLY A 467 -11.50 26.28 34.16
CA GLY A 467 -12.32 26.77 35.27
C GLY A 467 -12.20 28.26 35.51
N ASN A 468 -11.69 29.00 34.54
CA ASN A 468 -11.48 30.43 34.61
C ASN A 468 -11.25 30.89 33.17
N LEU A 469 -10.95 32.18 33.02
CA LEU A 469 -10.74 32.75 31.70
C LEU A 469 -9.25 32.96 31.39
N ASN A 470 -8.37 32.27 32.11
CA ASN A 470 -6.95 32.39 31.81
C ASN A 470 -6.69 31.90 30.37
N ALA A 471 -5.59 32.40 29.80
CA ALA A 471 -5.12 32.25 28.42
C ALA A 471 -5.87 33.19 27.49
N TRP A 472 -6.97 33.79 27.92
CA TRP A 472 -7.76 34.71 27.11
C TRP A 472 -7.47 36.14 27.55
N THR A 473 -7.32 37.02 26.58
CA THR A 473 -7.15 38.44 26.85
C THR A 473 -8.52 39.09 26.82
N VAL A 474 -8.94 39.66 27.95
CA VAL A 474 -10.25 40.28 28.06
C VAL A 474 -10.04 41.78 28.04
N ASP A 475 -10.71 42.45 27.11
CA ASP A 475 -10.56 43.89 26.97
C ASP A 475 -11.96 44.46 26.94
N LYS A 476 -12.40 44.95 28.12
CA LYS A 476 -13.68 45.64 28.23
C LYS A 476 -13.58 47.09 27.80
N GLY A 477 -12.40 47.53 27.39
CA GLY A 477 -12.21 48.90 27.02
C GLY A 477 -12.51 49.82 28.18
N THR A 478 -13.26 50.89 27.88
CA THR A 478 -13.69 51.83 28.90
C THR A 478 -15.02 51.44 29.53
N GLY A 479 -15.44 50.18 29.41
CA GLY A 479 -16.74 49.81 29.93
C GLY A 479 -16.63 49.34 31.36
N THR A 480 -16.90 50.24 32.31
CA THR A 480 -16.69 49.93 33.72
C THR A 480 -17.82 49.06 34.26
N SER A 481 -19.01 49.19 33.69
CA SER A 481 -20.13 48.36 34.06
C SER A 481 -20.19 47.09 33.22
N SER A 482 -19.29 46.91 32.27
CA SER A 482 -19.28 45.68 31.49
C SER A 482 -18.91 44.49 32.36
N VAL A 483 -19.51 43.34 32.09
CA VAL A 483 -19.22 42.14 32.85
C VAL A 483 -18.72 41.05 31.90
N VAL A 484 -17.61 40.42 32.27
CA VAL A 484 -17.09 39.24 31.58
C VAL A 484 -16.78 38.21 32.65
N GLU A 485 -17.41 37.04 32.57
CA GLU A 485 -17.28 36.09 33.66
C GLU A 485 -17.28 34.64 33.16
N TYR A 486 -16.42 33.84 33.79
CA TYR A 486 -16.51 32.40 33.69
C TYR A 486 -17.71 31.90 34.47
N LEU A 487 -18.50 31.03 33.86
CA LEU A 487 -19.62 30.37 34.52
C LEU A 487 -19.51 28.87 34.36
N ALA A 488 -19.58 28.16 35.47
CA ALA A 488 -19.59 26.71 35.43
C ALA A 488 -21.00 26.25 35.07
N ASN A 489 -21.08 25.06 34.50
CA ASN A 489 -22.36 24.43 34.13
C ASN A 489 -23.23 25.36 33.29
N ALA A 490 -22.60 26.12 32.40
CA ALA A 490 -23.32 27.15 31.69
C ALA A 490 -23.25 27.03 30.18
N GLY A 491 -22.57 26.00 29.67
CA GLY A 491 -22.46 25.80 28.25
C GLY A 491 -23.64 25.04 27.69
N PRO A 492 -23.50 24.56 26.46
CA PRO A 492 -24.65 23.92 25.78
C PRO A 492 -25.25 22.75 26.51
N LYS A 493 -24.44 21.94 27.20
CA LYS A 493 -24.89 20.78 27.94
C LYS A 493 -25.34 21.11 29.35
N GLY A 494 -25.01 22.30 29.84
CA GLY A 494 -25.26 22.63 31.23
C GLY A 494 -24.31 21.98 32.19
N THR A 495 -23.23 21.38 31.69
CA THR A 495 -22.25 20.70 32.51
C THR A 495 -20.84 21.23 32.31
N GLU A 496 -20.64 22.18 31.41
CA GLU A 496 -19.31 22.66 31.06
C GLU A 496 -19.22 24.15 31.29
N GLY A 497 -17.98 24.65 31.25
CA GLY A 497 -17.77 26.06 31.43
C GLY A 497 -18.20 26.87 30.22
N ALA A 498 -18.51 28.14 30.48
CA ALA A 498 -18.78 29.08 29.40
C ALA A 498 -18.27 30.44 29.82
N MET A 499 -18.15 31.33 28.84
CA MET A 499 -17.74 32.71 29.11
C MET A 499 -18.92 33.60 28.77
N ARG A 500 -19.42 34.34 29.75
CA ARG A 500 -20.50 35.28 29.53
C ARG A 500 -19.92 36.68 29.38
N VAL A 501 -20.35 37.38 28.33
CA VAL A 501 -19.91 38.73 28.01
C VAL A 501 -21.14 39.61 27.90
N ALA A 502 -21.18 40.65 28.73
CA ALA A 502 -22.31 41.58 28.78
C ALA A 502 -21.75 42.99 28.86
N PRO A 503 -21.40 43.58 27.71
CA PRO A 503 -20.77 44.90 27.71
C PRO A 503 -21.78 46.02 27.88
N VAL A 504 -21.32 47.11 28.46
CA VAL A 504 -22.12 48.30 28.67
C VAL A 504 -21.35 49.49 28.10
N SER A 505 -22.05 50.31 27.30
CA SER A 505 -21.52 51.54 26.70
C SER A 505 -20.61 51.28 25.51
N VAL A 506 -19.53 50.52 25.72
CA VAL A 506 -18.61 50.17 24.65
C VAL A 506 -18.51 48.65 24.55
N GLY A 507 -18.13 48.17 23.37
CA GLY A 507 -18.01 46.74 23.16
C GLY A 507 -16.85 46.13 23.93
N THR A 508 -16.90 44.81 24.09
CA THR A 508 -15.83 44.05 24.72
C THR A 508 -15.22 43.13 23.67
N ASN A 509 -13.90 42.98 23.71
CA ASN A 509 -13.15 42.10 22.83
C ASN A 509 -12.44 41.08 23.71
N VAL A 510 -12.62 39.80 23.41
CA VAL A 510 -11.86 38.72 24.05
C VAL A 510 -11.03 38.04 22.97
N SER A 511 -9.73 37.90 23.20
CA SER A 511 -8.86 37.49 22.10
C SER A 511 -7.79 36.54 22.60
N GLN A 512 -7.19 35.83 21.65
CA GLN A 512 -6.04 34.99 21.95
C GLN A 512 -5.17 34.86 20.72
N VAL A 513 -3.84 34.84 20.92
CA VAL A 513 -2.89 34.74 19.83
C VAL A 513 -2.02 33.52 20.04
N GLN A 514 -1.74 32.79 18.96
CA GLN A 514 -0.84 31.64 18.99
C GLN A 514 0.09 31.68 17.78
N ALA A 515 1.23 31.02 17.92
CA ALA A 515 2.13 30.88 16.80
C ALA A 515 1.50 30.00 15.72
N VAL A 516 1.74 30.33 14.46
CA VAL A 516 1.27 29.52 13.34
C VAL A 516 2.24 29.75 12.20
N THR A 517 2.26 28.82 11.24
CA THR A 517 3.12 28.97 10.09
C THR A 517 2.43 28.35 8.87
N ASN A 518 2.77 28.85 7.70
CA ASN A 518 2.38 28.18 6.47
C ASN A 518 3.29 26.96 6.26
N PRO A 519 2.79 25.92 5.58
CA PRO A 519 1.45 25.76 5.02
C PRO A 519 0.44 25.33 6.07
N GLY A 520 -0.83 25.63 5.83
CA GLY A 520 -1.88 25.17 6.72
C GLY A 520 -3.23 25.53 6.16
N MET A 521 -4.25 24.83 6.68
CA MET A 521 -5.65 25.18 6.43
C MET A 521 -6.35 25.16 7.77
N PHE A 522 -7.44 25.88 7.91
CA PHE A 522 -8.06 25.94 9.22
C PHE A 522 -9.57 26.01 9.10
N SER A 523 -10.21 25.56 10.18
CA SER A 523 -11.64 25.70 10.38
C SER A 523 -11.90 25.88 11.87
N MET A 524 -12.81 26.79 12.20
CA MET A 524 -13.21 26.99 13.58
C MET A 524 -14.72 26.92 13.71
N SER A 525 -15.17 26.32 14.78
CA SER A 525 -16.56 26.41 15.19
C SER A 525 -16.60 26.93 16.62
N CYS A 526 -17.69 27.64 16.94
CA CYS A 526 -17.95 28.11 18.30
C CYS A 526 -19.39 27.80 18.66
N MET A 527 -19.64 27.60 19.95
CA MET A 527 -20.99 27.52 20.44
C MET A 527 -21.33 28.85 21.07
N VAL A 528 -22.44 29.47 20.63
CA VAL A 528 -22.80 30.83 21.02
C VAL A 528 -24.27 30.84 21.45
N ASN A 529 -24.55 31.52 22.56
CA ASN A 529 -25.94 31.68 23.01
C ASN A 529 -26.17 33.15 23.31
N ILE A 530 -26.82 33.85 22.38
CA ILE A 530 -27.21 35.23 22.58
C ILE A 530 -28.41 35.23 23.51
N ALA A 531 -28.27 35.88 24.66
CA ALA A 531 -29.42 36.07 25.55
C ALA A 531 -30.24 37.27 25.10
N THR A 532 -29.57 38.41 24.89
CA THR A 532 -30.26 39.61 24.42
C THR A 532 -29.29 40.43 23.60
N THR A 533 -29.82 41.23 22.65
CA THR A 533 -28.90 42.08 21.88
C THR A 533 -29.72 43.15 21.19
N PRO A 534 -29.19 44.37 21.04
CA PRO A 534 -29.95 45.45 20.38
C PRO A 534 -29.85 45.45 18.86
N GLY A 535 -29.20 44.45 18.30
CA GLY A 535 -28.88 44.38 16.89
C GLY A 535 -27.89 43.24 16.72
N ASN A 536 -27.13 43.26 15.63
CA ASN A 536 -26.09 42.24 15.48
C ASN A 536 -25.24 42.18 16.74
N ALA A 537 -25.14 40.99 17.34
CA ALA A 537 -24.58 40.91 18.69
C ALA A 537 -23.06 41.00 18.72
N GLY A 538 -22.41 40.88 17.57
CA GLY A 538 -20.96 40.96 17.52
C GLY A 538 -20.42 40.12 16.38
N GLN A 539 -19.15 39.77 16.51
CA GLN A 539 -18.45 39.00 15.49
C GLN A 539 -17.34 38.17 16.10
N VAL A 540 -17.12 36.99 15.52
CA VAL A 540 -15.91 36.22 15.78
C VAL A 540 -15.02 36.38 14.56
N SER A 541 -13.74 36.67 14.78
CA SER A 541 -12.86 36.87 13.64
C SER A 541 -11.55 36.14 13.89
N ILE A 542 -10.93 35.72 12.79
CA ILE A 542 -9.60 35.11 12.79
C ILE A 542 -8.73 35.92 11.85
N GLY A 543 -7.55 36.33 12.34
CA GLY A 543 -6.61 37.07 11.52
C GLY A 543 -5.21 36.54 11.67
N PHE A 544 -4.36 36.90 10.72
CA PHE A 544 -2.98 36.43 10.69
C PHE A 544 -2.02 37.60 10.70
N LEU A 545 -0.89 37.41 11.39
CA LEU A 545 0.18 38.39 11.44
C LEU A 545 1.49 37.73 11.07
N ASP A 546 2.42 38.52 10.52
CA ASP A 546 3.78 38.00 10.37
C ASP A 546 4.55 38.27 11.67
N ALA A 547 5.82 37.87 11.70
CA ALA A 547 6.62 38.02 12.92
C ALA A 547 6.80 39.48 13.29
N ALA A 548 6.80 40.36 12.29
CA ALA A 548 6.96 41.78 12.54
C ALA A 548 5.66 42.43 12.98
N GLY A 549 4.56 41.69 13.04
CA GLY A 549 3.30 42.22 13.49
C GLY A 549 2.42 42.76 12.39
N ASN A 550 2.87 42.70 11.15
CA ASN A 550 2.07 43.18 10.03
C ASN A 550 0.87 42.28 9.82
N SER A 551 -0.29 42.91 9.62
CA SER A 551 -1.49 42.14 9.34
C SER A 551 -1.38 41.55 7.93
N LEU A 552 -1.90 40.34 7.76
CA LEU A 552 -1.77 39.68 6.47
C LEU A 552 -3.13 39.46 5.84
N PRO A 553 -3.19 39.12 4.56
CA PRO A 553 -4.48 38.74 3.96
C PRO A 553 -4.92 37.39 4.51
N GLY A 554 -6.18 37.07 4.26
CA GLY A 554 -6.72 35.81 4.71
C GLY A 554 -7.53 35.88 5.99
N GLY A 555 -7.77 37.08 6.52
CA GLY A 555 -8.63 37.19 7.69
C GLY A 555 -10.08 36.87 7.36
N VAL A 556 -10.79 36.28 8.33
CA VAL A 556 -12.18 35.89 8.13
C VAL A 556 -12.98 36.25 9.38
N SER A 557 -14.29 36.39 9.21
CA SER A 557 -15.14 36.73 10.34
C SER A 557 -16.53 36.16 10.14
N ALA A 558 -17.27 36.06 11.25
CA ALA A 558 -18.62 35.53 11.31
C ALA A 558 -19.44 36.47 12.17
N ASN A 559 -20.58 36.94 11.64
CA ASN A 559 -21.50 37.72 12.45
C ASN A 559 -22.28 36.81 13.39
N LEU A 560 -22.59 37.32 14.57
CA LEU A 560 -23.36 36.53 15.52
C LEU A 560 -24.85 36.61 15.28
N GLY A 561 -25.32 37.69 14.66
CA GLY A 561 -26.74 37.91 14.39
C GLY A 561 -27.54 38.25 15.64
N THR A 562 -28.81 37.82 15.64
CA THR A 562 -29.76 38.20 16.68
C THR A 562 -30.58 37.04 17.23
N THR A 563 -30.41 35.84 16.68
CA THR A 563 -31.19 34.68 17.13
C THR A 563 -30.71 34.20 18.49
N THR A 564 -31.65 34.01 19.42
CA THR A 564 -31.31 33.53 20.76
C THR A 564 -31.17 32.01 20.78
N GLY A 565 -30.51 31.51 21.81
CA GLY A 565 -30.36 30.08 22.03
C GLY A 565 -29.04 29.55 21.48
N TRP A 566 -28.65 28.37 21.97
CA TRP A 566 -27.38 27.79 21.54
C TRP A 566 -27.38 27.52 20.05
N GLN A 567 -26.33 27.98 19.38
CA GLN A 567 -26.17 27.79 17.95
C GLN A 567 -24.68 27.68 17.61
N VAL A 568 -24.43 27.03 16.47
CA VAL A 568 -23.08 26.88 15.94
C VAL A 568 -22.75 28.12 15.11
N ILE A 569 -21.61 28.74 15.39
CA ILE A 569 -21.11 29.87 14.61
C ILE A 569 -19.80 29.44 13.97
N GLY A 570 -19.64 29.72 12.66
CA GLY A 570 -18.37 29.53 11.97
C GLY A 570 -18.41 28.61 10.76
N LYS A 571 -19.52 27.93 10.47
CA LYS A 571 -19.51 26.82 9.50
C LYS A 571 -18.92 27.22 8.16
N ASN A 572 -19.50 28.24 7.51
CA ASN A 572 -18.99 28.61 6.19
C ASN A 572 -18.33 29.98 6.22
N THR A 573 -17.84 30.39 7.39
CA THR A 573 -17.20 31.68 7.61
C THR A 573 -15.80 31.57 8.18
N LEU A 574 -15.62 30.80 9.25
CA LEU A 574 -14.34 30.79 9.96
C LEU A 574 -13.48 29.65 9.45
N ARG A 575 -12.94 29.84 8.25
CA ARG A 575 -12.19 28.79 7.59
C ARG A 575 -11.33 29.43 6.52
N GLY A 576 -10.28 28.73 6.13
CA GLY A 576 -9.47 29.20 5.03
C GLY A 576 -8.08 28.59 5.02
N LYS A 577 -7.24 29.18 4.18
CA LYS A 577 -5.84 28.79 4.07
C LYS A 577 -4.98 29.73 4.90
N VAL A 578 -3.92 29.18 5.50
CA VAL A 578 -2.97 30.05 6.21
C VAL A 578 -2.15 30.82 5.19
N PRO A 579 -2.09 32.15 5.27
CA PRO A 579 -1.35 32.90 4.24
C PRO A 579 0.15 32.66 4.35
N ILE A 580 0.83 32.71 3.20
CA ILE A 580 2.27 32.56 3.17
C ILE A 580 2.91 33.72 3.94
N GLY A 581 3.83 33.39 4.84
CA GLY A 581 4.46 34.38 5.69
C GLY A 581 3.82 34.56 7.04
N ALA A 582 2.69 33.91 7.32
CA ALA A 582 2.03 34.05 8.61
C ALA A 582 2.92 33.47 9.70
N LYS A 583 3.02 34.20 10.82
CA LYS A 583 3.72 33.69 11.99
C LYS A 583 2.85 33.66 13.24
N GLN A 584 1.68 34.30 13.21
CA GLN A 584 0.76 34.29 14.33
C GLN A 584 -0.66 34.20 13.81
N VAL A 585 -1.54 33.54 14.58
CA VAL A 585 -2.98 33.55 14.34
C VAL A 585 -3.65 34.12 15.58
N ARG A 586 -4.62 35.01 15.36
CA ARG A 586 -5.30 35.70 16.43
C ARG A 586 -6.80 35.48 16.25
N VAL A 587 -7.46 35.01 17.30
CA VAL A 587 -8.92 34.97 17.34
C VAL A 587 -9.42 36.14 18.18
N ASN A 588 -10.50 36.77 17.72
CA ASN A 588 -11.10 37.87 18.46
C ASN A 588 -12.60 37.66 18.51
N ILE A 589 -13.17 37.76 19.69
CA ILE A 589 -14.60 37.67 19.89
C ILE A 589 -15.03 39.06 20.31
N GLN A 590 -15.85 39.70 19.50
CA GLN A 590 -16.31 41.05 19.77
C GLN A 590 -17.78 40.97 20.10
N THR A 591 -18.16 41.53 21.25
CA THR A 591 -19.55 41.58 21.70
C THR A 591 -19.93 43.05 21.82
N VAL A 592 -21.07 43.43 21.23
CA VAL A 592 -21.42 44.86 21.18
C VAL A 592 -21.96 45.31 22.52
N ALA A 593 -21.94 46.63 22.70
CA ALA A 593 -22.53 47.23 23.89
C ALA A 593 -24.01 46.90 23.94
N GLY A 594 -24.49 46.53 25.12
CA GLY A 594 -25.88 46.22 25.30
C GLY A 594 -26.26 44.79 25.01
N ALA A 595 -25.33 43.99 24.49
CA ALA A 595 -25.58 42.59 24.23
C ALA A 595 -25.22 41.75 25.45
N ASP A 596 -25.80 40.56 25.50
CA ASP A 596 -25.55 39.60 26.57
C ASP A 596 -25.43 38.23 25.92
N VAL A 597 -24.21 37.69 25.86
CA VAL A 597 -23.89 36.50 25.06
C VAL A 597 -23.02 35.54 25.86
N LYS A 598 -23.31 34.23 25.76
CA LYS A 598 -22.43 33.19 26.29
C LYS A 598 -21.69 32.49 25.14
N TYR A 599 -20.42 32.15 25.39
CA TYR A 599 -19.55 31.50 24.43
C TYR A 599 -19.02 30.23 25.06
N ALA A 600 -18.91 29.18 24.25
CA ALA A 600 -18.40 27.90 24.72
C ALA A 600 -17.70 27.22 23.56
N TYR A 601 -16.79 26.31 23.88
CA TYR A 601 -16.20 25.41 22.90
C TYR A 601 -15.67 26.17 21.68
N LEU A 602 -14.71 27.06 21.93
CA LEU A 602 -14.13 27.89 20.87
C LEU A 602 -13.02 27.06 20.22
N LEU A 603 -13.43 26.22 19.26
CA LEU A 603 -12.54 25.18 18.72
C LEU A 603 -12.09 25.51 17.31
N CYS A 604 -10.86 25.98 17.20
CA CYS A 604 -10.18 26.15 15.91
C CYS A 604 -9.19 25.01 15.74
N ASN A 605 -9.11 24.47 14.52
CA ASN A 605 -8.07 23.53 14.14
C ASN A 605 -7.31 24.12 12.95
N VAL A 606 -6.00 24.24 13.09
CA VAL A 606 -5.12 24.49 11.96
C VAL A 606 -4.49 23.16 11.61
N VAL A 607 -4.87 22.60 10.46
CA VAL A 607 -4.39 21.30 10.06
C VAL A 607 -3.17 21.50 9.19
N LYS A 608 -2.15 20.73 9.54
CA LYS A 608 -0.79 20.69 9.03
C LYS A 608 -0.22 19.35 9.51
N LYS A 609 1.10 19.17 9.41
CA LYS A 609 1.68 17.96 9.96
C LYS A 609 1.77 18.13 11.46
N LEU A 610 0.98 17.34 12.19
CA LEU A 610 0.90 17.46 13.65
C LEU A 610 1.22 16.12 14.33
N GLU B 46 -18.69 -48.03 -25.29
CA GLU B 46 -18.03 -47.04 -26.13
C GLU B 46 -18.99 -45.94 -26.60
N TYR B 47 -18.55 -44.67 -26.47
CA TYR B 47 -19.35 -43.56 -27.00
C TYR B 47 -19.06 -43.45 -28.51
N PRO B 48 -20.09 -43.38 -29.35
CA PRO B 48 -19.87 -43.10 -30.78
C PRO B 48 -19.08 -41.81 -30.94
N GLN B 49 -18.25 -41.74 -31.97
CA GLN B 49 -17.36 -40.59 -32.16
C GLN B 49 -17.62 -39.92 -33.49
N PHE B 50 -17.43 -38.59 -33.53
CA PHE B 50 -17.64 -37.78 -34.73
C PHE B 50 -16.43 -36.86 -34.93
N SER B 51 -15.93 -36.82 -36.16
CA SER B 51 -14.64 -36.17 -36.37
C SER B 51 -14.74 -34.65 -36.53
N SER B 52 -15.93 -34.09 -36.66
CA SER B 52 -16.08 -32.64 -36.83
C SER B 52 -17.48 -32.24 -36.37
N MET B 53 -17.62 -30.94 -36.08
CA MET B 53 -18.93 -30.39 -35.72
C MET B 53 -19.92 -30.59 -36.86
N ALA B 54 -19.45 -30.43 -38.10
CA ALA B 54 -20.31 -30.66 -39.25
C ALA B 54 -20.83 -32.09 -39.25
N LYS B 55 -19.96 -33.06 -38.99
CA LYS B 55 -20.45 -34.44 -38.99
C LYS B 55 -21.38 -34.72 -37.82
N LEU B 56 -21.10 -34.12 -36.67
CA LEU B 56 -22.00 -34.28 -35.51
C LEU B 56 -23.39 -33.77 -35.84
N LYS B 57 -23.49 -32.63 -36.53
CA LYS B 57 -24.80 -32.06 -36.85
C LYS B 57 -25.50 -32.85 -37.94
N ALA B 58 -24.75 -33.42 -38.88
CA ALA B 58 -25.39 -34.12 -39.99
C ALA B 58 -25.96 -35.48 -39.60
N PHE B 59 -25.47 -36.08 -38.53
CA PHE B 59 -25.86 -37.45 -38.19
C PHE B 59 -27.29 -37.48 -37.66
N PRO B 60 -28.09 -38.50 -38.04
CA PRO B 60 -29.50 -38.56 -37.58
C PRO B 60 -29.60 -39.12 -36.16
N HIS B 61 -29.16 -38.33 -35.19
CA HIS B 61 -29.24 -38.75 -33.79
C HIS B 61 -30.70 -39.05 -33.44
N SER B 62 -30.91 -40.11 -32.65
CA SER B 62 -32.26 -40.51 -32.28
C SER B 62 -32.33 -41.10 -30.87
N GLU B 63 -31.19 -41.45 -30.27
CA GLU B 63 -31.21 -42.13 -28.97
C GLU B 63 -31.15 -41.09 -27.85
N ASP B 64 -32.31 -40.78 -27.29
CA ASP B 64 -32.41 -39.81 -26.21
C ASP B 64 -31.50 -40.20 -25.04
N GLY B 65 -30.68 -39.25 -24.59
CA GLY B 65 -29.79 -39.47 -23.45
C GLY B 65 -28.41 -40.00 -23.78
N GLN B 66 -28.16 -40.39 -25.01
CA GLN B 66 -26.88 -41.00 -25.37
C GLN B 66 -25.73 -40.02 -25.27
N LEU B 67 -24.60 -40.47 -24.74
CA LEU B 67 -23.36 -39.70 -24.79
C LEU B 67 -22.61 -40.03 -26.08
N VAL B 68 -22.11 -39.00 -26.75
CA VAL B 68 -21.30 -39.14 -27.96
C VAL B 68 -20.08 -38.24 -27.79
N ARG B 69 -19.04 -38.54 -28.57
CA ARG B 69 -17.78 -37.81 -28.48
C ARG B 69 -17.53 -37.04 -29.77
N LEU B 70 -17.33 -35.73 -29.65
CA LEU B 70 -16.84 -34.89 -30.74
C LEU B 70 -15.33 -34.86 -30.66
N LEU B 71 -14.66 -35.31 -31.72
CA LEU B 71 -13.20 -35.36 -31.65
C LEU B 71 -12.58 -33.98 -31.84
N SER B 72 -13.23 -33.13 -32.65
CA SER B 72 -12.69 -31.82 -33.01
C SER B 72 -13.85 -30.99 -33.54
N TRP B 73 -13.81 -29.67 -33.31
CA TRP B 73 -14.80 -28.79 -33.93
C TRP B 73 -14.56 -28.72 -35.44
N HIS B 74 -13.37 -28.30 -35.85
CA HIS B 74 -12.96 -28.32 -37.24
C HIS B 74 -12.31 -29.66 -37.58
N GLU B 75 -12.69 -30.21 -38.73
CA GLU B 75 -12.11 -31.47 -39.17
C GLU B 75 -10.59 -31.42 -39.20
N GLY B 76 -9.96 -32.39 -38.56
CA GLY B 76 -8.53 -32.55 -38.64
C GLY B 76 -7.72 -31.66 -37.73
N VAL B 77 -8.34 -30.78 -36.95
CA VAL B 77 -7.58 -29.82 -36.13
C VAL B 77 -7.23 -30.42 -34.78
N GLY B 78 -8.21 -31.05 -34.12
CA GLY B 78 -7.97 -31.62 -32.80
C GLY B 78 -8.25 -30.69 -31.65
N LEU B 79 -8.96 -29.60 -31.88
CA LEU B 79 -9.34 -28.64 -30.85
C LEU B 79 -10.86 -28.55 -30.77
N GLY B 80 -11.37 -28.27 -29.56
CA GLY B 80 -12.78 -27.99 -29.38
C GLY B 80 -13.70 -29.19 -29.25
N GLY B 81 -13.17 -30.41 -29.24
CA GLY B 81 -14.01 -31.57 -29.02
C GLY B 81 -14.43 -31.69 -27.56
N GLY B 82 -15.13 -32.79 -27.29
CA GLY B 82 -15.65 -33.06 -25.96
C GLY B 82 -16.83 -34.01 -26.05
N LEU B 83 -17.39 -34.31 -24.89
CA LEU B 83 -18.55 -35.18 -24.83
C LEU B 83 -19.82 -34.34 -24.98
N PHE B 84 -20.81 -34.92 -25.67
CA PHE B 84 -22.13 -34.32 -25.82
C PHE B 84 -23.20 -35.33 -25.43
N LYS B 85 -24.25 -34.86 -24.78
CA LYS B 85 -25.40 -35.69 -24.46
C LYS B 85 -26.55 -35.38 -25.40
N VAL B 86 -27.07 -36.41 -26.06
CA VAL B 86 -28.20 -36.27 -26.96
C VAL B 86 -29.46 -35.99 -26.17
N SER B 87 -30.24 -35.01 -26.60
CA SER B 87 -31.58 -34.78 -26.06
C SER B 87 -32.50 -34.66 -27.27
N THR B 88 -33.38 -35.64 -27.47
CA THR B 88 -34.30 -35.49 -28.58
C THR B 88 -35.41 -34.49 -28.27
N SER B 89 -35.67 -34.23 -26.98
CA SER B 89 -36.77 -33.38 -26.53
C SER B 89 -36.37 -31.94 -26.23
N SER B 90 -35.08 -31.63 -26.02
CA SER B 90 -34.68 -30.27 -25.68
C SER B 90 -35.09 -29.29 -26.76
N THR B 91 -35.52 -28.10 -26.34
CA THR B 91 -35.79 -27.00 -27.27
C THR B 91 -34.81 -25.85 -27.09
N ALA B 92 -33.65 -26.12 -26.49
CA ALA B 92 -32.63 -25.10 -26.27
C ALA B 92 -32.17 -24.52 -27.61
N THR B 93 -31.81 -23.24 -27.59
CA THR B 93 -31.37 -22.56 -28.81
C THR B 93 -29.97 -23.02 -29.21
N GLY B 94 -29.79 -23.37 -30.49
CA GLY B 94 -28.49 -23.80 -30.95
C GLY B 94 -27.48 -22.66 -30.97
N ASN B 95 -26.23 -22.97 -30.61
CA ASN B 95 -25.17 -21.98 -30.74
C ASN B 95 -23.91 -22.55 -31.38
N ASP B 96 -23.96 -23.78 -31.89
CA ASP B 96 -22.85 -24.44 -32.59
C ASP B 96 -21.62 -24.56 -31.71
N GLY B 97 -21.83 -24.57 -30.40
CA GLY B 97 -20.71 -24.66 -29.48
C GLY B 97 -21.00 -25.58 -28.33
N THR B 98 -21.91 -25.16 -27.46
CA THR B 98 -22.35 -25.99 -26.33
C THR B 98 -23.75 -26.54 -26.50
N VAL B 99 -24.59 -25.92 -27.33
CA VAL B 99 -25.90 -26.47 -27.66
C VAL B 99 -25.90 -26.60 -29.17
N VAL B 100 -25.95 -27.83 -29.66
CA VAL B 100 -25.83 -28.09 -31.10
C VAL B 100 -27.16 -28.65 -31.57
N VAL B 101 -27.73 -28.05 -32.61
CA VAL B 101 -28.97 -28.58 -33.17
C VAL B 101 -28.62 -29.36 -34.42
N ALA B 102 -28.87 -30.67 -34.38
CA ALA B 102 -28.60 -31.50 -35.54
C ALA B 102 -29.63 -31.21 -36.64
N SER B 103 -29.32 -31.72 -37.84
CA SER B 103 -30.18 -31.39 -38.98
C SER B 103 -31.59 -31.94 -38.81
N ASN B 104 -31.79 -32.95 -37.96
CA ASN B 104 -33.12 -33.46 -37.69
C ASN B 104 -33.78 -32.80 -36.47
N GLY B 105 -33.16 -31.74 -35.91
CA GLY B 105 -33.75 -31.01 -34.80
C GLY B 105 -33.36 -31.51 -33.43
N VAL B 106 -32.72 -32.67 -33.34
CA VAL B 106 -32.29 -33.21 -32.06
C VAL B 106 -31.15 -32.36 -31.50
N ARG B 107 -31.16 -32.13 -30.19
CA ARG B 107 -30.10 -31.33 -29.56
C ARG B 107 -28.96 -32.22 -29.11
N LEU B 108 -27.75 -31.68 -29.16
CA LEU B 108 -26.58 -32.27 -28.53
C LEU B 108 -26.06 -31.24 -27.54
N LEU B 109 -25.98 -31.62 -26.27
CA LEU B 109 -25.66 -30.70 -25.18
C LEU B 109 -24.26 -31.02 -24.67
N ARG B 110 -23.32 -30.08 -24.85
CA ARG B 110 -21.94 -30.35 -24.47
C ARG B 110 -21.82 -30.54 -22.97
N VAL B 111 -21.03 -31.54 -22.57
CA VAL B 111 -20.65 -31.72 -21.18
C VAL B 111 -19.39 -30.90 -20.94
N VAL B 112 -19.48 -29.89 -20.07
CA VAL B 112 -18.32 -29.05 -19.79
C VAL B 112 -18.03 -29.14 -18.29
N ASN B 113 -16.74 -29.18 -17.98
CA ASN B 113 -16.26 -29.12 -16.60
C ASN B 113 -15.25 -27.99 -16.55
N GLY B 114 -15.53 -26.93 -15.78
CA GLY B 114 -14.64 -25.80 -15.76
C GLY B 114 -15.04 -24.76 -16.79
N PRO B 115 -14.11 -23.90 -17.16
CA PRO B 115 -14.41 -22.81 -18.10
C PRO B 115 -14.82 -23.29 -19.48
N ILE B 116 -15.55 -22.41 -20.16
CA ILE B 116 -15.82 -22.55 -21.59
C ILE B 116 -14.54 -22.14 -22.30
N TRP B 117 -14.23 -22.79 -23.42
CA TRP B 117 -13.09 -22.40 -24.25
C TRP B 117 -13.57 -21.95 -25.62
N ALA B 118 -12.90 -20.93 -26.17
CA ALA B 118 -13.35 -20.37 -27.44
C ALA B 118 -13.33 -21.39 -28.57
N ASP B 119 -12.39 -22.32 -28.52
CA ASP B 119 -12.33 -23.33 -29.59
C ASP B 119 -13.56 -24.22 -29.60
N MET B 120 -14.31 -24.29 -28.49
CA MET B 120 -15.56 -25.04 -28.47
C MET B 120 -16.60 -24.46 -29.42
N PHE B 121 -16.41 -23.20 -29.83
CA PHE B 121 -17.28 -22.50 -30.76
C PHE B 121 -16.62 -22.32 -32.11
N GLY B 122 -15.53 -23.04 -32.37
CA GLY B 122 -14.90 -22.98 -33.67
C GLY B 122 -13.80 -21.96 -33.80
N ALA B 123 -13.43 -21.26 -32.72
CA ALA B 123 -12.27 -20.39 -32.80
C ALA B 123 -11.02 -21.22 -33.07
N LEU B 124 -10.10 -20.65 -33.84
CA LEU B 124 -8.85 -21.31 -34.17
C LEU B 124 -7.67 -20.43 -33.81
N PRO B 125 -6.57 -21.03 -33.36
CA PRO B 125 -5.37 -20.27 -33.03
C PRO B 125 -4.56 -19.94 -34.27
N ASN B 126 -3.91 -18.78 -34.22
CA ASN B 126 -2.96 -18.37 -35.26
C ASN B 126 -3.59 -18.41 -36.64
N SER B 127 -4.82 -17.91 -36.72
CA SER B 127 -5.58 -17.90 -37.96
C SER B 127 -5.68 -16.46 -38.49
N ASP B 128 -5.71 -16.33 -39.82
CA ASP B 128 -5.95 -15.01 -40.39
C ASP B 128 -7.41 -14.62 -40.43
N ILE B 129 -8.30 -15.56 -40.12
CA ILE B 129 -9.73 -15.30 -40.07
C ILE B 129 -10.05 -14.48 -38.84
N ASP B 130 -11.01 -13.56 -38.98
CA ASP B 130 -11.52 -12.82 -37.81
C ASP B 130 -12.02 -13.80 -36.75
N SER B 131 -11.39 -13.75 -35.56
CA SER B 131 -11.82 -14.57 -34.42
C SER B 131 -12.84 -13.88 -33.54
N MET B 132 -13.10 -12.58 -33.74
CA MET B 132 -13.98 -11.90 -32.80
C MET B 132 -15.40 -12.49 -32.80
N PRO B 133 -16.00 -12.88 -33.93
CA PRO B 133 -17.34 -13.50 -33.83
C PRO B 133 -17.39 -14.77 -32.99
N ALA B 134 -16.40 -15.65 -33.16
CA ALA B 134 -16.41 -16.88 -32.37
C ALA B 134 -16.16 -16.61 -30.90
N VAL B 135 -15.23 -15.71 -30.59
CA VAL B 135 -15.02 -15.37 -29.19
C VAL B 135 -16.27 -14.73 -28.61
N ALA B 136 -16.91 -13.85 -29.36
CA ALA B 136 -18.11 -13.18 -28.87
C ALA B 136 -19.25 -14.17 -28.62
N ALA B 137 -19.41 -15.16 -29.52
CA ALA B 137 -20.44 -16.17 -29.32
C ALA B 137 -20.13 -17.06 -28.12
N ALA B 138 -18.88 -17.49 -28.01
CA ALA B 138 -18.48 -18.28 -26.86
C ALA B 138 -18.68 -17.50 -25.57
N TYR B 139 -18.34 -16.20 -25.59
CA TYR B 139 -18.52 -15.39 -24.40
C TYR B 139 -19.99 -15.22 -24.07
N ALA B 140 -20.85 -14.97 -25.06
CA ALA B 140 -22.28 -14.86 -24.76
C ALA B 140 -22.78 -16.11 -24.03
N TYR B 141 -22.37 -17.29 -24.49
CA TYR B 141 -22.80 -18.51 -23.81
C TYR B 141 -22.20 -18.59 -22.40
N ALA B 142 -20.88 -18.41 -22.31
CA ALA B 142 -20.20 -18.51 -21.01
C ALA B 142 -20.85 -17.59 -19.99
N ALA B 143 -21.10 -16.35 -20.39
CA ALA B 143 -21.77 -15.40 -19.49
C ALA B 143 -23.16 -15.91 -19.09
N SER B 144 -23.89 -16.53 -20.02
CA SER B 144 -25.23 -16.99 -19.69
C SER B 144 -25.24 -18.10 -18.65
N VAL B 145 -24.11 -18.80 -18.46
CA VAL B 145 -24.03 -19.81 -17.41
C VAL B 145 -23.00 -19.46 -16.34
N ASN B 146 -22.67 -18.17 -16.18
CA ASN B 146 -21.85 -17.66 -15.08
C ASN B 146 -20.50 -18.36 -15.01
N THR B 147 -19.93 -18.64 -16.18
CA THR B 147 -18.69 -19.41 -16.32
C THR B 147 -17.67 -18.61 -17.09
N ASP B 148 -16.40 -18.56 -16.65
CA ASP B 148 -15.44 -17.76 -17.41
C ASP B 148 -15.16 -18.39 -18.77
N LEU B 149 -14.70 -17.56 -19.70
CA LEU B 149 -14.28 -17.99 -21.03
C LEU B 149 -12.77 -18.00 -21.14
N TYR B 150 -12.20 -19.13 -21.56
CA TYR B 150 -10.78 -19.23 -21.87
C TYR B 150 -10.55 -19.06 -23.36
N ILE B 151 -9.48 -18.34 -23.72
CA ILE B 151 -8.98 -18.28 -25.08
C ILE B 151 -7.61 -18.91 -25.06
N GLY B 152 -7.42 -20.03 -25.77
CA GLY B 152 -6.13 -20.70 -25.75
C GLY B 152 -5.02 -19.80 -26.28
N VAL B 153 -3.86 -19.84 -25.61
CA VAL B 153 -2.78 -18.95 -25.96
C VAL B 153 -2.37 -19.16 -27.42
N ALA B 154 -2.30 -18.04 -28.14
CA ALA B 154 -2.00 -17.98 -29.56
C ALA B 154 -2.17 -16.54 -29.99
N THR B 155 -2.07 -16.26 -31.28
CA THR B 155 -2.41 -14.95 -31.81
C THR B 155 -3.79 -15.01 -32.44
N TYR B 156 -4.57 -13.94 -32.23
CA TYR B 156 -5.91 -13.81 -32.77
C TYR B 156 -6.04 -12.45 -33.43
N LYS B 157 -6.86 -12.39 -34.47
CA LYS B 157 -7.21 -11.13 -35.11
C LYS B 157 -8.66 -10.81 -34.80
N PHE B 158 -8.89 -9.60 -34.31
CA PHE B 158 -10.23 -9.07 -34.08
C PHE B 158 -10.48 -8.03 -35.16
N LYS B 159 -11.45 -8.28 -36.02
CA LYS B 159 -11.78 -7.36 -37.10
C LYS B 159 -13.23 -6.89 -36.89
N GLY B 160 -13.79 -6.24 -37.90
CA GLY B 160 -15.13 -5.74 -37.72
C GLY B 160 -15.18 -4.51 -36.83
N SER B 161 -16.38 -4.27 -36.29
CA SER B 161 -16.61 -3.05 -35.52
C SER B 161 -17.56 -3.28 -34.34
N THR B 162 -17.71 -4.53 -33.91
CA THR B 162 -18.65 -4.88 -32.85
C THR B 162 -17.88 -5.13 -31.56
N PRO B 163 -18.06 -4.31 -30.52
CA PRO B 163 -17.34 -4.55 -29.27
C PRO B 163 -17.84 -5.79 -28.55
N ILE B 164 -16.97 -6.36 -27.71
CA ILE B 164 -17.38 -7.37 -26.75
C ILE B 164 -17.64 -6.68 -25.41
N ASN B 165 -18.84 -6.87 -24.89
CA ASN B 165 -19.26 -6.26 -23.63
C ASN B 165 -19.15 -7.33 -22.55
N VAL B 166 -18.05 -7.30 -21.79
CA VAL B 166 -17.85 -8.23 -20.68
C VAL B 166 -18.74 -7.82 -19.51
N ASP B 167 -19.48 -8.78 -18.97
CA ASP B 167 -20.30 -8.57 -17.79
C ASP B 167 -19.57 -9.22 -16.62
N PRO B 168 -18.92 -8.44 -15.75
CA PRO B 168 -18.08 -9.03 -14.69
C PRO B 168 -18.88 -9.75 -13.63
N SER B 169 -20.20 -9.58 -13.62
CA SER B 169 -21.07 -10.32 -12.71
C SER B 169 -21.41 -11.70 -13.23
N ARG B 170 -20.95 -12.03 -14.44
CA ARG B 170 -21.25 -13.29 -15.09
C ARG B 170 -20.01 -14.06 -15.53
N ALA B 171 -19.06 -13.40 -16.17
CA ALA B 171 -17.98 -14.16 -16.78
C ALA B 171 -16.87 -13.23 -17.22
N GLY B 172 -15.63 -13.68 -17.03
CA GLY B 172 -14.48 -12.98 -17.58
C GLY B 172 -13.95 -13.67 -18.82
N ILE B 173 -12.98 -13.00 -19.46
CA ILE B 173 -12.26 -13.55 -20.60
C ILE B 173 -10.80 -13.67 -20.20
N ILE B 174 -10.26 -14.89 -20.31
CA ILE B 174 -8.96 -15.24 -19.77
C ILE B 174 -8.11 -15.80 -20.90
N GLY B 175 -7.00 -15.13 -21.19
CA GLY B 175 -6.03 -15.74 -22.11
C GLY B 175 -5.27 -16.83 -21.39
N TYR B 176 -5.29 -18.08 -21.89
CA TYR B 176 -4.87 -19.25 -21.12
C TYR B 176 -3.91 -20.11 -21.92
N GLN B 177 -2.62 -20.16 -21.55
CA GLN B 177 -1.99 -19.27 -20.60
C GLN B 177 -0.61 -18.97 -21.16
N GLY B 178 -0.25 -17.69 -21.21
CA GLY B 178 0.97 -17.28 -21.87
C GLY B 178 0.78 -15.90 -22.47
N LYS B 179 1.48 -15.63 -23.57
CA LYS B 179 1.46 -14.27 -24.13
C LYS B 179 0.40 -14.23 -25.23
N VAL B 180 -0.85 -14.12 -24.80
CA VAL B 180 -1.98 -14.18 -25.74
C VAL B 180 -2.09 -12.85 -26.46
N ARG B 181 -2.11 -12.89 -27.78
CA ARG B 181 -1.97 -11.70 -28.60
C ARG B 181 -3.29 -11.43 -29.34
N ILE B 182 -3.94 -10.31 -29.01
CA ILE B 182 -5.22 -9.92 -29.60
C ILE B 182 -4.95 -8.70 -30.49
N ASP B 183 -4.77 -8.97 -31.78
CA ASP B 183 -4.48 -7.96 -32.80
C ASP B 183 -5.78 -7.30 -33.23
N CYS B 184 -5.97 -6.05 -32.82
CA CYS B 184 -7.14 -5.26 -33.20
C CYS B 184 -6.79 -4.17 -34.20
N SER B 185 -5.69 -4.33 -34.93
CA SER B 185 -5.23 -3.28 -35.84
C SER B 185 -6.23 -3.02 -36.97
N GLU B 186 -7.07 -3.99 -37.31
CA GLU B 186 -8.09 -3.78 -38.33
C GLU B 186 -9.48 -3.54 -37.75
N PHE B 187 -9.62 -3.48 -36.43
CA PHE B 187 -10.92 -3.23 -35.80
C PHE B 187 -11.27 -1.76 -35.94
N THR B 188 -12.54 -1.47 -36.30
CA THR B 188 -12.95 -0.11 -36.57
C THR B 188 -14.12 0.35 -35.71
N GLY B 189 -14.48 -0.41 -34.67
CA GLY B 189 -15.50 0.02 -33.75
C GLY B 189 -14.97 1.05 -32.75
N SER B 190 -15.89 1.60 -31.95
CA SER B 190 -15.50 2.68 -31.05
C SER B 190 -14.71 2.19 -29.83
N ILE B 191 -14.95 0.96 -29.38
CA ILE B 191 -14.25 0.34 -28.27
C ILE B 191 -14.11 -1.13 -28.59
N VAL B 192 -12.99 -1.73 -28.17
CA VAL B 192 -12.85 -3.18 -28.34
C VAL B 192 -13.61 -3.94 -27.26
N PHE B 193 -13.30 -3.62 -26.00
CA PHE B 193 -13.94 -4.24 -24.85
C PHE B 193 -14.59 -3.17 -24.01
N SER B 194 -15.80 -3.46 -23.50
CA SER B 194 -16.30 -2.73 -22.34
C SER B 194 -16.48 -3.73 -21.20
N ILE B 195 -16.45 -3.25 -19.95
CA ILE B 195 -16.70 -4.09 -18.79
C ILE B 195 -17.77 -3.40 -17.95
N ASN B 196 -18.94 -4.01 -17.82
CA ASN B 196 -20.04 -3.36 -17.11
C ASN B 196 -21.08 -4.39 -16.74
N SER B 197 -21.50 -4.35 -15.48
CA SER B 197 -22.48 -5.28 -14.95
C SER B 197 -23.86 -5.00 -15.52
N SER B 198 -24.61 -6.08 -15.75
CA SER B 198 -26.01 -5.95 -16.12
C SER B 198 -26.93 -5.84 -14.90
N TYR B 199 -26.38 -5.85 -13.69
CA TYR B 199 -27.19 -5.86 -12.47
C TYR B 199 -27.05 -4.58 -11.70
N SER B 200 -28.13 -4.21 -11.00
CA SER B 200 -28.04 -3.07 -10.08
C SER B 200 -27.60 -3.48 -8.67
N TYR B 201 -27.78 -4.74 -8.27
CA TYR B 201 -27.27 -5.16 -6.96
C TYR B 201 -26.89 -6.64 -6.97
N THR B 202 -27.88 -7.53 -6.94
CA THR B 202 -27.56 -8.97 -6.93
C THR B 202 -27.78 -9.61 -8.29
N PRO B 203 -26.96 -10.59 -8.68
CA PRO B 203 -25.87 -11.17 -7.88
C PRO B 203 -24.51 -10.48 -8.00
N ALA B 204 -24.44 -9.27 -8.57
CA ALA B 204 -23.15 -8.60 -8.72
C ALA B 204 -22.41 -8.46 -7.40
N ALA B 205 -23.14 -8.13 -6.34
CA ALA B 205 -22.56 -7.98 -5.00
C ALA B 205 -21.93 -9.26 -4.48
N TYR B 206 -22.30 -10.41 -5.05
CA TYR B 206 -21.76 -11.70 -4.67
C TYR B 206 -20.73 -12.24 -5.65
N TYR B 207 -20.80 -11.82 -6.91
CA TYR B 207 -20.11 -12.49 -8.00
C TYR B 207 -18.96 -11.70 -8.62
N ASN B 208 -18.99 -10.36 -8.63
CA ASN B 208 -17.97 -9.65 -9.42
C ASN B 208 -16.56 -10.05 -9.01
N ASN B 209 -16.35 -10.28 -7.70
CA ASN B 209 -15.04 -10.53 -7.13
C ASN B 209 -14.56 -11.96 -7.34
N LEU B 210 -15.43 -12.87 -7.81
CA LEU B 210 -15.05 -14.29 -7.77
C LEU B 210 -14.09 -14.69 -8.87
N SER B 211 -14.02 -13.92 -9.95
CA SER B 211 -13.10 -14.17 -11.04
C SER B 211 -12.83 -12.87 -11.76
N PRO B 212 -11.69 -12.74 -12.45
CA PRO B 212 -11.40 -11.48 -13.14
C PRO B 212 -12.28 -11.32 -14.36
N ALA B 213 -12.41 -10.06 -14.79
CA ALA B 213 -13.15 -9.74 -16.01
C ALA B 213 -12.29 -9.92 -17.25
N LEU B 214 -10.99 -9.59 -17.15
CA LEU B 214 -10.04 -9.77 -18.25
C LEU B 214 -8.71 -10.18 -17.64
N GLN B 215 -8.04 -11.15 -18.27
CA GLN B 215 -6.76 -11.62 -17.75
C GLN B 215 -5.92 -12.15 -18.89
N GLY B 216 -4.65 -11.77 -18.94
CA GLY B 216 -3.69 -12.50 -19.75
C GLY B 216 -3.65 -12.13 -21.21
N LEU B 217 -4.03 -10.90 -21.56
CA LEU B 217 -4.19 -10.50 -22.96
C LEU B 217 -3.35 -9.29 -23.30
N TYR B 218 -2.61 -9.36 -24.42
CA TYR B 218 -2.02 -8.18 -25.05
C TYR B 218 -3.01 -7.74 -26.12
N VAL B 219 -3.61 -6.57 -25.94
CA VAL B 219 -4.66 -6.06 -26.82
C VAL B 219 -4.12 -4.79 -27.48
N PHE B 220 -4.02 -4.80 -28.82
CA PHE B 220 -3.39 -3.64 -29.45
C PHE B 220 -4.11 -3.21 -30.71
N GLY B 221 -3.97 -1.91 -31.01
CA GLY B 221 -4.52 -1.35 -32.23
C GLY B 221 -3.45 -0.83 -33.17
N ALA B 222 -3.82 0.15 -34.02
CA ALA B 222 -2.91 0.82 -34.93
C ALA B 222 -2.98 2.33 -34.78
N LYS B 223 -3.40 2.80 -33.60
CA LYS B 223 -3.51 4.23 -33.29
C LYS B 223 -4.46 4.94 -34.26
N THR B 224 -5.53 4.23 -34.65
CA THR B 224 -6.58 4.85 -35.45
C THR B 224 -7.44 5.77 -34.59
N SER B 225 -7.69 6.99 -35.09
CA SER B 225 -8.54 7.91 -34.35
C SER B 225 -9.95 7.33 -34.20
N GLY B 226 -10.49 7.40 -32.99
CA GLY B 226 -11.85 6.96 -32.72
C GLY B 226 -12.01 5.52 -32.28
N VAL B 227 -10.92 4.75 -32.15
CA VAL B 227 -10.96 3.35 -31.72
C VAL B 227 -10.27 3.28 -30.37
N ASP B 228 -11.05 3.09 -29.31
CA ASP B 228 -10.50 2.95 -27.96
C ASP B 228 -10.32 1.47 -27.62
N GLY B 229 -9.49 1.21 -26.61
CA GLY B 229 -9.21 -0.17 -26.22
C GLY B 229 -10.22 -0.73 -25.26
N LEU B 230 -10.20 -0.23 -24.04
CA LEU B 230 -11.02 -0.74 -22.94
C LEU B 230 -11.85 0.37 -22.32
N LEU B 231 -13.17 0.16 -22.26
CA LEU B 231 -14.09 1.03 -21.55
C LEU B 231 -14.43 0.40 -20.22
N VAL B 232 -14.13 1.12 -19.13
CA VAL B 232 -14.31 0.65 -17.76
C VAL B 232 -15.63 1.23 -17.30
N GLY B 233 -16.70 0.44 -17.36
CA GLY B 233 -18.02 0.95 -17.08
C GLY B 233 -18.86 1.15 -18.32
N ARG B 234 -19.73 2.16 -18.29
CA ARG B 234 -20.82 2.30 -19.26
C ARG B 234 -20.67 3.59 -20.07
N GLU B 235 -21.05 3.52 -21.35
CA GLU B 235 -20.95 4.70 -22.21
C GLU B 235 -21.98 5.76 -21.83
N THR B 236 -23.21 5.34 -21.54
CA THR B 236 -24.27 6.28 -21.23
C THR B 236 -24.87 5.87 -19.89
N VAL B 237 -25.62 6.81 -19.30
CA VAL B 237 -26.24 6.53 -18.01
C VAL B 237 -27.45 5.64 -18.20
N GLY B 238 -27.49 4.52 -17.48
CA GLY B 238 -28.62 3.62 -17.55
C GLY B 238 -29.79 4.07 -16.68
N SER B 239 -30.93 3.38 -16.84
CA SER B 239 -32.10 3.71 -16.05
C SER B 239 -31.85 3.42 -14.58
N ASP B 240 -31.04 2.40 -14.27
CA ASP B 240 -30.55 2.17 -12.92
C ASP B 240 -29.03 2.00 -13.00
N LYS B 241 -28.42 1.92 -11.83
CA LYS B 241 -26.97 1.81 -11.76
C LYS B 241 -26.49 0.41 -12.16
N SER B 242 -25.21 0.34 -12.52
CA SER B 242 -24.51 -0.91 -12.82
C SER B 242 -23.55 -1.20 -11.67
N TYR B 243 -23.72 -2.35 -11.03
CA TYR B 243 -22.96 -2.67 -9.81
C TYR B 243 -21.63 -3.29 -10.21
N ASN B 244 -20.59 -2.47 -10.31
CA ASN B 244 -19.31 -2.92 -10.85
C ASN B 244 -18.25 -3.16 -9.80
N GLY B 245 -18.52 -2.88 -8.52
CA GLY B 245 -17.47 -2.96 -7.52
C GLY B 245 -16.87 -4.36 -7.45
N GLN B 246 -15.53 -4.40 -7.31
CA GLN B 246 -14.67 -5.57 -7.10
C GLN B 246 -14.26 -6.25 -8.41
N THR B 247 -14.61 -5.65 -9.55
CA THR B 247 -14.24 -6.19 -10.84
C THR B 247 -12.75 -5.99 -11.09
N GLU B 248 -12.06 -7.03 -11.54
CA GLU B 248 -10.61 -6.98 -11.76
C GLU B 248 -10.24 -7.12 -13.23
N VAL B 249 -9.28 -6.30 -13.65
CA VAL B 249 -8.54 -6.48 -14.92
C VAL B 249 -7.11 -6.76 -14.51
N ARG B 250 -6.53 -7.87 -14.95
CA ARG B 250 -5.17 -8.18 -14.49
C ARG B 250 -4.34 -8.76 -15.64
N GLU B 251 -3.04 -8.50 -15.58
CA GLU B 251 -2.12 -9.16 -16.51
C GLU B 251 -2.54 -8.94 -17.95
N CYS B 252 -2.86 -7.68 -18.26
CA CYS B 252 -3.22 -7.28 -19.63
C CYS B 252 -2.41 -6.07 -20.03
N THR B 253 -2.18 -5.95 -21.33
CA THR B 253 -1.52 -4.79 -21.92
C THR B 253 -2.45 -4.16 -22.94
N PHE B 254 -2.64 -2.85 -22.87
CA PHE B 254 -3.41 -2.12 -23.86
C PHE B 254 -2.47 -1.14 -24.54
N ASP B 255 -2.45 -1.17 -25.86
CA ASP B 255 -1.38 -0.55 -26.63
C ASP B 255 -1.96 -0.02 -27.93
N LYS B 256 -1.52 1.18 -28.32
CA LYS B 256 -1.77 1.68 -29.68
C LYS B 256 -3.26 1.82 -29.99
N PHE B 257 -4.03 2.26 -29.01
CA PHE B 257 -5.41 2.71 -29.26
C PHE B 257 -5.47 4.23 -29.20
N ASP B 258 -6.67 4.77 -29.35
CA ASP B 258 -6.88 6.22 -29.23
C ASP B 258 -6.84 6.59 -27.75
N ARG B 259 -7.86 6.19 -26.98
CA ARG B 259 -7.69 6.02 -25.54
C ARG B 259 -7.52 4.53 -25.26
N ASN B 260 -6.40 4.15 -24.63
CA ASN B 260 -6.18 2.75 -24.28
C ASN B 260 -7.19 2.28 -23.26
N ILE B 261 -7.37 3.07 -22.20
CA ILE B 261 -8.27 2.75 -21.09
C ILE B 261 -9.03 4.02 -20.78
N ARG B 262 -10.35 3.95 -20.81
CA ARG B 262 -11.20 5.10 -20.52
C ARG B 262 -12.25 4.70 -19.51
N MET B 263 -12.44 5.52 -18.48
CA MET B 263 -13.51 5.25 -17.52
C MET B 263 -14.82 5.78 -18.05
N GLY B 264 -15.89 4.99 -17.88
CA GLY B 264 -17.23 5.45 -18.15
C GLY B 264 -18.04 5.58 -16.87
N HIS B 265 -19.36 5.65 -17.03
CA HIS B 265 -20.23 5.66 -15.87
C HIS B 265 -20.12 4.33 -15.14
N ASN B 266 -20.49 4.38 -13.85
CA ASN B 266 -20.44 3.21 -12.98
C ASN B 266 -19.02 2.69 -12.82
N SER B 267 -18.02 3.58 -12.93
CA SER B 267 -16.63 3.13 -12.75
C SER B 267 -16.29 3.27 -11.28
N TRP B 268 -16.51 2.19 -10.52
CA TRP B 268 -16.24 2.20 -9.10
C TRP B 268 -15.71 0.85 -8.64
N ARG B 269 -14.68 0.91 -7.79
CA ARG B 269 -14.03 -0.24 -7.16
C ARG B 269 -13.56 -1.29 -8.15
N PHE B 270 -13.23 -0.88 -9.38
CA PHE B 270 -12.39 -1.72 -10.22
C PHE B 270 -10.99 -1.81 -9.65
N VAL B 271 -10.35 -2.97 -9.80
CA VAL B 271 -8.94 -3.14 -9.44
C VAL B 271 -8.18 -3.65 -10.65
N PHE B 272 -6.96 -3.13 -10.83
CA PHE B 272 -6.08 -3.48 -11.92
C PHE B 272 -4.75 -3.96 -11.35
N TYR B 273 -4.29 -5.13 -11.79
CA TYR B 273 -3.01 -5.69 -11.33
C TYR B 273 -2.15 -6.01 -12.54
N LYS B 274 -0.90 -5.50 -12.55
CA LYS B 274 0.03 -5.79 -13.65
C LYS B 274 -0.58 -5.45 -15.00
N VAL B 275 -1.24 -4.29 -15.07
CA VAL B 275 -1.78 -3.79 -16.31
C VAL B 275 -0.78 -2.78 -16.88
N ASN B 276 -0.49 -2.91 -18.17
CA ASN B 276 0.38 -2.00 -18.93
C ASN B 276 -0.46 -1.17 -19.88
N SER B 277 -0.20 0.13 -19.95
CA SER B 277 -0.85 0.98 -20.96
C SER B 277 0.20 1.88 -21.57
N LEU B 278 0.33 1.83 -22.90
CA LEU B 278 1.40 2.57 -23.55
C LEU B 278 1.00 2.98 -24.96
N ASN B 279 1.68 4.02 -25.46
CA ASN B 279 1.69 4.39 -26.87
C ASN B 279 0.29 4.56 -27.44
N ALA B 280 -0.51 5.37 -26.77
CA ALA B 280 -1.84 5.74 -27.26
C ALA B 280 -1.78 7.01 -28.11
N LEU B 281 -2.85 7.23 -28.87
CA LEU B 281 -2.92 8.38 -29.76
C LEU B 281 -3.38 9.65 -29.06
N SER B 282 -4.42 9.54 -28.24
CA SER B 282 -5.03 10.71 -27.62
C SER B 282 -4.06 11.40 -26.66
N PRO B 283 -4.10 12.74 -26.56
CA PRO B 283 -3.34 13.42 -25.49
C PRO B 283 -3.68 12.86 -24.11
N ASN B 284 -4.87 12.27 -23.98
CA ASN B 284 -5.31 11.66 -22.72
C ASN B 284 -5.33 10.13 -22.78
N GLY B 285 -4.58 9.53 -23.69
CA GLY B 285 -4.87 8.16 -24.08
C GLY B 285 -4.32 7.05 -23.18
N ILE B 286 -3.40 7.33 -22.26
CA ILE B 286 -2.88 6.24 -21.42
C ILE B 286 -3.94 5.77 -20.45
N LEU B 287 -4.68 6.72 -19.88
CA LEU B 287 -5.77 6.44 -18.94
C LEU B 287 -6.58 7.72 -18.83
N TYR B 288 -7.86 7.68 -19.20
CA TYR B 288 -8.67 8.90 -19.25
C TYR B 288 -9.89 8.73 -18.37
N VAL B 289 -10.07 9.66 -17.43
CA VAL B 289 -11.26 9.71 -16.59
C VAL B 289 -11.98 11.02 -16.90
N PRO B 290 -12.93 11.02 -17.83
CA PRO B 290 -13.58 12.28 -18.21
C PRO B 290 -14.47 12.84 -17.10
N ALA B 291 -14.75 14.13 -17.21
CA ALA B 291 -15.67 14.75 -16.26
C ALA B 291 -17.09 14.27 -16.50
N GLY B 292 -17.89 14.34 -15.43
CA GLY B 292 -19.32 14.16 -15.54
C GLY B 292 -19.82 12.74 -15.44
N LEU B 293 -18.99 11.82 -14.95
CA LEU B 293 -19.42 10.43 -14.83
C LEU B 293 -20.39 10.28 -13.68
N ASP B 294 -21.40 9.45 -13.89
CA ASP B 294 -22.39 9.10 -12.88
C ASP B 294 -21.96 7.83 -12.13
N ASP B 295 -22.26 7.80 -10.83
CA ASP B 295 -22.07 6.59 -10.02
C ASP B 295 -20.63 6.05 -10.14
N SER B 296 -19.65 6.96 -10.06
CA SER B 296 -18.25 6.59 -10.28
C SER B 296 -17.36 7.23 -9.24
N GLY B 297 -16.18 6.64 -9.08
CA GLY B 297 -15.09 7.30 -8.36
C GLY B 297 -14.65 6.62 -7.09
N GLU B 298 -15.27 5.53 -6.65
CA GLU B 298 -14.89 4.90 -5.39
C GLU B 298 -13.68 3.99 -5.59
N ILE B 299 -12.52 4.40 -5.07
CA ILE B 299 -11.34 3.56 -4.91
C ILE B 299 -11.01 2.78 -6.18
N LEU B 300 -10.76 3.51 -7.26
CA LEU B 300 -10.22 2.85 -8.45
C LEU B 300 -8.76 2.54 -8.16
N SER B 301 -8.40 1.26 -8.21
CA SER B 301 -7.16 0.78 -7.60
C SER B 301 -6.28 0.10 -8.61
N PHE B 302 -4.99 0.42 -8.56
CA PHE B 302 -3.99 -0.04 -9.52
C PHE B 302 -2.79 -0.55 -8.74
N TYR B 303 -2.49 -1.84 -8.90
CA TYR B 303 -1.38 -2.48 -8.20
C TYR B 303 -0.35 -2.90 -9.23
N HIS B 304 0.87 -2.39 -9.09
CA HIS B 304 1.99 -2.76 -9.95
C HIS B 304 1.64 -2.65 -11.43
N CYS B 305 1.02 -1.52 -11.79
CA CYS B 305 0.69 -1.18 -13.17
C CYS B 305 1.73 -0.22 -13.72
N GLN B 306 1.87 -0.22 -15.04
CA GLN B 306 2.92 0.56 -15.69
C GLN B 306 2.26 1.39 -16.78
N PHE B 307 2.40 2.71 -16.69
CA PHE B 307 1.76 3.67 -17.60
C PHE B 307 2.88 4.42 -18.27
N PHE B 308 3.08 4.22 -19.57
CA PHE B 308 4.40 4.60 -20.07
C PHE B 308 4.43 4.84 -21.57
N ASP B 309 5.50 5.54 -21.98
CA ASP B 309 5.89 5.64 -23.38
C ASP B 309 4.71 6.07 -24.25
N GLY B 310 4.05 7.11 -23.78
CA GLY B 310 2.85 7.59 -24.44
C GLY B 310 3.11 8.26 -25.76
N ALA B 311 4.34 8.73 -26.00
CA ALA B 311 4.67 9.43 -27.24
C ALA B 311 3.64 10.52 -27.53
N GLY B 312 3.26 11.26 -26.48
CA GLY B 312 2.27 12.32 -26.59
C GLY B 312 0.97 12.03 -25.86
N SER B 313 0.73 10.78 -25.50
CA SER B 313 -0.44 10.44 -24.72
C SER B 313 -0.09 10.43 -23.22
N ASN B 314 -1.10 10.67 -22.39
CA ASN B 314 -0.90 10.92 -20.95
C ASN B 314 -2.07 10.35 -20.16
N ILE B 315 -1.98 10.49 -18.83
CA ILE B 315 -3.10 10.21 -17.94
C ILE B 315 -3.81 11.52 -17.66
N ARG B 316 -5.14 11.52 -17.70
CA ARG B 316 -5.86 12.70 -17.23
C ARG B 316 -7.06 12.29 -16.40
N LEU B 317 -7.11 12.79 -15.16
CA LEU B 317 -8.28 12.66 -14.29
C LEU B 317 -9.04 13.98 -14.30
N SER B 318 -10.26 13.97 -14.88
CA SER B 318 -11.07 15.17 -15.00
C SER B 318 -12.38 15.08 -14.23
N CYS B 319 -12.74 13.90 -13.70
CA CYS B 319 -13.99 13.73 -13.00
C CYS B 319 -13.87 14.20 -11.56
N SER B 320 -14.89 14.92 -11.09
CA SER B 320 -14.93 15.34 -9.70
C SER B 320 -15.30 14.17 -8.79
N SER B 321 -14.92 14.30 -7.51
CA SER B 321 -15.28 13.32 -6.48
C SER B 321 -14.85 11.92 -6.89
N TYR B 322 -13.56 11.79 -7.16
CA TYR B 322 -12.99 10.60 -7.78
C TYR B 322 -11.74 10.26 -7.00
N THR B 323 -11.64 9.01 -6.57
CA THR B 323 -10.58 8.60 -5.64
C THR B 323 -9.83 7.44 -6.26
N MET B 324 -8.53 7.63 -6.51
CA MET B 324 -7.71 6.64 -7.18
C MET B 324 -6.51 6.29 -6.31
N VAL B 325 -6.11 5.02 -6.34
CA VAL B 325 -5.00 4.54 -5.52
C VAL B 325 -4.07 3.77 -6.43
N PHE B 326 -2.79 4.16 -6.46
CA PHE B 326 -1.76 3.53 -7.27
C PHE B 326 -0.69 3.02 -6.34
N ASN B 327 -0.50 1.70 -6.34
CA ASN B 327 0.47 1.04 -5.48
C ASN B 327 1.53 0.40 -6.36
N THR B 328 2.79 0.77 -6.12
CA THR B 328 3.97 0.31 -6.87
C THR B 328 3.77 0.38 -8.38
N CYS B 329 3.13 1.47 -8.82
CA CYS B 329 3.02 1.75 -10.24
C CYS B 329 4.18 2.63 -10.70
N SER B 330 4.38 2.69 -12.03
CA SER B 330 5.36 3.60 -12.59
C SER B 330 4.70 4.41 -13.69
N PHE B 331 5.09 5.68 -13.75
CA PHE B 331 4.58 6.65 -14.70
C PHE B 331 5.80 7.15 -15.45
N LEU B 332 5.99 6.69 -16.69
CA LEU B 332 7.26 6.86 -17.41
C LEU B 332 7.02 7.57 -18.75
N ASN B 333 7.68 8.71 -18.94
CA ASN B 333 7.59 9.45 -20.21
C ASN B 333 6.14 9.84 -20.53
N ILE B 334 5.39 10.16 -19.47
CA ILE B 334 4.01 10.66 -19.57
C ILE B 334 3.80 11.67 -18.44
N THR B 335 2.74 12.47 -18.59
CA THR B 335 2.27 13.37 -17.53
C THR B 335 1.03 12.79 -16.88
N PHE B 336 0.89 12.98 -15.57
CA PHE B 336 -0.35 12.66 -14.85
C PHE B 336 -1.04 14.01 -14.59
N PHE B 337 -2.08 14.30 -15.37
CA PHE B 337 -2.87 15.53 -15.22
C PHE B 337 -4.06 15.29 -14.28
N VAL B 338 -4.35 16.26 -13.43
CA VAL B 338 -5.57 16.25 -12.64
C VAL B 338 -6.20 17.62 -12.80
N ASP B 339 -7.37 17.68 -13.44
CA ASP B 339 -8.07 18.95 -13.61
C ASP B 339 -9.54 18.86 -13.18
N SER B 340 -9.88 17.88 -12.36
CA SER B 340 -11.21 17.76 -11.77
C SER B 340 -11.70 19.07 -11.15
N ALA B 341 -12.98 19.38 -11.34
CA ALA B 341 -13.51 20.60 -10.74
C ALA B 341 -13.34 20.58 -9.23
N SER B 342 -13.54 19.43 -8.59
CA SER B 342 -13.22 19.34 -7.17
C SER B 342 -13.17 17.89 -6.72
N SER B 343 -12.50 17.68 -5.58
CA SER B 343 -12.60 16.46 -4.79
C SER B 343 -12.00 15.24 -5.47
N ALA B 344 -10.95 15.45 -6.26
CA ALA B 344 -10.11 14.33 -6.66
C ALA B 344 -9.16 14.02 -5.52
N THR B 345 -8.93 12.73 -5.25
CA THR B 345 -7.89 12.31 -4.32
C THR B 345 -7.11 11.19 -5.00
N VAL B 346 -5.86 11.44 -5.32
CA VAL B 346 -4.98 10.42 -5.93
C VAL B 346 -3.89 10.10 -4.93
N THR B 347 -3.72 8.81 -4.60
CA THR B 347 -2.68 8.38 -3.67
C THR B 347 -1.74 7.44 -4.40
N CYS B 348 -0.46 7.82 -4.48
CA CYS B 348 0.58 7.00 -5.11
C CYS B 348 1.50 6.52 -4.01
N ASN B 349 1.41 5.23 -3.69
CA ASN B 349 2.22 4.61 -2.65
C ASN B 349 3.32 3.80 -3.31
N GLY B 350 4.57 4.21 -3.13
CA GLY B 350 5.67 3.41 -3.62
C GLY B 350 5.77 3.38 -5.13
N CYS B 351 5.43 4.50 -5.80
CA CYS B 351 5.47 4.60 -7.26
C CYS B 351 6.75 5.29 -7.70
N ASN B 352 7.04 5.18 -9.00
CA ASN B 352 8.14 5.92 -9.60
C ASN B 352 7.57 6.83 -10.69
N PHE B 353 8.13 8.03 -10.76
CA PHE B 353 7.87 9.00 -11.83
C PHE B 353 9.21 9.29 -12.49
N ALA B 354 9.31 9.06 -13.81
CA ALA B 354 10.62 9.22 -14.43
C ALA B 354 10.49 9.44 -15.92
N ASN B 355 11.64 9.78 -16.54
CA ASN B 355 11.72 10.15 -17.95
C ASN B 355 12.75 9.32 -18.71
N PRO B 356 12.73 8.00 -18.60
CA PRO B 356 13.82 7.19 -19.14
C PRO B 356 13.95 7.27 -20.66
N GLY B 357 15.11 7.76 -21.11
CA GLY B 357 15.40 7.85 -22.52
C GLY B 357 14.70 8.99 -23.23
N SER B 358 14.07 9.90 -22.51
CA SER B 358 13.31 10.99 -23.11
C SER B 358 14.00 12.33 -22.94
N ALA B 359 13.94 13.15 -23.99
CA ALA B 359 14.41 14.54 -23.97
C ALA B 359 13.31 15.52 -23.61
N SER B 360 12.09 15.03 -23.40
CA SER B 360 10.93 15.90 -23.21
C SER B 360 10.99 16.62 -21.88
N THR B 361 10.57 17.88 -21.90
CA THR B 361 10.43 18.65 -20.66
C THR B 361 9.03 18.55 -20.07
N ARG B 362 8.24 17.55 -20.50
CA ARG B 362 6.90 17.39 -19.96
C ARG B 362 6.91 17.29 -18.44
N ARG B 363 5.84 17.77 -17.81
CA ARG B 363 5.69 17.59 -16.38
C ARG B 363 5.43 16.14 -16.04
N TYR B 364 5.71 15.77 -14.78
CA TYR B 364 5.35 14.45 -14.27
C TYR B 364 3.94 14.46 -13.69
N VAL B 365 3.62 15.48 -12.88
CA VAL B 365 2.33 15.61 -12.23
C VAL B 365 1.88 17.05 -12.38
N ASP B 366 0.68 17.25 -12.90
CA ASP B 366 0.16 18.59 -13.20
C ASP B 366 -1.27 18.65 -12.67
N ILE B 367 -1.43 19.12 -11.45
CA ILE B 367 -2.75 19.35 -10.85
C ILE B 367 -3.07 20.80 -11.21
N SER B 368 -3.89 20.97 -12.25
CA SER B 368 -3.89 22.21 -12.99
C SER B 368 -5.13 23.07 -12.82
N ALA B 369 -6.20 22.53 -12.24
CA ALA B 369 -7.43 23.30 -12.12
C ALA B 369 -8.24 22.73 -10.96
N GLY B 370 -9.36 23.39 -10.65
CA GLY B 370 -10.29 22.92 -9.64
C GLY B 370 -9.88 23.30 -8.24
N HIS B 371 -10.62 22.76 -7.26
CA HIS B 371 -10.29 23.00 -5.87
C HIS B 371 -10.48 21.72 -5.08
N THR B 372 -9.84 21.64 -3.91
CA THR B 372 -10.01 20.50 -3.03
C THR B 372 -9.55 19.20 -3.72
N ASN B 373 -8.54 19.31 -4.59
CA ASN B 373 -7.89 18.16 -5.21
C ASN B 373 -6.60 17.85 -4.44
N VAL B 374 -6.37 16.57 -4.18
CA VAL B 374 -5.28 16.08 -3.34
C VAL B 374 -4.49 15.04 -4.11
N PHE B 375 -3.17 15.17 -4.11
CA PHE B 375 -2.29 14.21 -4.77
C PHE B 375 -1.21 13.85 -3.76
N ASN B 376 -1.11 12.56 -3.41
CA ASN B 376 -0.17 12.06 -2.43
C ASN B 376 0.92 11.27 -3.13
N ILE B 377 2.19 11.57 -2.82
CA ILE B 377 3.31 10.74 -3.26
C ILE B 377 3.97 10.24 -1.99
N ILE B 378 3.80 8.95 -1.69
CA ILE B 378 4.23 8.34 -0.43
C ILE B 378 5.25 7.26 -0.76
N GLY B 379 6.51 7.49 -0.39
CA GLY B 379 7.57 6.57 -0.73
C GLY B 379 7.79 6.55 -2.25
N GLY B 380 8.46 5.50 -2.69
CA GLY B 380 8.79 5.43 -4.10
C GLY B 380 9.89 6.42 -4.45
N SER B 381 9.83 6.93 -5.67
CA SER B 381 10.95 7.70 -6.21
C SER B 381 10.45 8.65 -7.29
N ILE B 382 11.23 9.71 -7.49
CA ILE B 382 11.08 10.65 -8.60
C ILE B 382 12.45 10.76 -9.23
N VAL B 383 12.55 10.40 -10.51
CA VAL B 383 13.84 10.29 -11.19
C VAL B 383 13.85 11.26 -12.37
N THR B 384 14.92 12.06 -12.48
CA THR B 384 15.03 13.11 -13.49
C THR B 384 16.34 12.96 -14.27
N ASN B 385 16.33 12.05 -15.23
CA ASN B 385 17.47 11.87 -16.11
C ASN B 385 17.73 13.16 -16.86
N SER B 386 19.01 13.41 -17.16
CA SER B 386 19.39 14.65 -17.82
C SER B 386 18.68 14.81 -19.17
N ASN B 387 18.37 16.08 -19.50
CA ASN B 387 17.82 16.42 -20.81
C ASN B 387 18.41 17.77 -21.23
N PRO B 388 18.08 18.29 -22.41
CA PRO B 388 18.74 19.55 -22.83
C PRO B 388 18.47 20.75 -21.94
N GLY B 389 17.54 20.66 -20.99
CA GLY B 389 17.26 21.74 -20.06
C GLY B 389 15.82 21.67 -19.58
N GLN B 390 15.61 21.46 -18.27
CA GLN B 390 14.26 21.26 -17.75
C GLN B 390 13.68 22.63 -17.43
N THR B 391 12.96 23.18 -18.40
CA THR B 391 12.57 24.59 -18.39
C THR B 391 11.22 24.85 -17.75
N GLN B 392 10.57 23.83 -17.17
CA GLN B 392 9.38 24.03 -16.36
C GLN B 392 9.40 23.06 -15.18
N ALA B 393 8.59 23.36 -14.17
CA ALA B 393 8.53 22.49 -13.00
C ALA B 393 7.90 21.14 -13.36
N LEU B 394 8.50 20.06 -12.85
CA LEU B 394 7.99 18.72 -13.13
C LEU B 394 6.79 18.36 -12.27
N LEU B 395 6.60 19.04 -11.15
CA LEU B 395 5.38 18.91 -10.36
C LEU B 395 4.71 20.27 -10.30
N TYR B 396 3.40 20.28 -10.44
CA TYR B 396 2.66 21.54 -10.43
C TYR B 396 1.37 21.34 -9.65
N VAL B 397 1.06 22.25 -8.74
CA VAL B 397 -0.18 22.17 -7.97
C VAL B 397 -0.84 23.54 -7.94
N SER B 398 -2.06 23.63 -8.50
CA SER B 398 -2.72 24.92 -8.67
C SER B 398 -3.42 25.37 -7.40
N THR B 399 -3.90 26.62 -7.44
CA THR B 399 -4.54 27.21 -6.26
C THR B 399 -5.68 26.33 -5.74
N ASP B 400 -5.79 26.27 -4.42
CA ASP B 400 -6.80 25.53 -3.67
C ASP B 400 -6.62 24.02 -3.71
N ASN B 401 -5.53 23.51 -4.31
CA ASN B 401 -5.23 22.08 -4.32
C ASN B 401 -4.00 21.79 -3.47
N LEU B 402 -3.73 20.50 -3.28
CA LEU B 402 -2.75 20.06 -2.29
C LEU B 402 -1.91 18.91 -2.84
N LEU B 403 -0.58 19.07 -2.76
CA LEU B 403 0.36 18.02 -3.15
C LEU B 403 1.18 17.64 -1.94
N ASN B 404 1.03 16.40 -1.49
CA ASN B 404 1.68 15.90 -0.28
C ASN B 404 2.82 14.97 -0.65
N LEU B 405 4.01 15.26 -0.13
CA LEU B 405 5.19 14.40 -0.31
C LEU B 405 5.53 13.75 1.02
N VAL B 406 5.66 12.42 1.04
CA VAL B 406 5.92 11.68 2.27
C VAL B 406 7.01 10.65 1.98
N GLY B 407 8.12 10.74 2.70
CA GLY B 407 9.09 9.64 2.69
C GLY B 407 9.71 9.40 1.34
N VAL B 408 9.93 10.46 0.57
CA VAL B 408 10.47 10.38 -0.78
C VAL B 408 11.61 11.38 -0.89
N THR B 409 12.57 11.08 -1.75
CA THR B 409 13.71 11.97 -1.95
C THR B 409 13.47 12.88 -3.15
N ALA B 410 13.63 14.19 -2.93
CA ALA B 410 13.53 15.15 -4.04
C ALA B 410 14.82 15.12 -4.84
N PRO B 411 14.77 14.88 -6.14
CA PRO B 411 15.99 14.76 -6.93
C PRO B 411 16.53 16.14 -7.31
N TYR B 412 17.77 16.17 -7.77
CA TYR B 412 18.34 17.38 -8.36
C TYR B 412 19.21 16.98 -9.53
N GLY B 413 19.25 17.84 -10.54
CA GLY B 413 20.10 17.64 -11.68
C GLY B 413 20.59 18.98 -12.20
N GLY B 414 21.82 18.98 -12.73
CA GLY B 414 22.42 20.19 -13.27
C GLY B 414 21.71 20.77 -14.48
N HIS B 415 20.85 19.98 -15.11
CA HIS B 415 20.07 20.48 -16.24
C HIS B 415 18.81 21.21 -15.81
N TYR B 416 18.55 21.35 -14.50
CA TYR B 416 17.33 22.00 -14.03
C TYR B 416 17.35 23.48 -14.37
N GLN B 417 16.29 23.95 -15.01
CA GLN B 417 16.14 25.33 -15.45
C GLN B 417 14.71 25.81 -15.23
N GLN B 418 14.11 25.43 -14.10
CA GLN B 418 12.69 25.73 -13.84
C GLN B 418 12.39 27.22 -13.81
N GLU B 419 13.42 28.05 -13.57
CA GLU B 419 13.23 29.50 -13.54
C GLU B 419 12.67 30.01 -14.86
N GLN B 420 12.96 29.32 -15.98
CA GLN B 420 12.42 29.80 -17.26
C GLN B 420 10.91 29.84 -17.22
N GLU B 421 10.29 28.90 -16.50
CA GLU B 421 8.86 29.00 -16.26
C GLU B 421 8.57 29.90 -15.07
N LEU B 422 9.25 29.69 -13.95
CA LEU B 422 8.75 30.23 -12.69
C LEU B 422 9.23 31.64 -12.44
N GLY B 423 10.34 32.03 -13.07
CA GLY B 423 11.08 33.20 -12.70
C GLY B 423 12.18 32.94 -11.71
N TYR B 424 12.13 31.79 -11.03
CA TYR B 424 13.07 31.48 -9.97
C TYR B 424 13.26 29.96 -9.92
N HIS B 425 14.30 29.54 -9.22
CA HIS B 425 14.81 28.16 -9.27
C HIS B 425 14.21 27.33 -8.14
N ALA B 426 13.15 26.57 -8.46
CA ALA B 426 12.46 25.72 -7.49
C ALA B 426 11.90 24.51 -8.22
N PHE B 427 11.57 23.47 -7.45
CA PHE B 427 11.19 22.20 -8.08
C PHE B 427 9.71 22.13 -8.47
N ILE B 428 8.85 22.81 -7.73
CA ILE B 428 7.40 22.65 -7.88
C ILE B 428 6.80 23.99 -8.23
N GLY B 429 5.86 23.99 -9.18
CA GLY B 429 5.16 25.20 -9.58
C GLY B 429 3.74 25.24 -9.05
N GLY B 430 3.12 26.42 -9.19
CA GLY B 430 1.70 26.58 -8.92
C GLY B 430 1.40 27.20 -7.56
N ALA B 431 0.19 27.76 -7.45
CA ALA B 431 -0.22 28.51 -6.25
C ALA B 431 -0.93 27.66 -5.22
N GLY B 432 -0.92 26.34 -5.37
CA GLY B 432 -1.48 25.46 -4.38
C GLY B 432 -0.58 25.30 -3.17
N THR B 433 -0.85 24.24 -2.41
CA THR B 433 -0.13 23.97 -1.17
C THR B 433 0.69 22.70 -1.34
N VAL B 434 1.93 22.71 -0.83
CA VAL B 434 2.79 21.53 -0.79
C VAL B 434 3.10 21.21 0.66
N THR B 435 3.08 19.94 1.03
CA THR B 435 3.56 19.54 2.34
C THR B 435 4.65 18.50 2.19
N THR B 436 5.49 18.40 3.22
CA THR B 436 6.52 17.38 3.29
C THR B 436 6.45 16.69 4.63
N SER B 437 6.73 15.40 4.62
CA SER B 437 6.86 14.59 5.83
C SER B 437 7.90 13.53 5.51
N GLY B 438 9.01 13.56 6.24
CA GLY B 438 10.04 12.58 5.94
C GLY B 438 10.69 12.72 4.58
N VAL B 439 10.69 13.91 4.03
CA VAL B 439 11.30 14.16 2.72
C VAL B 439 12.80 14.40 2.87
N MET B 440 13.56 13.80 1.97
CA MET B 440 15.00 13.92 1.90
C MET B 440 15.38 14.83 0.73
N LEU B 441 16.30 15.75 0.97
CA LEU B 441 16.91 16.53 -0.10
C LEU B 441 18.26 15.90 -0.45
N GLN B 442 18.70 16.10 -1.68
CA GLN B 442 20.00 15.55 -2.10
C GLN B 442 21.11 16.57 -1.80
N LEU B 443 21.42 16.69 -0.51
CA LEU B 443 22.37 17.69 -0.05
C LEU B 443 23.78 17.43 -0.53
N ARG B 444 24.09 16.20 -0.97
CA ARG B 444 25.44 15.90 -1.39
C ARG B 444 25.51 15.66 -2.90
N ASN B 445 24.47 16.09 -3.60
CA ASN B 445 24.45 16.07 -5.06
C ASN B 445 25.40 17.16 -5.55
N GLY B 446 26.41 16.76 -6.35
CA GLY B 446 27.43 17.70 -6.76
C GLY B 446 26.89 18.84 -7.62
N ALA B 447 25.79 18.60 -8.33
CA ALA B 447 25.23 19.66 -9.17
C ALA B 447 24.47 20.70 -8.36
N GLY B 448 23.96 20.33 -7.19
CA GLY B 448 23.27 21.26 -6.32
C GLY B 448 22.03 20.63 -5.72
N THR B 449 21.19 21.53 -5.20
CA THR B 449 19.90 21.28 -4.55
C THR B 449 19.09 22.55 -4.79
N CYS B 450 17.77 22.42 -4.80
CA CYS B 450 16.92 23.60 -4.92
C CYS B 450 15.76 23.53 -3.93
N PRO B 451 15.19 24.67 -3.57
CA PRO B 451 13.97 24.63 -2.77
C PRO B 451 12.85 23.96 -3.54
N LEU B 452 11.87 23.45 -2.80
CA LEU B 452 10.76 22.72 -3.38
C LEU B 452 9.63 23.62 -3.82
N HIS B 453 9.21 24.58 -2.99
CA HIS B 453 8.00 25.30 -3.36
C HIS B 453 7.87 26.63 -2.63
N SER B 454 7.21 27.58 -3.31
CA SER B 454 6.88 28.86 -2.69
C SER B 454 6.08 28.67 -1.40
N SER B 455 5.17 27.70 -1.34
CA SER B 455 4.34 27.54 -0.14
C SER B 455 5.13 27.03 1.07
N LEU B 456 6.41 26.68 0.89
CA LEU B 456 7.29 26.29 1.99
C LEU B 456 8.29 27.38 2.35
N SER B 457 8.13 28.59 1.80
CA SER B 457 9.10 29.64 2.04
C SER B 457 9.32 29.85 3.54
N THR B 458 10.60 29.86 3.94
CA THR B 458 10.97 30.09 5.34
C THR B 458 10.63 31.51 5.76
N PHE B 459 10.83 32.45 4.86
CA PHE B 459 10.83 33.86 5.16
C PHE B 459 9.58 34.55 4.63
N SER B 460 9.15 35.59 5.34
CA SER B 460 8.03 36.43 4.90
C SER B 460 8.49 37.41 3.83
N ASN B 461 7.56 37.76 2.93
CA ASN B 461 7.83 38.71 1.84
C ASN B 461 9.03 38.27 0.98
N TRP B 462 9.16 36.96 0.76
CA TRP B 462 10.32 36.41 0.06
C TRP B 462 10.41 36.88 -1.39
N ASN B 463 9.27 37.14 -2.03
CA ASN B 463 9.21 37.54 -3.42
C ASN B 463 8.91 39.02 -3.59
N PHE B 464 8.97 39.78 -2.50
CA PHE B 464 8.61 41.19 -2.49
C PHE B 464 7.14 41.40 -2.87
N GLY B 465 6.32 40.38 -2.63
CA GLY B 465 4.88 40.42 -2.85
C GLY B 465 4.11 41.31 -1.91
N TYR B 466 4.71 41.73 -0.78
CA TYR B 466 4.07 42.72 0.08
C TYR B 466 3.82 44.03 -0.64
N GLY B 467 4.59 44.33 -1.69
CA GLY B 467 4.56 45.65 -2.27
C GLY B 467 5.38 46.66 -1.51
N ASN B 468 6.25 46.20 -0.62
CA ASN B 468 7.10 47.02 0.23
C ASN B 468 8.15 46.06 0.80
N LEU B 469 9.01 46.59 1.68
CA LEU B 469 10.04 45.76 2.27
C LEU B 469 9.75 45.39 3.72
N ASN B 470 8.47 45.41 4.11
CA ASN B 470 8.12 44.97 5.45
C ASN B 470 8.58 43.53 5.64
N ALA B 471 8.87 43.18 6.90
CA ALA B 471 9.45 41.93 7.38
C ALA B 471 10.96 41.84 7.14
N TRP B 472 11.55 42.74 6.34
CA TRP B 472 12.98 42.74 6.07
C TRP B 472 13.70 43.85 6.84
N THR B 473 14.84 43.52 7.41
CA THR B 473 15.67 44.49 8.11
C THR B 473 16.73 45.04 7.16
N VAL B 474 16.73 46.37 6.95
CA VAL B 474 17.68 47.02 6.05
C VAL B 474 18.65 47.83 6.90
N ASP B 475 19.94 47.59 6.71
CA ASP B 475 20.98 48.30 7.45
C ASP B 475 22.14 48.68 6.52
N LYS B 476 22.21 49.95 6.10
CA LYS B 476 23.41 50.38 5.42
C LYS B 476 24.51 50.77 6.39
N GLY B 477 24.31 50.62 7.69
CA GLY B 477 25.28 51.14 8.62
C GLY B 477 25.26 52.65 8.51
N THR B 478 26.42 53.25 8.29
CA THR B 478 26.48 54.68 8.02
C THR B 478 26.12 54.84 6.54
N GLY B 479 24.81 54.85 6.29
CA GLY B 479 24.22 54.84 4.96
C GLY B 479 23.96 56.20 4.35
N THR B 480 24.84 56.66 3.47
CA THR B 480 24.69 57.98 2.92
C THR B 480 24.38 57.96 1.43
N SER B 481 25.38 57.75 0.57
CA SER B 481 25.21 57.82 -0.88
C SER B 481 24.98 56.48 -1.59
N SER B 482 25.04 55.35 -0.88
CA SER B 482 24.73 54.07 -1.53
C SER B 482 23.24 53.96 -1.81
N VAL B 483 22.89 53.17 -2.83
CA VAL B 483 21.50 53.03 -3.26
C VAL B 483 20.98 51.65 -2.87
N VAL B 484 19.83 51.62 -2.19
CA VAL B 484 19.09 50.40 -1.93
C VAL B 484 17.61 50.72 -2.11
N GLU B 485 16.97 50.08 -3.09
CA GLU B 485 15.62 50.48 -3.47
C GLU B 485 14.80 49.29 -3.95
N TYR B 486 13.50 49.32 -3.62
CA TYR B 486 12.52 48.45 -4.25
C TYR B 486 12.23 48.96 -5.65
N LEU B 487 12.25 48.07 -6.64
CA LEU B 487 11.88 48.41 -8.01
C LEU B 487 10.78 47.47 -8.47
N ALA B 488 9.65 48.03 -8.89
CA ALA B 488 8.54 47.22 -9.38
C ALA B 488 8.76 46.80 -10.83
N ASN B 489 8.22 45.64 -11.18
CA ASN B 489 8.34 45.08 -12.54
C ASN B 489 9.79 45.08 -12.99
N ALA B 490 10.67 44.65 -12.10
CA ALA B 490 12.10 44.69 -12.36
C ALA B 490 12.80 43.37 -12.12
N GLY B 491 12.06 42.32 -11.79
CA GLY B 491 12.68 41.04 -11.54
C GLY B 491 12.98 40.27 -12.80
N PRO B 492 13.26 38.99 -12.65
CA PRO B 492 13.69 38.20 -13.82
C PRO B 492 12.70 38.21 -14.96
N LYS B 493 11.40 38.17 -14.68
CA LYS B 493 10.40 38.19 -15.73
C LYS B 493 9.98 39.59 -16.13
N GLY B 494 10.36 40.59 -15.35
CA GLY B 494 9.90 41.96 -15.55
C GLY B 494 8.50 42.23 -15.09
N THR B 495 7.89 41.30 -14.36
CA THR B 495 6.53 41.46 -13.86
C THR B 495 6.46 41.39 -12.35
N GLU B 496 7.58 41.22 -11.67
CA GLU B 496 7.65 41.05 -10.24
C GLU B 496 8.56 42.09 -9.62
N GLY B 497 8.46 42.25 -8.31
CA GLY B 497 9.30 43.19 -7.59
C GLY B 497 10.72 42.68 -7.48
N ALA B 498 11.64 43.63 -7.31
CA ALA B 498 13.04 43.31 -7.08
C ALA B 498 13.63 44.33 -6.11
N MET B 499 14.85 44.02 -5.64
CA MET B 499 15.60 44.92 -4.77
C MET B 499 16.93 45.24 -5.43
N ARG B 500 17.16 46.52 -5.72
CA ARG B 500 18.40 46.96 -6.32
C ARG B 500 19.34 47.53 -5.26
N VAL B 501 20.61 47.17 -5.35
CA VAL B 501 21.67 47.64 -4.45
C VAL B 501 22.84 48.14 -5.29
N ALA B 502 23.25 49.39 -5.07
CA ALA B 502 24.38 49.99 -5.77
C ALA B 502 25.20 50.76 -4.74
N PRO B 503 26.12 50.09 -4.06
CA PRO B 503 26.90 50.75 -3.00
C PRO B 503 28.01 51.63 -3.57
N VAL B 504 28.24 52.76 -2.90
CA VAL B 504 29.37 53.65 -3.16
C VAL B 504 30.13 53.84 -1.85
N SER B 505 29.40 54.00 -0.76
CA SER B 505 29.99 54.28 0.55
C SER B 505 30.48 53.03 1.27
N VAL B 506 29.60 52.45 2.09
CA VAL B 506 29.87 51.20 2.80
C VAL B 506 28.76 50.23 2.41
N GLY B 507 29.05 48.95 2.57
CA GLY B 507 28.13 47.93 2.13
C GLY B 507 26.81 47.97 2.88
N THR B 508 25.81 47.35 2.27
CA THR B 508 24.48 47.26 2.83
C THR B 508 24.15 45.81 3.18
N ASN B 509 23.37 45.65 4.24
CA ASN B 509 22.90 44.34 4.66
C ASN B 509 21.39 44.34 4.66
N VAL B 510 20.82 43.40 3.94
CA VAL B 510 19.39 43.13 4.04
C VAL B 510 19.28 41.78 4.71
N SER B 511 18.46 41.68 5.74
CA SER B 511 18.49 40.49 6.57
C SER B 511 17.08 40.11 7.00
N GLN B 512 16.94 38.85 7.39
CA GLN B 512 15.69 38.42 8.02
C GLN B 512 15.97 37.18 8.86
N VAL B 513 15.28 37.10 10.00
CA VAL B 513 15.43 36.00 10.95
C VAL B 513 14.09 35.34 11.18
N GLN B 514 14.07 34.02 11.19
CA GLN B 514 12.86 33.28 11.53
C GLN B 514 13.21 32.12 12.46
N ALA B 515 12.19 31.66 13.18
CA ALA B 515 12.37 30.49 14.02
C ALA B 515 12.62 29.25 13.16
N VAL B 516 13.43 28.34 13.68
CA VAL B 516 13.74 27.07 13.04
C VAL B 516 14.04 26.07 14.14
N THR B 517 14.00 24.79 13.79
CA THR B 517 14.34 23.73 14.74
C THR B 517 15.05 22.60 14.01
N ASN B 518 15.96 21.93 14.72
CA ASN B 518 16.55 20.68 14.31
C ASN B 518 15.59 19.53 14.59
N PRO B 519 15.66 18.44 13.81
CA PRO B 519 16.54 18.23 12.66
C PRO B 519 15.98 18.90 11.42
N GLY B 520 16.79 19.15 10.40
CA GLY B 520 16.27 19.72 9.18
C GLY B 520 17.31 19.76 8.09
N MET B 521 16.82 19.95 6.87
CA MET B 521 17.67 20.14 5.70
C MET B 521 17.16 21.38 5.01
N PHE B 522 18.05 22.10 4.34
CA PHE B 522 17.59 23.35 3.75
C PHE B 522 18.26 23.52 2.41
N SER B 523 17.56 24.25 1.55
CA SER B 523 18.12 24.69 0.28
C SER B 523 17.53 26.04 -0.05
N MET B 524 18.39 26.96 -0.52
CA MET B 524 17.92 28.27 -0.94
C MET B 524 18.39 28.57 -2.35
N SER B 525 17.52 29.22 -3.12
CA SER B 525 17.90 29.81 -4.39
C SER B 525 17.54 31.29 -4.39
N CYS B 526 18.38 32.09 -5.08
CA CYS B 526 18.18 33.53 -5.27
C CYS B 526 18.32 33.85 -6.75
N MET B 527 17.56 34.84 -7.20
CA MET B 527 17.74 35.39 -8.53
C MET B 527 18.52 36.70 -8.39
N VAL B 528 19.65 36.82 -9.11
CA VAL B 528 20.58 37.95 -8.98
C VAL B 528 20.90 38.49 -10.37
N ASN B 529 20.90 39.82 -10.50
CA ASN B 529 21.25 40.48 -11.77
C ASN B 529 22.32 41.53 -11.51
N ILE B 530 23.57 41.17 -11.77
CA ILE B 530 24.69 42.11 -11.70
C ILE B 530 24.79 42.88 -13.01
N ALA B 531 24.67 44.20 -12.91
CA ALA B 531 24.90 45.09 -14.06
C ALA B 531 26.38 45.41 -14.23
N THR B 532 27.04 45.88 -13.17
CA THR B 532 28.47 46.15 -13.19
C THR B 532 29.04 46.01 -11.78
N THR B 533 30.32 45.64 -11.69
CA THR B 533 30.99 45.54 -10.40
C THR B 533 32.50 45.37 -10.55
N PRO B 534 33.30 45.96 -9.65
CA PRO B 534 34.75 45.75 -9.72
C PRO B 534 35.14 44.46 -9.00
N GLY B 535 35.31 43.37 -9.74
CA GLY B 535 35.53 42.10 -9.09
C GLY B 535 34.24 41.55 -8.47
N ASN B 536 34.43 40.65 -7.51
CA ASN B 536 33.31 40.03 -6.78
C ASN B 536 32.32 41.06 -6.28
N ALA B 537 31.05 40.86 -6.61
CA ALA B 537 29.99 41.84 -6.34
C ALA B 537 29.42 41.76 -4.92
N GLY B 538 29.66 40.69 -4.18
CA GLY B 538 29.14 40.57 -2.83
C GLY B 538 28.84 39.11 -2.52
N GLN B 539 28.01 38.89 -1.49
CA GLN B 539 27.68 37.51 -1.12
C GLN B 539 26.30 37.42 -0.47
N VAL B 540 25.67 36.26 -0.68
CA VAL B 540 24.48 35.88 0.06
C VAL B 540 24.89 34.81 1.06
N SER B 541 24.44 34.94 2.31
CA SER B 541 24.81 33.98 3.33
C SER B 541 23.60 33.57 4.14
N ILE B 542 23.67 32.34 4.64
CA ILE B 542 22.68 31.77 5.54
C ILE B 542 23.41 31.34 6.80
N GLY B 543 22.93 31.80 7.95
CA GLY B 543 23.52 31.44 9.21
C GLY B 543 22.45 31.01 10.20
N PHE B 544 22.88 30.31 11.23
CA PHE B 544 21.98 29.82 12.24
C PHE B 544 22.38 30.38 13.59
N LEU B 545 21.37 30.66 14.41
CA LEU B 545 21.61 31.20 15.74
C LEU B 545 20.92 30.34 16.80
N ASP B 546 21.49 30.40 18.01
CA ASP B 546 20.85 29.78 19.15
C ASP B 546 19.76 30.73 19.67
N ALA B 547 19.06 30.31 20.72
CA ALA B 547 17.94 31.12 21.21
C ALA B 547 18.41 32.50 21.66
N ALA B 548 19.65 32.61 22.13
CA ALA B 548 20.20 33.88 22.59
C ALA B 548 20.81 34.74 21.50
N GLY B 549 20.86 34.26 20.25
CA GLY B 549 21.41 35.03 19.15
C GLY B 549 22.86 34.75 18.78
N ASN B 550 23.53 33.82 19.45
CA ASN B 550 24.91 33.50 19.09
C ASN B 550 24.96 32.65 17.84
N SER B 551 25.97 32.89 17.00
CA SER B 551 26.14 32.13 15.77
C SER B 551 26.60 30.71 16.07
N LEU B 552 26.17 29.79 15.21
CA LEU B 552 26.47 28.37 15.32
C LEU B 552 27.26 27.95 14.10
N PRO B 553 27.89 26.78 14.13
CA PRO B 553 28.53 26.24 12.92
C PRO B 553 27.46 25.84 11.92
N GLY B 554 27.89 25.59 10.69
CA GLY B 554 26.97 25.19 9.65
C GLY B 554 26.49 26.30 8.75
N GLY B 555 26.98 27.53 8.94
CA GLY B 555 26.63 28.61 8.04
C GLY B 555 27.23 28.41 6.67
N VAL B 556 26.55 28.94 5.65
CA VAL B 556 26.98 28.77 4.26
C VAL B 556 26.86 30.10 3.53
N SER B 557 27.59 30.21 2.42
CA SER B 557 27.57 31.46 1.67
C SER B 557 27.84 31.21 0.20
N ALA B 558 27.46 32.18 -0.61
CA ALA B 558 27.62 32.14 -2.05
C ALA B 558 28.13 33.48 -2.54
N ASN B 559 29.23 33.43 -3.29
CA ASN B 559 29.75 34.61 -3.98
C ASN B 559 28.90 34.94 -5.20
N LEU B 560 28.77 36.22 -5.49
CA LEU B 560 28.00 36.62 -6.67
C LEU B 560 28.84 36.63 -7.94
N GLY B 561 30.17 36.78 -7.81
CA GLY B 561 31.03 36.72 -8.97
C GLY B 561 30.92 37.97 -9.82
N THR B 562 31.23 37.81 -11.12
CA THR B 562 31.26 38.96 -12.01
C THR B 562 30.58 38.72 -13.35
N THR B 563 29.69 37.75 -13.46
CA THR B 563 28.94 37.59 -14.71
C THR B 563 27.71 38.49 -14.62
N THR B 564 27.36 39.10 -15.75
CA THR B 564 26.22 40.01 -15.79
C THR B 564 24.94 39.30 -16.21
N GLY B 565 23.80 39.90 -15.83
CA GLY B 565 22.53 39.35 -16.24
C GLY B 565 21.90 38.44 -15.18
N TRP B 566 20.59 38.18 -15.34
CA TRP B 566 19.87 37.36 -14.37
C TRP B 566 20.46 35.95 -14.30
N GLN B 567 20.74 35.52 -13.07
CA GLN B 567 21.32 34.22 -12.82
C GLN B 567 20.81 33.70 -11.48
N VAL B 568 20.86 32.39 -11.35
CA VAL B 568 20.52 31.71 -10.11
C VAL B 568 21.76 31.60 -9.23
N ILE B 569 21.63 32.00 -7.98
CA ILE B 569 22.69 31.89 -6.99
C ILE B 569 22.21 30.93 -5.89
N GLY B 570 23.08 30.01 -5.50
CA GLY B 570 22.83 29.17 -4.34
C GLY B 570 22.77 27.66 -4.59
N LYS B 571 22.86 27.18 -5.83
CA LYS B 571 22.54 25.79 -6.16
C LYS B 571 23.32 24.80 -5.31
N ASN B 572 24.65 24.89 -5.34
CA ASN B 572 25.47 23.96 -4.57
C ASN B 572 26.19 24.66 -3.42
N THR B 573 25.68 25.80 -2.98
CA THR B 573 26.29 26.59 -1.93
C THR B 573 25.33 26.83 -0.77
N LEU B 574 24.10 27.28 -1.06
CA LEU B 574 23.18 27.67 0.00
C LEU B 574 22.29 26.48 0.36
N ARG B 575 22.90 25.52 1.02
CA ARG B 575 22.21 24.28 1.34
C ARG B 575 22.97 23.61 2.46
N GLY B 576 22.27 22.72 3.16
CA GLY B 576 22.94 21.91 4.16
C GLY B 576 21.97 21.36 5.19
N LYS B 577 22.56 20.87 6.27
CA LYS B 577 21.77 20.40 7.39
C LYS B 577 21.68 21.51 8.44
N VAL B 578 20.56 21.55 9.14
CA VAL B 578 20.38 22.55 10.20
C VAL B 578 21.24 22.18 11.40
N PRO B 579 22.10 23.06 11.88
CA PRO B 579 23.03 22.69 12.95
C PRO B 579 22.34 22.45 14.27
N ILE B 580 22.99 21.61 15.08
CA ILE B 580 22.51 21.30 16.43
C ILE B 580 22.44 22.58 17.24
N GLY B 581 21.32 22.76 17.93
CA GLY B 581 21.09 23.92 18.75
C GLY B 581 20.42 25.07 18.04
N ALA B 582 20.18 24.96 16.74
CA ALA B 582 19.59 26.08 16.02
C ALA B 582 18.16 26.33 16.49
N LYS B 583 17.89 27.60 16.78
CA LYS B 583 16.53 28.05 17.04
C LYS B 583 16.15 29.18 16.11
N GLN B 584 17.11 29.77 15.40
CA GLN B 584 16.82 30.83 14.44
C GLN B 584 17.68 30.63 13.19
N VAL B 585 17.13 31.03 12.07
CA VAL B 585 17.83 31.06 10.80
C VAL B 585 17.80 32.48 10.25
N ARG B 586 18.95 32.93 9.74
CA ARG B 586 19.16 34.28 9.27
C ARG B 586 19.68 34.28 7.85
N VAL B 587 18.99 34.98 6.98
CA VAL B 587 19.51 35.24 5.65
C VAL B 587 20.05 36.66 5.61
N ASN B 588 21.22 36.83 5.00
CA ASN B 588 21.91 38.11 4.87
C ASN B 588 22.43 38.30 3.45
N ILE B 589 22.11 39.45 2.88
CA ILE B 589 22.53 39.84 1.54
C ILE B 589 23.40 41.08 1.68
N GLN B 590 24.69 40.97 1.30
CA GLN B 590 25.61 42.09 1.36
C GLN B 590 26.26 42.32 0.01
N THR B 591 26.31 43.59 -0.43
CA THR B 591 26.87 43.98 -1.73
C THR B 591 28.04 44.94 -1.54
N VAL B 592 29.12 44.71 -2.31
CA VAL B 592 30.39 45.42 -2.18
C VAL B 592 30.35 46.79 -2.85
N ALA B 593 31.35 47.62 -2.54
CA ALA B 593 31.51 48.92 -3.18
C ALA B 593 31.71 48.78 -4.68
N GLY B 594 31.03 49.63 -5.45
CA GLY B 594 31.17 49.68 -6.88
C GLY B 594 30.27 48.74 -7.67
N ALA B 595 29.53 47.87 -6.99
CA ALA B 595 28.62 46.94 -7.63
C ALA B 595 27.23 47.55 -7.80
N ASP B 596 26.50 47.04 -8.77
CA ASP B 596 25.11 47.45 -9.03
C ASP B 596 24.36 46.18 -9.38
N VAL B 597 23.54 45.70 -8.44
CA VAL B 597 22.98 44.35 -8.52
C VAL B 597 21.50 44.38 -8.16
N LYS B 598 20.68 43.62 -8.89
CA LYS B 598 19.28 43.42 -8.55
C LYS B 598 19.08 42.02 -7.96
N TYR B 599 18.21 41.91 -6.96
CA TYR B 599 17.89 40.67 -6.26
C TYR B 599 16.40 40.38 -6.33
N ALA B 600 16.04 39.09 -6.51
CA ALA B 600 14.64 38.71 -6.57
C ALA B 600 14.49 37.28 -6.07
N TYR B 601 13.27 36.94 -5.63
CA TYR B 601 12.88 35.55 -5.34
C TYR B 601 13.85 34.85 -4.40
N LEU B 602 13.92 35.37 -3.17
CA LEU B 602 14.84 34.86 -2.15
C LEU B 602 14.14 33.69 -1.46
N LEU B 603 14.24 32.50 -2.08
CA LEU B 603 13.43 31.34 -1.68
C LEU B 603 14.28 30.30 -0.97
N CYS B 604 14.13 30.27 0.35
CA CYS B 604 14.69 29.22 1.19
C CYS B 604 13.58 28.26 1.59
N ASN B 605 13.88 26.97 1.56
CA ASN B 605 13.01 25.95 2.14
C ASN B 605 13.81 25.19 3.18
N VAL B 606 13.27 25.11 4.39
CA VAL B 606 13.75 24.20 5.42
C VAL B 606 12.75 23.06 5.45
N VAL B 607 13.20 21.88 5.06
CA VAL B 607 12.39 20.68 5.07
C VAL B 607 12.75 19.89 6.32
N LYS B 608 11.71 19.49 7.06
CA LYS B 608 11.68 18.65 8.27
C LYS B 608 10.90 19.38 9.36
N GLU C 46 -12.45 -42.88 -35.71
CA GLU C 46 -11.63 -42.98 -34.50
C GLU C 46 -10.13 -42.85 -34.84
N TYR C 47 -9.41 -42.09 -34.01
CA TYR C 47 -7.97 -41.86 -34.21
C TYR C 47 -7.18 -43.11 -33.80
N PRO C 48 -6.24 -43.56 -34.64
CA PRO C 48 -5.33 -44.64 -34.22
C PRO C 48 -4.61 -44.23 -32.95
N GLN C 49 -4.31 -45.21 -32.10
CA GLN C 49 -3.76 -44.97 -30.76
C GLN C 49 -2.42 -45.68 -30.58
N PHE C 50 -1.52 -45.02 -29.84
CA PHE C 50 -0.20 -45.56 -29.55
C PHE C 50 0.06 -45.44 -28.06
N SER C 51 0.58 -46.51 -27.46
CA SER C 51 0.63 -46.61 -26.02
C SER C 51 1.84 -45.91 -25.42
N SER C 52 2.81 -45.50 -26.24
CA SER C 52 3.99 -44.84 -25.68
C SER C 52 4.62 -43.98 -26.75
N MET C 53 5.45 -43.02 -26.30
CA MET C 53 6.20 -42.21 -27.26
C MET C 53 7.07 -43.09 -28.14
N ALA C 54 7.67 -44.13 -27.56
CA ALA C 54 8.50 -45.04 -28.34
C ALA C 54 7.68 -45.70 -29.45
N LYS C 55 6.48 -46.18 -29.12
CA LYS C 55 5.67 -46.85 -30.12
C LYS C 55 5.16 -45.86 -31.16
N LEU C 56 4.87 -44.61 -30.75
CA LEU C 56 4.50 -43.58 -31.70
C LEU C 56 5.62 -43.32 -32.69
N LYS C 57 6.87 -43.27 -32.21
CA LYS C 57 7.99 -42.99 -33.11
C LYS C 57 8.30 -44.18 -34.00
N ALA C 58 8.09 -45.40 -33.52
CA ALA C 58 8.46 -46.59 -34.31
C ALA C 58 7.54 -46.84 -35.49
N PHE C 59 6.32 -46.36 -35.43
CA PHE C 59 5.32 -46.69 -36.44
C PHE C 59 5.59 -45.94 -37.75
N PRO C 60 5.41 -46.60 -38.91
CA PRO C 60 5.65 -45.92 -40.21
C PRO C 60 4.48 -45.05 -40.67
N HIS C 61 4.28 -43.92 -39.97
CA HIS C 61 3.24 -42.97 -40.36
C HIS C 61 3.44 -42.51 -41.79
N SER C 62 2.34 -42.30 -42.51
CA SER C 62 2.46 -41.87 -43.90
C SER C 62 1.36 -40.95 -44.37
N GLU C 63 0.24 -40.87 -43.66
CA GLU C 63 -0.92 -40.12 -44.14
C GLU C 63 -0.89 -38.68 -43.64
N ASP C 64 -0.50 -37.74 -44.51
CA ASP C 64 -0.45 -36.33 -44.14
C ASP C 64 -1.78 -35.84 -43.57
N GLY C 65 -1.71 -35.15 -42.42
CA GLY C 65 -2.87 -34.58 -41.79
C GLY C 65 -3.59 -35.49 -40.82
N GLN C 66 -3.24 -36.77 -40.78
CA GLN C 66 -3.96 -37.70 -39.92
C GLN C 66 -3.75 -37.33 -38.45
N LEU C 67 -4.84 -37.33 -37.67
CA LEU C 67 -4.77 -37.20 -36.22
C LEU C 67 -4.60 -38.58 -35.61
N VAL C 68 -3.66 -38.70 -34.67
CA VAL C 68 -3.40 -39.92 -33.95
C VAL C 68 -3.36 -39.57 -32.47
N ARG C 69 -3.61 -40.57 -31.63
CA ARG C 69 -3.66 -40.35 -30.19
C ARG C 69 -2.50 -41.06 -29.52
N LEU C 70 -1.70 -40.31 -28.77
CA LEU C 70 -0.69 -40.86 -27.87
C LEU C 70 -1.32 -41.06 -26.51
N LEU C 71 -1.34 -42.30 -26.04
CA LEU C 71 -2.01 -42.56 -24.77
C LEU C 71 -1.18 -42.11 -23.58
N SER C 72 0.16 -42.18 -23.70
CA SER C 72 1.06 -41.90 -22.61
C SER C 72 2.44 -41.66 -23.20
N TRP C 73 3.23 -40.78 -22.58
CA TRP C 73 4.62 -40.65 -23.01
C TRP C 73 5.40 -41.90 -22.67
N HIS C 74 5.44 -42.23 -21.38
CA HIS C 74 6.04 -43.46 -20.91
C HIS C 74 5.00 -44.58 -20.90
N GLU C 75 5.39 -45.75 -21.40
CA GLU C 75 4.49 -46.89 -21.44
C GLU C 75 3.90 -47.20 -20.07
N GLY C 76 2.58 -47.33 -20.02
CA GLY C 76 1.89 -47.79 -18.83
C GLY C 76 1.62 -46.73 -17.78
N VAL C 77 2.05 -45.49 -17.99
CA VAL C 77 1.91 -44.45 -16.96
C VAL C 77 0.58 -43.71 -17.09
N GLY C 78 0.23 -43.28 -18.29
CA GLY C 78 -1.00 -42.52 -18.49
C GLY C 78 -0.87 -41.02 -18.43
N LEU C 79 0.36 -40.49 -18.50
CA LEU C 79 0.62 -39.06 -18.48
C LEU C 79 1.32 -38.64 -19.75
N GLY C 80 1.08 -37.40 -20.17
CA GLY C 80 1.82 -36.85 -21.28
C GLY C 80 1.28 -37.18 -22.65
N GLY C 81 0.14 -37.88 -22.72
CA GLY C 81 -0.46 -38.18 -24.01
C GLY C 81 -1.16 -36.97 -24.59
N GLY C 82 -1.82 -37.20 -25.72
CA GLY C 82 -2.53 -36.14 -26.41
C GLY C 82 -2.67 -36.50 -27.87
N LEU C 83 -3.29 -35.58 -28.62
CA LEU C 83 -3.43 -35.75 -30.07
C LEU C 83 -2.20 -35.20 -30.76
N PHE C 84 -1.79 -35.88 -31.84
CA PHE C 84 -0.72 -35.46 -32.72
C PHE C 84 -1.23 -35.48 -34.14
N LYS C 85 -0.81 -34.50 -34.94
CA LYS C 85 -1.18 -34.43 -36.34
C LYS C 85 0.04 -34.84 -37.17
N VAL C 86 -0.14 -35.85 -38.03
CA VAL C 86 0.93 -36.28 -38.92
C VAL C 86 1.17 -35.17 -39.93
N SER C 87 2.43 -34.83 -40.15
CA SER C 87 2.82 -33.84 -41.15
C SER C 87 3.95 -34.39 -42.00
N THR C 88 3.65 -34.64 -43.28
CA THR C 88 4.65 -35.01 -44.26
C THR C 88 5.43 -33.81 -44.77
N SER C 89 4.95 -32.58 -44.53
CA SER C 89 5.66 -31.42 -45.02
C SER C 89 6.56 -30.76 -43.98
N SER C 90 6.30 -30.96 -42.69
CA SER C 90 7.11 -30.32 -41.67
C SER C 90 8.54 -30.81 -41.74
N THR C 91 9.48 -29.87 -41.64
CA THR C 91 10.88 -30.20 -41.46
C THR C 91 11.38 -29.72 -40.10
N ALA C 92 10.46 -29.50 -39.18
CA ALA C 92 10.79 -29.02 -37.84
C ALA C 92 11.70 -29.99 -37.12
N THR C 93 12.58 -29.45 -36.28
CA THR C 93 13.49 -30.27 -35.49
C THR C 93 12.74 -31.01 -34.40
N GLY C 94 13.02 -32.30 -34.25
CA GLY C 94 12.34 -33.09 -33.24
C GLY C 94 12.77 -32.67 -31.83
N ASN C 95 11.81 -32.70 -30.90
CA ASN C 95 12.12 -32.48 -29.49
C ASN C 95 11.50 -33.54 -28.57
N ASP C 96 10.93 -34.62 -29.12
CA ASP C 96 10.36 -35.71 -28.34
C ASP C 96 9.29 -35.23 -27.38
N GLY C 97 8.64 -34.11 -27.68
CA GLY C 97 7.60 -33.57 -26.81
C GLY C 97 6.42 -33.03 -27.61
N THR C 98 6.64 -31.93 -28.33
CA THR C 98 5.61 -31.34 -29.18
C THR C 98 5.89 -31.52 -30.66
N VAL C 99 7.14 -31.77 -31.04
CA VAL C 99 7.51 -32.10 -32.41
C VAL C 99 8.21 -33.44 -32.33
N VAL C 100 7.59 -34.48 -32.86
CA VAL C 100 8.12 -35.84 -32.76
C VAL C 100 8.53 -36.29 -34.16
N VAL C 101 9.75 -36.78 -34.31
CA VAL C 101 10.23 -37.30 -35.59
C VAL C 101 10.14 -38.81 -35.51
N ALA C 102 9.27 -39.41 -36.33
CA ALA C 102 9.17 -40.85 -36.37
C ALA C 102 10.41 -41.48 -37.01
N SER C 103 10.52 -42.80 -36.89
CA SER C 103 11.71 -43.49 -37.39
C SER C 103 11.88 -43.37 -38.90
N ASN C 104 10.81 -43.04 -39.62
CA ASN C 104 10.89 -42.81 -41.07
C ASN C 104 11.01 -41.33 -41.43
N GLY C 105 11.16 -40.44 -40.45
CA GLY C 105 11.34 -39.04 -40.73
C GLY C 105 10.08 -38.20 -40.77
N VAL C 106 8.90 -38.82 -40.75
CA VAL C 106 7.66 -38.05 -40.78
C VAL C 106 7.49 -37.31 -39.45
N ARG C 107 7.01 -36.07 -39.51
CA ARG C 107 6.84 -35.33 -38.27
C ARG C 107 5.44 -35.57 -37.70
N LEU C 108 5.34 -35.58 -36.38
CA LEU C 108 4.08 -35.64 -35.66
C LEU C 108 4.04 -34.39 -34.79
N LEU C 109 3.02 -33.56 -34.98
CA LEU C 109 2.95 -32.27 -34.32
C LEU C 109 1.86 -32.32 -33.25
N ARG C 110 2.27 -32.16 -31.99
CA ARG C 110 1.30 -32.25 -30.91
C ARG C 110 0.28 -31.12 -31.00
N VAL C 111 -0.99 -31.48 -30.82
CA VAL C 111 -2.07 -30.50 -30.69
C VAL C 111 -2.15 -30.11 -29.21
N VAL C 112 -1.84 -28.85 -28.91
CA VAL C 112 -1.90 -28.36 -27.55
C VAL C 112 -2.89 -27.21 -27.51
N ASN C 113 -3.68 -27.18 -26.44
CA ASN C 113 -4.58 -26.07 -26.15
C ASN C 113 -4.22 -25.61 -24.76
N GLY C 114 -3.73 -24.38 -24.63
CA GLY C 114 -3.31 -23.90 -23.34
C GLY C 114 -1.83 -24.15 -23.12
N PRO C 115 -1.42 -24.20 -21.86
CA PRO C 115 0.00 -24.28 -21.55
C PRO C 115 0.59 -25.60 -21.99
N ILE C 116 1.92 -25.57 -22.18
CA ILE C 116 2.70 -26.80 -22.31
C ILE C 116 2.81 -27.42 -20.92
N TRP C 117 2.81 -28.75 -20.86
CA TRP C 117 3.03 -29.46 -19.61
C TRP C 117 4.33 -30.25 -19.70
N ALA C 118 5.10 -30.28 -18.59
CA ALA C 118 6.41 -30.93 -18.63
C ALA C 118 6.30 -32.44 -18.95
N ASP C 119 5.20 -33.10 -18.55
CA ASP C 119 5.05 -34.51 -18.83
C ASP C 119 4.92 -34.78 -20.32
N MET C 120 4.57 -33.76 -21.12
CA MET C 120 4.57 -33.91 -22.57
C MET C 120 5.96 -34.18 -23.13
N PHE C 121 7.02 -33.88 -22.36
CA PHE C 121 8.40 -34.12 -22.74
C PHE C 121 8.99 -35.27 -21.94
N GLY C 122 8.14 -36.07 -21.27
CA GLY C 122 8.58 -37.22 -20.55
C GLY C 122 8.88 -36.99 -19.09
N ALA C 123 8.66 -35.78 -18.58
CA ALA C 123 8.80 -35.58 -17.13
C ALA C 123 7.81 -36.48 -16.41
N LEU C 124 8.22 -36.98 -15.24
CA LEU C 124 7.36 -37.82 -14.42
C LEU C 124 7.24 -37.24 -13.02
N PRO C 125 6.08 -37.37 -12.39
CA PRO C 125 5.88 -36.88 -11.02
C PRO C 125 6.40 -37.85 -9.97
N ASN C 126 6.82 -37.30 -8.82
CA ASN C 126 7.18 -38.12 -7.66
C ASN C 126 8.27 -39.12 -8.01
N SER C 127 9.22 -38.70 -8.84
CA SER C 127 10.28 -39.54 -9.35
C SER C 127 11.61 -39.13 -8.74
N ASP C 128 12.55 -40.07 -8.58
CA ASP C 128 13.86 -39.60 -8.15
C ASP C 128 14.84 -39.44 -9.30
N ILE C 129 14.39 -39.62 -10.55
CA ILE C 129 15.20 -39.22 -11.69
C ILE C 129 15.31 -37.71 -11.71
N ASP C 130 16.48 -37.22 -12.13
CA ASP C 130 16.64 -35.80 -12.37
C ASP C 130 15.60 -35.33 -13.37
N SER C 131 14.68 -34.46 -12.93
CA SER C 131 13.67 -33.90 -13.81
C SER C 131 14.12 -32.63 -14.50
N MET C 132 15.26 -32.06 -14.12
CA MET C 132 15.61 -30.77 -14.67
C MET C 132 15.80 -30.83 -16.18
N PRO C 133 16.39 -31.89 -16.76
CA PRO C 133 16.50 -31.90 -18.24
C PRO C 133 15.17 -31.88 -18.96
N ALA C 134 14.18 -32.66 -18.52
CA ALA C 134 12.88 -32.64 -19.19
C ALA C 134 12.17 -31.31 -18.98
N VAL C 135 12.25 -30.75 -17.76
CA VAL C 135 11.64 -29.44 -17.54
C VAL C 135 12.30 -28.39 -18.41
N ALA C 136 13.64 -28.43 -18.52
CA ALA C 136 14.36 -27.44 -19.32
C ALA C 136 14.02 -27.56 -20.79
N ALA C 137 13.88 -28.79 -21.31
CA ALA C 137 13.52 -28.97 -22.71
C ALA C 137 12.09 -28.50 -22.98
N ALA C 138 11.16 -28.87 -22.08
CA ALA C 138 9.79 -28.39 -22.22
C ALA C 138 9.75 -26.87 -22.16
N TYR C 139 10.55 -26.27 -21.26
CA TYR C 139 10.56 -24.82 -21.14
C TYR C 139 11.12 -24.17 -22.40
N ALA C 140 12.20 -24.72 -22.95
CA ALA C 140 12.75 -24.16 -24.18
C ALA C 140 11.69 -24.11 -25.27
N TYR C 141 10.93 -25.20 -25.41
CA TYR C 141 9.86 -25.18 -26.41
C TYR C 141 8.77 -24.17 -26.06
N ALA C 142 8.32 -24.20 -24.81
CA ALA C 142 7.25 -23.31 -24.38
C ALA C 142 7.61 -21.84 -24.66
N ALA C 143 8.82 -21.45 -24.28
CA ALA C 143 9.25 -20.08 -24.55
C ALA C 143 9.25 -19.80 -26.04
N SER C 144 9.65 -20.79 -26.84
CA SER C 144 9.73 -20.56 -28.28
C SER C 144 8.36 -20.29 -28.89
N VAL C 145 7.26 -20.71 -28.23
CA VAL C 145 5.93 -20.38 -28.75
C VAL C 145 5.14 -19.48 -27.80
N ASN C 146 5.84 -18.72 -26.95
CA ASN C 146 5.25 -17.70 -26.07
C ASN C 146 4.10 -18.26 -25.22
N THR C 147 4.29 -19.48 -24.71
CA THR C 147 3.30 -20.25 -23.97
C THR C 147 3.88 -20.64 -22.62
N ASP C 148 3.10 -20.52 -21.54
CA ASP C 148 3.67 -20.91 -20.24
C ASP C 148 3.84 -22.43 -20.14
N LEU C 149 4.75 -22.84 -19.24
CA LEU C 149 4.98 -24.25 -18.94
C LEU C 149 4.38 -24.61 -17.60
N TYR C 150 3.54 -25.64 -17.56
CA TYR C 150 3.02 -26.19 -16.33
C TYR C 150 3.86 -27.39 -15.89
N ILE C 151 4.11 -27.50 -14.60
CA ILE C 151 4.65 -28.71 -13.98
C ILE C 151 3.56 -29.28 -13.08
N GLY C 152 3.07 -30.48 -13.37
CA GLY C 152 2.02 -31.05 -12.55
C GLY C 152 2.46 -31.24 -11.11
N VAL C 153 1.54 -30.92 -10.19
CA VAL C 153 1.88 -30.93 -8.78
C VAL C 153 2.35 -32.30 -8.36
N ALA C 154 3.51 -32.33 -7.70
CA ALA C 154 4.21 -33.53 -7.27
C ALA C 154 5.54 -33.11 -6.67
N THR C 155 6.37 -34.08 -6.28
CA THR C 155 7.74 -33.77 -5.93
C THR C 155 8.64 -34.03 -7.13
N TYR C 156 9.70 -33.25 -7.21
CA TYR C 156 10.67 -33.33 -8.29
C TYR C 156 12.06 -33.18 -7.72
N LYS C 157 13.05 -33.79 -8.36
CA LYS C 157 14.44 -33.54 -8.03
C LYS C 157 15.12 -32.86 -9.20
N PHE C 158 15.83 -31.77 -8.91
CA PHE C 158 16.68 -31.10 -9.88
C PHE C 158 18.12 -31.38 -9.50
N LYS C 159 18.87 -32.04 -10.40
CA LYS C 159 20.26 -32.36 -10.15
C LYS C 159 21.12 -31.71 -11.22
N GLY C 160 22.37 -32.15 -11.35
CA GLY C 160 23.20 -31.50 -12.34
C GLY C 160 23.61 -30.09 -11.92
N SER C 161 24.00 -29.29 -12.91
CA SER C 161 24.52 -27.96 -12.63
C SER C 161 24.12 -26.95 -13.71
N THR C 162 23.07 -27.24 -14.49
CA THR C 162 22.64 -26.36 -15.57
C THR C 162 21.45 -25.55 -15.08
N PRO C 163 21.57 -24.23 -14.94
CA PRO C 163 20.42 -23.42 -14.53
C PRO C 163 19.36 -23.39 -15.61
N ILE C 164 18.13 -23.14 -15.18
CA ILE C 164 17.04 -22.79 -16.09
C ILE C 164 16.92 -21.28 -16.11
N ASN C 165 17.04 -20.70 -17.30
CA ASN C 165 16.97 -19.26 -17.52
C ASN C 165 15.57 -18.96 -18.05
N VAL C 166 14.69 -18.52 -17.16
CA VAL C 166 13.33 -18.12 -17.53
C VAL C 166 13.37 -16.78 -18.24
N ASP C 167 12.70 -16.72 -19.40
CA ASP C 167 12.57 -15.48 -20.17
C ASP C 167 11.15 -14.98 -19.92
N PRO C 168 10.94 -13.98 -19.06
CA PRO C 168 9.57 -13.58 -18.71
C PRO C 168 8.80 -12.94 -19.85
N SER C 169 9.49 -12.58 -20.94
CA SER C 169 8.83 -12.06 -22.13
C SER C 169 8.24 -13.14 -22.99
N ARG C 170 8.50 -14.41 -22.65
CA ARG C 170 8.06 -15.53 -23.48
C ARG C 170 7.30 -16.59 -22.70
N ALA C 171 7.73 -16.94 -21.49
CA ALA C 171 7.10 -18.07 -20.81
C ALA C 171 7.48 -18.11 -19.34
N GLY C 172 6.50 -18.42 -18.49
CA GLY C 172 6.76 -18.69 -17.10
C GLY C 172 6.71 -20.19 -16.81
N ILE C 173 7.09 -20.55 -15.59
CA ILE C 173 7.02 -21.94 -15.11
C ILE C 173 6.06 -21.94 -13.92
N ILE C 174 5.01 -22.75 -14.02
CA ILE C 174 3.88 -22.73 -13.10
C ILE C 174 3.70 -24.12 -12.51
N GLY C 175 3.88 -24.25 -11.19
CA GLY C 175 3.55 -25.49 -10.52
C GLY C 175 2.04 -25.62 -10.39
N TYR C 176 1.43 -26.68 -10.94
CA TYR C 176 -0.01 -26.71 -11.18
C TYR C 176 -0.64 -28.01 -10.65
N GLN C 177 -1.42 -27.95 -9.56
CA GLN C 177 -1.51 -26.80 -8.66
C GLN C 177 -1.63 -27.38 -7.25
N GLY C 178 -0.84 -26.81 -6.34
CA GLY C 178 -0.74 -27.36 -5.02
C GLY C 178 0.67 -27.12 -4.49
N LYS C 179 1.15 -28.04 -3.68
CA LYS C 179 2.43 -27.81 -3.00
C LYS C 179 3.54 -28.49 -3.81
N VAL C 180 3.95 -27.83 -4.89
CA VAL C 180 4.94 -28.43 -5.79
C VAL C 180 6.32 -28.31 -5.16
N ARG C 181 7.02 -29.44 -5.04
CA ARG C 181 8.27 -29.53 -4.27
C ARG C 181 9.42 -29.78 -5.24
N ILE C 182 10.33 -28.83 -5.35
CA ILE C 182 11.47 -28.87 -6.26
C ILE C 182 12.71 -29.00 -5.38
N ASP C 183 13.14 -30.24 -5.19
CA ASP C 183 14.30 -30.57 -4.38
C ASP C 183 15.57 -30.35 -5.18
N CYS C 184 16.33 -29.31 -4.83
CA CYS C 184 17.60 -29.00 -5.49
C CYS C 184 18.81 -29.32 -4.62
N SER C 185 18.66 -30.23 -3.66
CA SER C 185 19.72 -30.54 -2.72
C SER C 185 20.94 -31.11 -3.40
N GLU C 186 20.79 -31.75 -4.57
CA GLU C 186 21.94 -32.28 -5.29
C GLU C 186 22.40 -31.40 -6.45
N PHE C 187 21.76 -30.26 -6.67
CA PHE C 187 22.16 -29.35 -7.73
C PHE C 187 23.43 -28.59 -7.33
N THR C 188 24.38 -28.51 -8.27
CA THR C 188 25.68 -27.90 -7.98
C THR C 188 26.02 -26.73 -8.88
N GLY C 189 25.08 -26.21 -9.66
CA GLY C 189 25.32 -25.04 -10.48
C GLY C 189 25.29 -23.75 -9.67
N SER C 190 25.58 -22.64 -10.37
CA SER C 190 25.70 -21.36 -9.67
C SER C 190 24.35 -20.84 -9.18
N ILE C 191 23.29 -21.06 -9.97
CA ILE C 191 21.92 -20.62 -9.68
C ILE C 191 21.00 -21.69 -10.21
N VAL C 192 19.88 -21.92 -9.51
CA VAL C 192 18.89 -22.85 -10.04
C VAL C 192 18.09 -22.19 -11.15
N PHE C 193 17.51 -21.04 -10.86
CA PHE C 193 16.73 -20.29 -11.82
C PHE C 193 17.33 -18.89 -11.96
N SER C 194 17.36 -18.40 -13.17
CA SER C 194 17.46 -16.96 -13.38
C SER C 194 16.22 -16.48 -14.11
N ILE C 195 15.91 -15.21 -13.97
CA ILE C 195 14.77 -14.64 -14.70
C ILE C 195 15.27 -13.37 -15.40
N ASN C 196 15.28 -13.40 -16.72
CA ASN C 196 15.83 -12.27 -17.47
C ASN C 196 15.31 -12.30 -18.90
N SER C 197 14.82 -11.15 -19.37
CA SER C 197 14.25 -11.04 -20.71
C SER C 197 15.30 -11.18 -21.81
N SER C 198 14.88 -11.76 -22.95
CA SER C 198 15.74 -11.80 -24.13
C SER C 198 15.65 -10.55 -25.00
N TYR C 199 14.81 -9.58 -24.62
CA TYR C 199 14.55 -8.37 -25.42
C TYR C 199 15.00 -7.11 -24.68
N SER C 200 15.32 -6.07 -25.46
CA SER C 200 15.65 -4.78 -24.89
C SER C 200 14.44 -3.84 -24.80
N TYR C 201 13.40 -4.08 -25.59
CA TYR C 201 12.18 -3.29 -25.43
C TYR C 201 10.93 -4.10 -25.75
N THR C 202 10.59 -4.24 -27.03
CA THR C 202 9.40 -4.99 -27.35
C THR C 202 9.77 -6.37 -27.88
N PRO C 203 8.95 -7.41 -27.64
CA PRO C 203 7.64 -7.37 -27.00
C PRO C 203 7.67 -7.49 -25.48
N ALA C 204 8.82 -7.35 -24.82
CA ALA C 204 8.83 -7.42 -23.35
C ALA C 204 7.85 -6.42 -22.73
N ALA C 205 7.81 -5.20 -23.29
CA ALA C 205 6.91 -4.15 -22.82
C ALA C 205 5.44 -4.52 -23.00
N TYR C 206 5.13 -5.51 -23.84
CA TYR C 206 3.77 -5.99 -24.03
C TYR C 206 3.46 -7.29 -23.28
N TYR C 207 4.48 -8.08 -23.00
CA TYR C 207 4.33 -9.49 -22.62
C TYR C 207 4.73 -9.83 -21.20
N ASN C 208 5.69 -9.12 -20.60
CA ASN C 208 6.19 -9.58 -19.30
C ASN C 208 5.07 -9.72 -18.28
N ASN C 209 4.09 -8.82 -18.33
CA ASN C 209 3.02 -8.73 -17.33
C ASN C 209 1.91 -9.74 -17.54
N LEU C 210 1.87 -10.43 -18.69
CA LEU C 210 0.69 -11.22 -19.03
C LEU C 210 0.59 -12.54 -18.24
N SER C 211 1.70 -13.03 -17.69
CA SER C 211 1.70 -14.25 -16.89
C SER C 211 2.91 -14.20 -15.97
N PRO C 212 2.89 -14.94 -14.86
CA PRO C 212 4.06 -14.91 -13.96
C PRO C 212 5.24 -15.63 -14.59
N ALA C 213 6.43 -15.29 -14.09
CA ALA C 213 7.63 -15.99 -14.50
C ALA C 213 7.82 -17.29 -13.71
N LEU C 214 7.48 -17.28 -12.42
CA LEU C 214 7.54 -18.47 -11.57
C LEU C 214 6.35 -18.42 -10.64
N GLN C 215 5.67 -19.55 -10.46
CA GLN C 215 4.52 -19.62 -9.57
C GLN C 215 4.39 -21.02 -8.98
N GLY C 216 4.17 -21.09 -7.67
CA GLY C 216 3.63 -22.29 -7.07
C GLY C 216 4.68 -23.31 -6.68
N LEU C 217 5.91 -22.88 -6.43
CA LEU C 217 7.03 -23.81 -6.29
C LEU C 217 7.74 -23.61 -4.95
N TYR C 218 7.98 -24.70 -4.23
CA TYR C 218 8.95 -24.72 -3.11
C TYR C 218 10.28 -25.21 -3.67
N VAL C 219 11.26 -24.32 -3.70
CA VAL C 219 12.56 -24.59 -4.30
C VAL C 219 13.59 -24.57 -3.18
N PHE C 220 14.28 -25.69 -2.97
CA PHE C 220 15.21 -25.69 -1.84
C PHE C 220 16.52 -26.40 -2.15
N GLY C 221 17.57 -25.98 -1.42
CA GLY C 221 18.88 -26.62 -1.53
C GLY C 221 19.31 -27.32 -0.26
N ALA C 222 20.63 -27.42 -0.07
CA ALA C 222 21.23 -28.02 1.12
C ALA C 222 22.26 -27.08 1.74
N LYS C 223 22.11 -25.77 1.49
CA LYS C 223 23.01 -24.75 2.02
C LYS C 223 24.45 -25.01 1.58
N THR C 224 24.59 -25.50 0.35
CA THR C 224 25.93 -25.65 -0.23
C THR C 224 26.49 -24.30 -0.65
N SER C 225 27.75 -24.04 -0.28
CA SER C 225 28.38 -22.78 -0.67
C SER C 225 28.47 -22.67 -2.19
N GLY C 226 28.08 -21.50 -2.72
CA GLY C 226 28.18 -21.22 -4.13
C GLY C 226 26.98 -21.59 -4.98
N VAL C 227 25.90 -22.08 -4.39
CA VAL C 227 24.69 -22.45 -5.13
C VAL C 227 23.58 -21.53 -4.66
N ASP C 228 23.19 -20.59 -5.52
CA ASP C 228 22.10 -19.68 -5.20
C ASP C 228 20.78 -20.23 -5.74
N GLY C 229 19.67 -19.74 -5.17
CA GLY C 229 18.37 -20.22 -5.62
C GLY C 229 17.87 -19.48 -6.86
N LEU C 230 17.52 -18.21 -6.69
CA LEU C 230 16.91 -17.41 -7.75
C LEU C 230 17.75 -16.16 -8.01
N LEU C 231 18.16 -15.97 -9.27
CA LEU C 231 18.80 -14.75 -9.74
C LEU C 231 17.75 -13.92 -10.47
N VAL C 232 17.52 -12.70 -9.96
CA VAL C 232 16.52 -11.80 -10.49
C VAL C 232 17.27 -10.85 -11.43
N GLY C 233 17.18 -11.12 -12.74
CA GLY C 233 17.97 -10.38 -13.71
C GLY C 233 19.17 -11.16 -14.22
N ARG C 234 20.27 -10.46 -14.51
CA ARG C 234 21.42 -10.98 -15.26
C ARG C 234 22.66 -11.02 -14.39
N GLU C 235 23.48 -12.06 -14.60
CA GLU C 235 24.68 -12.25 -13.81
C GLU C 235 25.73 -11.19 -14.11
N THR C 236 25.92 -10.87 -15.38
CA THR C 236 26.90 -9.87 -15.81
C THR C 236 26.22 -8.85 -16.70
N VAL C 237 26.84 -7.69 -16.87
CA VAL C 237 26.20 -6.63 -17.64
C VAL C 237 26.21 -7.00 -19.11
N GLY C 238 25.04 -6.93 -19.73
CA GLY C 238 24.98 -7.14 -21.16
C GLY C 238 25.30 -5.88 -21.94
N SER C 239 25.58 -6.08 -23.22
CA SER C 239 25.80 -4.94 -24.10
C SER C 239 24.50 -4.20 -24.38
N ASP C 240 23.37 -4.91 -24.37
CA ASP C 240 22.07 -4.27 -24.47
C ASP C 240 21.30 -4.52 -23.19
N LYS C 241 20.31 -3.67 -22.92
CA LYS C 241 19.56 -3.87 -21.70
C LYS C 241 18.59 -5.02 -21.86
N SER C 242 18.18 -5.59 -20.73
CA SER C 242 17.16 -6.63 -20.68
C SER C 242 15.90 -6.01 -20.04
N TYR C 243 14.80 -6.00 -20.79
CA TYR C 243 13.58 -5.29 -20.36
C TYR C 243 12.78 -6.21 -19.45
N ASN C 244 12.97 -6.08 -18.13
CA ASN C 244 12.38 -7.00 -17.19
C ASN C 244 11.15 -6.46 -16.45
N GLY C 245 10.78 -5.20 -16.66
CA GLY C 245 9.71 -4.62 -15.86
C GLY C 245 8.40 -5.39 -16.00
N GLN C 246 7.70 -5.53 -14.89
CA GLN C 246 6.39 -6.14 -14.72
C GLN C 246 6.46 -7.65 -14.55
N THR C 247 7.67 -8.23 -14.46
CA THR C 247 7.82 -9.66 -14.24
C THR C 247 7.48 -10.05 -12.81
N GLU C 248 6.66 -11.08 -12.65
CA GLU C 248 6.18 -11.51 -11.33
C GLU C 248 6.75 -12.86 -10.93
N VAL C 249 7.15 -12.96 -9.67
CA VAL C 249 7.39 -14.23 -8.99
C VAL C 249 6.35 -14.33 -7.87
N ARG C 250 5.55 -15.39 -7.86
CA ARG C 250 4.49 -15.46 -6.85
C ARG C 250 4.34 -16.86 -6.30
N GLU C 251 3.93 -16.93 -5.04
CA GLU C 251 3.57 -18.20 -4.44
C GLU C 251 4.71 -19.21 -4.58
N CYS C 252 5.93 -18.74 -4.27
CA CYS C 252 7.12 -19.57 -4.27
C CYS C 252 7.84 -19.42 -2.94
N THR C 253 8.55 -20.47 -2.55
CA THR C 253 9.40 -20.45 -1.37
C THR C 253 10.80 -20.80 -1.82
N PHE C 254 11.78 -20.02 -1.38
CA PHE C 254 13.20 -20.30 -1.63
C PHE C 254 13.86 -20.54 -0.29
N ASP C 255 14.60 -21.66 -0.18
CA ASP C 255 15.00 -22.17 1.12
C ASP C 255 16.35 -22.85 1.00
N LYS C 256 17.23 -22.64 1.97
CA LYS C 256 18.46 -23.44 2.11
C LYS C 256 19.36 -23.36 0.87
N PHE C 257 19.46 -22.16 0.31
CA PHE C 257 20.49 -21.86 -0.67
C PHE C 257 21.59 -21.02 -0.02
N ASP C 258 22.57 -20.62 -0.82
CA ASP C 258 23.62 -19.73 -0.33
C ASP C 258 23.04 -18.32 -0.23
N ARG C 259 22.75 -17.71 -1.37
CA ARG C 259 21.75 -16.63 -1.44
C ARG C 259 20.47 -17.22 -2.02
N ASN C 260 19.37 -17.13 -1.27
CA ASN C 260 18.09 -17.61 -1.77
C ASN C 260 17.62 -16.81 -2.96
N ILE C 261 17.67 -15.48 -2.84
CA ILE C 261 17.21 -14.55 -3.86
C ILE C 261 18.28 -13.48 -3.99
N ARG C 262 18.80 -13.30 -5.19
CA ARG C 262 19.85 -12.31 -5.43
C ARG C 262 19.46 -11.47 -6.62
N MET C 263 19.55 -10.14 -6.45
CA MET C 263 19.31 -9.24 -7.58
C MET C 263 20.54 -9.17 -8.47
N GLY C 264 20.32 -9.27 -9.78
CA GLY C 264 21.36 -9.06 -10.77
C GLY C 264 21.14 -7.77 -11.53
N HIS C 265 21.86 -7.65 -12.65
CA HIS C 265 21.65 -6.50 -13.51
C HIS C 265 20.26 -6.57 -14.13
N ASN C 266 19.75 -5.41 -14.53
CA ASN C 266 18.40 -5.33 -15.09
C ASN C 266 17.33 -5.75 -14.08
N SER C 267 17.59 -5.57 -12.78
CA SER C 267 16.57 -5.92 -11.78
C SER C 267 15.70 -4.70 -11.56
N TRP C 268 14.61 -4.60 -12.34
CA TRP C 268 13.73 -3.45 -12.23
C TRP C 268 12.27 -3.85 -12.46
N ARG C 269 11.40 -3.31 -11.59
CA ARG C 269 9.93 -3.52 -11.61
C ARG C 269 9.52 -5.00 -11.60
N PHE C 270 10.33 -5.86 -10.99
CA PHE C 270 9.85 -7.16 -10.57
C PHE C 270 8.87 -6.98 -9.43
N VAL C 271 7.84 -7.84 -9.39
CA VAL C 271 6.90 -7.89 -8.29
C VAL C 271 6.89 -9.32 -7.75
N PHE C 272 6.83 -9.43 -6.42
CA PHE C 272 6.81 -10.68 -5.69
C PHE C 272 5.57 -10.70 -4.81
N TYR C 273 4.77 -11.77 -4.91
CA TYR C 273 3.56 -11.92 -4.09
C TYR C 273 3.63 -13.25 -3.37
N LYS C 274 3.45 -13.22 -2.04
CA LYS C 274 3.42 -14.44 -1.24
C LYS C 274 4.68 -15.27 -1.46
N VAL C 275 5.84 -14.62 -1.47
CA VAL C 275 7.10 -15.32 -1.59
C VAL C 275 7.72 -15.45 -0.20
N ASN C 276 8.23 -16.64 0.10
CA ASN C 276 8.90 -16.95 1.34
C ASN C 276 10.38 -17.14 1.05
N SER C 277 11.24 -16.57 1.90
CA SER C 277 12.68 -16.82 1.83
C SER C 277 13.19 -17.05 3.24
N LEU C 278 13.85 -18.19 3.48
CA LEU C 278 14.27 -18.55 4.82
C LEU C 278 15.52 -19.42 4.78
N ASN C 279 16.25 -19.42 5.91
CA ASN C 279 17.30 -20.41 6.19
C ASN C 279 18.34 -20.52 5.07
N ALA C 280 18.92 -19.38 4.69
CA ALA C 280 20.01 -19.34 3.71
C ALA C 280 21.36 -19.42 4.42
N LEU C 281 22.39 -19.75 3.65
CA LEU C 281 23.75 -19.87 4.20
C LEU C 281 24.44 -18.51 4.34
N SER C 282 24.35 -17.67 3.31
CA SER C 282 25.12 -16.43 3.28
C SER C 282 24.64 -15.48 4.36
N PRO C 283 25.55 -14.69 4.94
CA PRO C 283 25.11 -13.62 5.83
C PRO C 283 24.10 -12.70 5.16
N ASN C 284 24.13 -12.64 3.82
CA ASN C 284 23.21 -11.81 3.04
C ASN C 284 22.17 -12.64 2.29
N GLY C 285 21.93 -13.87 2.71
CA GLY C 285 21.28 -14.84 1.86
C GLY C 285 19.76 -14.78 1.79
N ILE C 286 19.07 -14.06 2.68
CA ILE C 286 17.61 -14.03 2.55
C ILE C 286 17.21 -13.26 1.31
N LEU C 287 17.87 -12.15 1.06
CA LEU C 287 17.63 -11.32 -0.13
C LEU C 287 18.81 -10.39 -0.25
N TYR C 288 19.53 -10.48 -1.35
CA TYR C 288 20.78 -9.73 -1.52
C TYR C 288 20.70 -8.86 -2.76
N VAL C 289 20.93 -7.56 -2.58
CA VAL C 289 21.02 -6.61 -3.67
C VAL C 289 22.43 -6.05 -3.69
N PRO C 290 23.35 -6.63 -4.46
CA PRO C 290 24.74 -6.18 -4.42
C PRO C 290 24.93 -4.78 -5.02
N ALA C 291 26.04 -4.17 -4.64
CA ALA C 291 26.39 -2.89 -5.23
C ALA C 291 26.77 -3.06 -6.69
N GLY C 292 26.59 -1.99 -7.45
CA GLY C 292 27.12 -1.92 -8.79
C GLY C 292 26.25 -2.49 -9.86
N LEU C 293 24.97 -2.69 -9.59
CA LEU C 293 24.08 -3.26 -10.60
C LEU C 293 23.78 -2.23 -11.67
N ASP C 294 23.73 -2.69 -12.92
CA ASP C 294 23.40 -1.85 -14.05
C ASP C 294 21.90 -1.94 -14.36
N ASP C 295 21.30 -0.81 -14.77
CA ASP C 295 19.90 -0.79 -15.21
C ASP C 295 18.95 -1.42 -14.18
N SER C 296 19.15 -1.06 -12.91
CA SER C 296 18.38 -1.73 -11.86
C SER C 296 17.88 -0.70 -10.87
N GLY C 297 16.86 -1.11 -10.12
CA GLY C 297 16.45 -0.35 -8.93
C GLY C 297 15.08 0.27 -8.99
N GLU C 298 14.32 0.16 -10.09
CA GLU C 298 13.00 0.79 -10.17
C GLU C 298 11.95 -0.09 -9.50
N ILE C 299 11.45 0.36 -8.35
CA ILE C 299 10.24 -0.16 -7.71
C ILE C 299 10.26 -1.69 -7.66
N LEU C 300 11.27 -2.23 -6.98
CA LEU C 300 11.22 -3.67 -6.71
C LEU C 300 10.20 -3.89 -5.61
N SER C 301 9.17 -4.69 -5.87
CA SER C 301 7.94 -4.66 -5.08
C SER C 301 7.61 -6.04 -4.50
N PHE C 302 7.29 -6.07 -3.21
CA PHE C 302 7.04 -7.30 -2.48
C PHE C 302 5.72 -7.15 -1.74
N TYR C 303 4.76 -8.00 -2.06
CA TYR C 303 3.43 -7.97 -1.44
C TYR C 303 3.26 -9.24 -0.64
N HIS C 304 3.03 -9.08 0.67
CA HIS C 304 2.75 -10.20 1.57
C HIS C 304 3.80 -11.29 1.46
N CYS C 305 5.05 -10.88 1.47
CA CYS C 305 6.19 -11.80 1.45
C CYS C 305 6.73 -11.97 2.87
N GLN C 306 7.38 -13.10 3.12
CA GLN C 306 7.86 -13.42 4.46
C GLN C 306 9.35 -13.78 4.37
N PHE C 307 10.17 -13.04 5.09
CA PHE C 307 11.63 -13.12 5.07
C PHE C 307 12.03 -13.48 6.48
N PHE C 308 12.55 -14.70 6.69
CA PHE C 308 12.50 -15.18 8.07
C PHE C 308 13.49 -16.30 8.34
N ASP C 309 13.75 -16.49 9.64
CA ASP C 309 14.41 -17.69 10.15
C ASP C 309 15.71 -17.95 9.39
N GLY C 310 16.49 -16.88 9.27
CA GLY C 310 17.71 -16.94 8.48
C GLY C 310 18.83 -17.74 9.13
N ALA C 311 18.77 -17.93 10.45
CA ALA C 311 19.81 -18.67 11.17
C ALA C 311 21.19 -18.14 10.80
N GLY C 312 21.30 -16.81 10.73
CA GLY C 312 22.53 -16.15 10.37
C GLY C 312 22.49 -15.44 9.04
N SER C 313 21.51 -15.74 8.21
CA SER C 313 21.32 -15.04 6.95
C SER C 313 20.32 -13.89 7.13
N ASN C 314 20.47 -12.86 6.28
CA ASN C 314 19.77 -11.59 6.46
C ASN C 314 19.43 -11.01 5.09
N ILE C 315 18.79 -9.84 5.10
CA ILE C 315 18.59 -9.03 3.89
C ILE C 315 19.69 -7.99 3.83
N ARG C 316 20.28 -7.77 2.66
CA ARG C 316 21.20 -6.63 2.54
C ARG C 316 20.97 -5.91 1.23
N LEU C 317 20.68 -4.61 1.31
CA LEU C 317 20.58 -3.72 0.16
C LEU C 317 21.86 -2.89 0.11
N SER C 318 22.68 -3.13 -0.91
CA SER C 318 23.96 -2.44 -1.09
C SER C 318 24.04 -1.60 -2.36
N CYS C 319 23.05 -1.72 -3.25
CA CYS C 319 23.08 -0.99 -4.51
C CYS C 319 22.57 0.43 -4.31
N SER C 320 23.26 1.38 -4.92
CA SER C 320 22.83 2.77 -4.91
C SER C 320 21.65 2.96 -5.88
N SER C 321 20.90 4.04 -5.65
CA SER C 321 19.79 4.45 -6.51
C SER C 321 18.83 3.29 -6.73
N TYR C 322 18.36 2.74 -5.61
CA TYR C 322 17.59 1.50 -5.60
C TYR C 322 16.37 1.72 -4.73
N THR C 323 15.19 1.41 -5.25
CA THR C 323 13.92 1.76 -4.61
C THR C 323 13.12 0.48 -4.44
N MET C 324 12.82 0.13 -3.18
CA MET C 324 12.13 -1.12 -2.85
C MET C 324 10.87 -0.80 -2.05
N VAL C 325 9.82 -1.58 -2.29
CA VAL C 325 8.54 -1.39 -1.60
C VAL C 325 8.11 -2.73 -1.06
N PHE C 326 7.83 -2.79 0.24
CA PHE C 326 7.39 -3.98 0.94
C PHE C 326 6.02 -3.68 1.57
N ASN C 327 5.01 -4.40 1.13
CA ASN C 327 3.64 -4.23 1.60
C ASN C 327 3.22 -5.50 2.31
N THR C 328 2.79 -5.35 3.55
CA THR C 328 2.36 -6.44 4.44
C THR C 328 3.34 -7.60 4.45
N CYS C 329 4.63 -7.28 4.44
CA CYS C 329 5.67 -8.30 4.58
C CYS C 329 6.04 -8.45 6.05
N SER C 330 6.71 -9.55 6.37
CA SER C 330 7.27 -9.70 7.72
C SER C 330 8.74 -10.04 7.61
N PHE C 331 9.50 -9.51 8.57
CA PHE C 331 10.94 -9.69 8.66
C PHE C 331 11.20 -10.29 10.03
N LEU C 332 11.48 -11.60 10.10
CA LEU C 332 11.46 -12.36 11.34
C LEU C 332 12.81 -13.03 11.59
N ASN C 333 13.44 -12.70 12.72
CA ASN C 333 14.70 -13.34 13.13
C ASN C 333 15.79 -13.13 12.09
N ILE C 334 15.76 -11.94 11.48
CA ILE C 334 16.75 -11.50 10.50
C ILE C 334 16.94 -10.00 10.67
N THR C 335 18.05 -9.49 10.14
CA THR C 335 18.31 -8.06 10.05
C THR C 335 18.10 -7.59 8.61
N PHE C 336 17.57 -6.39 8.44
CA PHE C 336 17.50 -5.71 7.15
C PHE C 336 18.62 -4.67 7.14
N PHE C 337 19.70 -4.97 6.44
CA PHE C 337 20.84 -4.08 6.30
C PHE C 337 20.66 -3.20 5.07
N VAL C 338 21.02 -1.92 5.19
CA VAL C 338 21.09 -1.01 4.04
C VAL C 338 22.44 -0.33 4.14
N ASP C 339 23.34 -0.60 3.20
CA ASP C 339 24.63 0.08 3.20
C ASP C 339 24.97 0.68 1.84
N SER C 340 23.96 0.90 1.01
CA SER C 340 24.12 1.57 -0.28
C SER C 340 24.92 2.87 -0.16
N ALA C 341 25.80 3.13 -1.11
CA ALA C 341 26.56 4.38 -1.06
C ALA C 341 25.65 5.61 -1.10
N SER C 342 24.55 5.56 -1.88
CA SER C 342 23.61 6.67 -1.86
C SER C 342 22.28 6.28 -2.50
N SER C 343 21.23 6.99 -2.10
CA SER C 343 19.95 7.01 -2.81
C SER C 343 19.21 5.68 -2.77
N ALA C 344 19.33 4.93 -1.68
CA ALA C 344 18.39 3.85 -1.46
C ALA C 344 17.11 4.44 -0.87
N THR C 345 15.96 3.95 -1.33
CA THR C 345 14.68 4.31 -0.71
C THR C 345 13.91 3.02 -0.49
N VAL C 346 13.74 2.64 0.77
CA VAL C 346 12.95 1.45 1.13
C VAL C 346 11.69 1.90 1.84
N THR C 347 10.54 1.43 1.38
CA THR C 347 9.26 1.76 2.01
C THR C 347 8.60 0.47 2.47
N CYS C 348 8.34 0.36 3.77
CA CYS C 348 7.66 -0.77 4.37
C CYS C 348 6.29 -0.31 4.85
N ASN C 349 5.25 -0.74 4.16
CA ASN C 349 3.88 -0.37 4.49
C ASN C 349 3.19 -1.55 5.14
N GLY C 350 2.82 -1.42 6.41
CA GLY C 350 2.03 -2.49 7.02
C GLY C 350 2.81 -3.76 7.23
N CYS C 351 4.11 -3.64 7.53
CA CYS C 351 4.99 -4.79 7.76
C CYS C 351 5.17 -5.03 9.25
N ASN C 352 5.69 -6.21 9.58
CA ASN C 352 6.09 -6.55 10.95
C ASN C 352 7.59 -6.86 10.98
N PHE C 353 8.24 -6.40 12.04
CA PHE C 353 9.63 -6.73 12.37
C PHE C 353 9.63 -7.36 13.75
N ALA C 354 10.12 -8.60 13.88
CA ALA C 354 10.02 -9.27 15.17
C ALA C 354 11.05 -10.38 15.28
N ASN C 355 11.13 -10.92 16.50
CA ASN C 355 12.12 -11.92 16.90
C ASN C 355 11.50 -13.18 17.49
N PRO C 356 10.53 -13.79 16.81
CA PRO C 356 9.78 -14.90 17.45
C PRO C 356 10.65 -16.12 17.75
N GLY C 357 10.72 -16.45 19.04
CA GLY C 357 11.46 -17.60 19.48
C GLY C 357 12.96 -17.42 19.49
N SER C 358 13.46 -16.21 19.29
CA SER C 358 14.89 -15.97 19.18
C SER C 358 15.42 -15.25 20.41
N ALA C 359 16.58 -15.69 20.89
CA ALA C 359 17.31 -14.98 21.94
C ALA C 359 18.30 -13.97 21.36
N SER C 360 18.41 -13.87 20.04
CA SER C 360 19.42 -13.04 19.42
C SER C 360 19.17 -11.55 19.68
N THR C 361 20.25 -10.80 19.92
CA THR C 361 20.16 -9.35 20.05
C THR C 361 20.37 -8.64 18.70
N ARG C 362 20.27 -9.35 17.59
CA ARG C 362 20.47 -8.75 16.27
C ARG C 362 19.56 -7.54 16.06
N ARG C 363 20.04 -6.59 15.27
CA ARG C 363 19.19 -5.46 14.91
C ARG C 363 18.08 -5.90 13.95
N TYR C 364 17.01 -5.11 13.92
CA TYR C 364 15.95 -5.32 12.93
C TYR C 364 16.24 -4.58 11.63
N VAL C 365 16.64 -3.31 11.75
CA VAL C 365 16.97 -2.48 10.60
C VAL C 365 18.27 -1.77 10.91
N ASP C 366 19.25 -1.89 10.01
CA ASP C 366 20.59 -1.31 10.22
C ASP C 366 20.96 -0.59 8.94
N ILE C 367 20.69 0.71 8.91
CA ILE C 367 21.09 1.58 7.81
C ILE C 367 22.46 2.12 8.22
N SER C 368 23.52 1.53 7.67
CA SER C 368 24.83 1.59 8.30
C SER C 368 25.85 2.42 7.56
N ALA C 369 25.56 2.85 6.34
CA ALA C 369 26.58 3.51 5.53
C ALA C 369 25.88 4.37 4.49
N GLY C 370 26.69 5.13 3.73
CA GLY C 370 26.16 5.91 2.64
C GLY C 370 25.51 7.20 3.10
N HIS C 371 24.89 7.87 2.13
CA HIS C 371 24.16 9.10 2.41
C HIS C 371 22.91 9.13 1.55
N THR C 372 21.95 9.95 1.96
CA THR C 372 20.71 10.14 1.18
C THR C 372 19.96 8.81 1.02
N ASN C 373 20.06 7.94 2.02
CA ASN C 373 19.30 6.70 2.11
C ASN C 373 18.10 6.94 3.02
N VAL C 374 16.95 6.46 2.59
CA VAL C 374 15.67 6.70 3.24
C VAL C 374 15.01 5.36 3.51
N PHE C 375 14.54 5.15 4.73
CA PHE C 375 13.85 3.92 5.12
C PHE C 375 12.56 4.36 5.81
N ASN C 376 11.41 3.94 5.26
CA ASN C 376 10.08 4.30 5.79
C ASN C 376 9.44 3.08 6.43
N ILE C 377 8.92 3.26 7.65
CA ILE C 377 8.09 2.24 8.31
C ILE C 377 6.74 2.88 8.53
N ILE C 378 5.73 2.44 7.78
CA ILE C 378 4.42 3.08 7.78
C ILE C 378 3.40 2.04 8.23
N GLY C 379 2.80 2.24 9.40
CA GLY C 379 1.84 1.26 9.89
C GLY C 379 2.54 -0.05 10.24
N GLY C 380 1.75 -1.11 10.35
CA GLY C 380 2.35 -2.38 10.76
C GLY C 380 2.76 -2.36 12.24
N SER C 381 3.82 -3.10 12.55
CA SER C 381 4.19 -3.35 13.94
C SER C 381 5.68 -3.62 14.06
N ILE C 382 6.18 -3.39 15.26
CA ILE C 382 7.52 -3.79 15.66
C ILE C 382 7.36 -4.51 16.98
N VAL C 383 7.78 -5.77 17.03
CA VAL C 383 7.57 -6.63 18.20
C VAL C 383 8.91 -7.10 18.73
N THR C 384 9.11 -6.98 20.06
CA THR C 384 10.40 -7.27 20.71
C THR C 384 10.15 -8.21 21.89
N ASN C 385 9.99 -9.50 21.58
CA ASN C 385 9.83 -10.49 22.63
C ASN C 385 11.06 -10.51 23.53
N SER C 386 10.86 -10.92 24.79
CA SER C 386 11.96 -10.85 25.75
C SER C 386 13.14 -11.72 25.33
N ASN C 387 14.34 -11.26 25.67
CA ASN C 387 15.55 -12.05 25.50
C ASN C 387 16.42 -11.76 26.72
N PRO C 388 17.61 -12.34 26.84
CA PRO C 388 18.40 -12.12 28.07
C PRO C 388 18.81 -10.67 28.30
N GLY C 389 18.63 -9.78 27.33
CA GLY C 389 18.96 -8.38 27.50
C GLY C 389 19.28 -7.78 26.15
N GLN C 390 18.50 -6.78 25.73
CA GLN C 390 18.67 -6.20 24.39
C GLN C 390 19.70 -5.10 24.49
N THR C 391 20.95 -5.44 24.24
CA THR C 391 22.09 -4.61 24.57
C THR C 391 22.52 -3.71 23.43
N GLN C 392 21.79 -3.69 22.32
CA GLN C 392 22.05 -2.71 21.27
C GLN C 392 20.71 -2.27 20.69
N ALA C 393 20.75 -1.15 19.98
CA ALA C 393 19.54 -0.63 19.35
C ALA C 393 19.05 -1.56 18.24
N LEU C 394 17.74 -1.80 18.22
CA LEU C 394 17.18 -2.65 17.17
C LEU C 394 16.98 -1.90 15.86
N LEU C 395 16.92 -0.58 15.90
CA LEU C 395 16.92 0.23 14.68
C LEU C 395 18.14 1.13 14.73
N TYR C 396 18.82 1.27 13.59
CA TYR C 396 20.02 2.09 13.52
C TYR C 396 19.99 2.87 12.22
N VAL C 397 20.26 4.17 12.28
CA VAL C 397 20.31 4.99 11.07
C VAL C 397 21.56 5.87 11.11
N SER C 398 22.45 5.67 10.15
CA SER C 398 23.76 6.32 10.16
C SER C 398 23.70 7.75 9.59
N THR C 399 24.83 8.44 9.74
CA THR C 399 24.92 9.85 9.37
C THR C 399 24.45 10.07 7.95
N ASP C 400 23.67 11.13 7.76
CA ASP C 400 23.16 11.63 6.48
C ASP C 400 22.04 10.76 5.90
N ASN C 401 21.54 9.79 6.67
CA ASN C 401 20.43 8.96 6.24
C ASN C 401 19.22 9.26 7.13
N LEU C 402 18.09 8.71 6.73
CA LEU C 402 16.80 9.11 7.29
C LEU C 402 15.92 7.89 7.52
N LEU C 403 15.41 7.77 8.75
CA LEU C 403 14.46 6.72 9.12
C LEU C 403 13.15 7.38 9.53
N ASN C 404 12.11 7.13 8.76
CA ASN C 404 10.79 7.74 8.97
C ASN C 404 9.84 6.73 9.57
N LEU C 405 9.23 7.07 10.70
CA LEU C 405 8.23 6.23 11.35
C LEU C 405 6.88 6.91 11.23
N VAL C 406 5.87 6.17 10.74
CA VAL C 406 4.55 6.74 10.51
C VAL C 406 3.50 5.76 11.04
N GLY C 407 2.68 6.19 12.00
CA GLY C 407 1.50 5.39 12.32
C GLY C 407 1.79 4.02 12.90
N VAL C 408 2.87 3.91 13.67
CA VAL C 408 3.32 2.65 14.23
C VAL C 408 3.57 2.88 15.71
N THR C 409 3.41 1.82 16.50
CA THR C 409 3.66 1.90 17.93
C THR C 409 5.09 1.47 18.25
N ALA C 410 5.81 2.32 18.96
CA ALA C 410 7.16 1.93 19.39
C ALA C 410 7.05 0.96 20.56
N PRO C 411 7.65 -0.21 20.48
CA PRO C 411 7.48 -1.19 21.57
C PRO C 411 8.35 -0.82 22.77
N TYR C 412 8.04 -1.44 23.91
CA TYR C 412 8.93 -1.38 25.06
C TYR C 412 8.91 -2.71 25.79
N GLY C 413 10.07 -3.07 26.32
CA GLY C 413 10.20 -4.28 27.11
C GLY C 413 11.20 -4.06 28.23
N GLY C 414 10.94 -4.74 29.35
CA GLY C 414 11.81 -4.61 30.52
C GLY C 414 13.22 -5.13 30.32
N HIS C 415 13.43 -5.95 29.28
CA HIS C 415 14.75 -6.46 28.96
C HIS C 415 15.59 -5.48 28.15
N TYR C 416 15.07 -4.29 27.85
CA TYR C 416 15.81 -3.33 27.05
C TYR C 416 17.03 -2.81 27.79
N GLN C 417 18.20 -2.89 27.13
CA GLN C 417 19.47 -2.49 27.72
C GLN C 417 20.32 -1.79 26.66
N GLN C 418 19.68 -0.96 25.82
CA GLN C 418 20.37 -0.32 24.70
C GLN C 418 21.50 0.59 25.16
N GLU C 419 21.45 1.07 26.40
CA GLU C 419 22.53 1.92 26.91
C GLU C 419 23.87 1.19 26.88
N GLN C 420 23.88 -0.15 26.83
CA GLN C 420 25.17 -0.83 26.72
C GLN C 420 25.88 -0.46 25.42
N GLU C 421 25.13 -0.25 24.33
CA GLU C 421 25.71 0.28 23.10
C GLU C 421 25.80 1.79 23.12
N LEU C 422 24.68 2.46 23.43
CA LEU C 422 24.57 3.88 23.16
C LEU C 422 25.17 4.76 24.25
N GLY C 423 25.29 4.24 25.47
CA GLY C 423 25.57 5.07 26.63
C GLY C 423 24.33 5.52 27.37
N TYR C 424 23.17 5.41 26.74
CA TYR C 424 21.93 5.93 27.31
C TYR C 424 20.77 5.10 26.77
N HIS C 425 19.61 5.26 27.40
CA HIS C 425 18.48 4.35 27.19
C HIS C 425 17.55 4.92 26.13
N ALA C 426 17.70 4.45 24.88
CA ALA C 426 16.88 4.90 23.76
C ALA C 426 16.73 3.75 22.77
N PHE C 427 15.72 3.87 21.92
CA PHE C 427 15.38 2.74 21.05
C PHE C 427 16.21 2.66 19.77
N ILE C 428 16.67 3.79 19.25
CA ILE C 428 17.28 3.88 17.93
C ILE C 428 18.70 4.43 18.05
N GLY C 429 19.64 3.85 17.31
CA GLY C 429 21.01 4.30 17.29
C GLY C 429 21.36 5.02 15.99
N GLY C 430 22.57 5.60 15.98
CA GLY C 430 23.16 6.17 14.78
C GLY C 430 23.01 7.69 14.71
N ALA C 431 23.88 8.31 13.91
CA ALA C 431 23.92 9.76 13.81
C ALA C 431 23.07 10.31 12.67
N GLY C 432 22.23 9.49 12.07
CA GLY C 432 21.26 9.97 11.10
C GLY C 432 20.09 10.66 11.78
N THR C 433 19.00 10.79 11.03
CA THR C 433 17.79 11.50 11.44
C THR C 433 16.61 10.54 11.50
N VAL C 434 15.78 10.70 12.54
CA VAL C 434 14.52 9.97 12.67
C VAL C 434 13.38 10.98 12.64
N THR C 435 12.30 10.66 11.93
CA THR C 435 11.09 11.46 12.02
C THR C 435 9.94 10.59 12.51
N THR C 436 8.93 11.24 13.08
CA THR C 436 7.72 10.52 13.50
C THR C 436 6.49 11.25 13.01
N SER C 437 5.47 10.48 12.68
CA SER C 437 4.17 11.02 12.31
C SER C 437 3.14 10.01 12.81
N GLY C 438 2.28 10.40 13.74
CA GLY C 438 1.30 9.44 14.23
C GLY C 438 1.89 8.27 14.99
N VAL C 439 3.07 8.45 15.60
CA VAL C 439 3.69 7.36 16.36
C VAL C 439 3.11 7.32 17.78
N MET C 440 2.81 6.11 18.23
CA MET C 440 2.32 5.85 19.56
C MET C 440 3.45 5.31 20.42
N LEU C 441 3.58 5.83 21.63
CA LEU C 441 4.47 5.27 22.63
C LEU C 441 3.65 4.40 23.58
N GLN C 442 4.30 3.44 24.22
CA GLN C 442 3.58 2.56 25.15
C GLN C 442 3.58 3.18 26.54
N LEU C 443 2.74 4.21 26.69
CA LEU C 443 2.69 5.04 27.89
C LEU C 443 2.16 4.28 29.11
N ARG C 444 1.43 3.19 28.89
CA ARG C 444 0.84 2.42 29.98
C ARG C 444 1.51 1.08 30.17
N ASN C 445 2.64 0.85 29.50
CA ASN C 445 3.44 -0.35 29.68
C ASN C 445 4.08 -0.31 31.08
N GLY C 446 3.76 -1.30 31.92
CA GLY C 446 4.23 -1.27 33.30
C GLY C 446 5.74 -1.31 33.44
N ALA C 447 6.44 -1.87 32.45
CA ALA C 447 7.89 -1.94 32.49
C ALA C 447 8.54 -0.61 32.13
N GLY C 448 7.86 0.24 31.36
CA GLY C 448 8.36 1.55 31.05
C GLY C 448 8.09 1.91 29.59
N THR C 449 8.82 2.96 29.19
CA THR C 449 8.82 3.57 27.87
C THR C 449 10.18 4.22 27.72
N CYS C 450 10.66 4.36 26.48
CA CYS C 450 11.92 5.08 26.33
C CYS C 450 11.83 6.06 25.17
N PRO C 451 12.68 7.09 25.17
CA PRO C 451 12.77 7.96 23.99
C PRO C 451 13.26 7.17 22.79
N LEU C 452 12.95 7.69 21.62
CA LEU C 452 13.30 6.97 20.39
C LEU C 452 14.71 7.29 19.91
N HIS C 453 15.10 8.57 19.84
CA HIS C 453 16.37 8.88 19.16
C HIS C 453 16.92 10.23 19.60
N SER C 454 18.25 10.34 19.54
CA SER C 454 18.95 11.60 19.79
C SER C 454 18.42 12.75 18.92
N SER C 455 18.11 12.49 17.65
CA SER C 455 17.69 13.56 16.75
C SER C 455 16.31 14.12 17.08
N LEU C 456 15.56 13.46 17.95
CA LEU C 456 14.26 13.93 18.42
C LEU C 456 14.35 14.60 19.77
N SER C 457 15.56 14.87 20.25
CA SER C 457 15.74 15.48 21.58
C SER C 457 14.94 16.77 21.72
N THR C 458 14.16 16.86 22.80
CA THR C 458 13.41 18.08 23.11
C THR C 458 14.34 19.21 23.49
N PHE C 459 15.40 18.91 24.24
CA PHE C 459 16.21 19.92 24.86
C PHE C 459 17.56 20.04 24.17
N SER C 460 18.07 21.28 24.14
CA SER C 460 19.38 21.55 23.56
C SER C 460 20.48 21.15 24.54
N ASN C 461 21.62 20.76 23.98
CA ASN C 461 22.77 20.34 24.79
C ASN C 461 22.38 19.20 25.73
N TRP C 462 21.52 18.31 25.24
CA TRP C 462 20.97 17.23 26.05
C TRP C 462 22.06 16.27 26.48
N ASN C 463 23.11 16.10 25.67
CA ASN C 463 24.19 15.19 25.97
C ASN C 463 25.44 15.91 26.44
N PHE C 464 25.34 17.22 26.72
CA PHE C 464 26.46 18.06 27.10
C PHE C 464 27.55 18.02 26.03
N GLY C 465 27.11 17.77 24.79
CA GLY C 465 27.99 17.76 23.63
C GLY C 465 28.54 19.11 23.26
N TYR C 466 27.95 20.19 23.78
CA TYR C 466 28.51 21.51 23.60
C TYR C 466 29.90 21.66 24.22
N GLY C 467 30.26 20.80 25.16
CA GLY C 467 31.48 20.99 25.93
C GLY C 467 31.34 21.98 27.07
N ASN C 468 30.11 22.27 27.47
CA ASN C 468 29.78 23.23 28.52
C ASN C 468 28.33 23.00 28.94
N LEU C 469 27.82 23.85 29.82
CA LEU C 469 26.46 23.74 30.32
C LEU C 469 25.52 24.75 29.66
N ASN C 470 25.89 25.27 28.49
CA ASN C 470 25.01 26.21 27.82
C ASN C 470 23.66 25.58 27.53
N ALA C 471 22.63 26.42 27.43
CA ALA C 471 21.22 26.09 27.27
C ALA C 471 20.59 25.63 28.57
N TRP C 472 21.35 25.36 29.61
CA TRP C 472 20.79 24.94 30.89
C TRP C 472 20.79 26.12 31.85
N THR C 473 19.67 26.35 32.50
CA THR C 473 19.52 27.41 33.50
C THR C 473 19.83 26.82 34.86
N VAL C 474 20.79 27.42 35.57
CA VAL C 474 21.25 26.94 36.87
C VAL C 474 20.77 27.88 37.96
N ASP C 475 20.08 27.33 38.95
CA ASP C 475 19.52 28.08 40.09
C ASP C 475 19.99 27.38 41.36
N LYS C 476 21.04 27.92 41.97
CA LYS C 476 21.56 27.42 43.24
C LYS C 476 20.82 27.99 44.44
N GLY C 477 19.81 28.82 44.21
CA GLY C 477 19.13 29.46 45.32
C GLY C 477 20.08 30.38 46.06
N THR C 478 20.06 30.29 47.38
CA THR C 478 21.00 31.06 48.19
C THR C 478 22.34 30.34 48.33
N GLY C 479 22.47 29.13 47.80
CA GLY C 479 23.70 28.39 48.00
C GLY C 479 24.72 28.72 46.95
N THR C 480 25.62 29.64 47.26
CA THR C 480 26.53 30.16 46.26
C THR C 480 27.73 29.25 46.07
N SER C 481 28.12 28.54 47.12
CA SER C 481 29.26 27.62 47.03
C SER C 481 28.84 26.24 46.51
N SER C 482 27.58 26.05 46.14
CA SER C 482 27.20 24.80 45.50
C SER C 482 27.94 24.67 44.19
N VAL C 483 28.25 23.43 43.80
CA VAL C 483 29.05 23.20 42.61
C VAL C 483 28.13 22.69 41.52
N VAL C 484 28.19 23.34 40.36
CA VAL C 484 27.52 22.88 39.15
C VAL C 484 28.53 23.03 38.03
N GLU C 485 28.95 21.92 37.43
CA GLU C 485 30.07 22.00 36.50
C GLU C 485 29.95 20.99 35.37
N TYR C 486 30.40 21.41 34.19
CA TYR C 486 30.66 20.47 33.11
C TYR C 486 31.95 19.69 33.38
N LEU C 487 31.91 18.37 33.19
CA LEU C 487 33.09 17.50 33.27
C LEU C 487 33.24 16.72 31.97
N ALA C 488 34.41 16.83 31.36
CA ALA C 488 34.65 16.09 30.12
C ALA C 488 34.99 14.64 30.42
N ASN C 489 34.64 13.77 29.48
CA ASN C 489 34.92 12.34 29.56
C ASN C 489 34.47 11.76 30.90
N ALA C 490 33.30 12.21 31.37
CA ALA C 490 32.83 11.85 32.69
C ALA C 490 31.47 11.17 32.69
N GLY C 491 30.90 10.89 31.52
CA GLY C 491 29.63 10.23 31.44
C GLY C 491 29.77 8.71 31.53
N PRO C 492 28.69 8.00 31.18
CA PRO C 492 28.69 6.54 31.32
C PRO C 492 29.81 5.83 30.58
N LYS C 493 30.20 6.30 29.40
CA LYS C 493 31.26 5.67 28.62
C LYS C 493 32.64 6.18 28.97
N GLY C 494 32.73 7.29 29.71
CA GLY C 494 34.02 7.92 29.93
C GLY C 494 34.56 8.67 28.74
N THR C 495 33.75 8.86 27.70
CA THR C 495 34.14 9.58 26.50
C THR C 495 33.22 10.76 26.21
N GLU C 496 32.22 11.00 27.04
CA GLU C 496 31.25 12.05 26.82
C GLU C 496 31.20 12.99 28.02
N GLY C 497 30.61 14.16 27.81
CA GLY C 497 30.45 15.11 28.88
C GLY C 497 29.39 14.71 29.87
N ALA C 498 29.52 15.25 31.08
CA ALA C 498 28.50 15.11 32.11
C ALA C 498 28.39 16.42 32.86
N MET C 499 27.31 16.55 33.62
CA MET C 499 27.10 17.70 34.49
C MET C 499 27.09 17.22 35.92
N ARG C 500 28.02 17.72 36.73
CA ARG C 500 28.08 17.36 38.14
C ARG C 500 27.40 18.45 38.95
N VAL C 501 26.53 18.02 39.87
CA VAL C 501 25.83 18.92 40.77
C VAL C 501 26.07 18.43 42.19
N ALA C 502 26.67 19.30 43.02
CA ALA C 502 26.98 19.00 44.42
C ALA C 502 26.59 20.22 45.23
N PRO C 503 25.31 20.30 45.62
CA PRO C 503 24.82 21.47 46.35
C PRO C 503 25.24 21.46 47.81
N VAL C 504 25.36 22.65 48.36
CA VAL C 504 25.70 22.83 49.76
C VAL C 504 24.64 23.73 50.38
N SER C 505 24.12 23.33 51.53
CA SER C 505 23.15 24.10 52.31
C SER C 505 21.75 23.94 51.73
N VAL C 506 21.52 24.40 50.50
CA VAL C 506 20.22 24.30 49.85
C VAL C 506 20.36 23.57 48.52
N GLY C 507 19.24 23.03 48.05
CA GLY C 507 19.25 22.29 46.80
C GLY C 507 19.49 23.18 45.60
N THR C 508 19.90 22.55 44.50
CA THR C 508 20.14 23.22 43.23
C THR C 508 19.16 22.71 42.19
N ASN C 509 18.68 23.62 41.34
CA ASN C 509 17.75 23.26 40.27
C ASN C 509 18.35 23.66 38.93
N VAL C 510 18.44 22.70 38.02
CA VAL C 510 18.87 22.95 36.65
C VAL C 510 17.70 22.68 35.71
N SER C 511 17.43 23.62 34.81
CA SER C 511 16.18 23.57 34.09
C SER C 511 16.35 24.01 32.64
N GLN C 512 15.36 23.68 31.82
CA GLN C 512 15.32 24.18 30.45
C GLN C 512 13.87 24.15 29.97
N VAL C 513 13.49 25.16 29.16
CA VAL C 513 12.14 25.27 28.62
C VAL C 513 12.23 25.31 27.10
N GLN C 514 11.33 24.57 26.43
CA GLN C 514 11.23 24.59 24.96
C GLN C 514 9.76 24.62 24.55
N ALA C 515 9.53 25.08 23.31
CA ALA C 515 8.17 25.06 22.77
C ALA C 515 7.67 23.65 22.52
N VAL C 516 6.36 23.46 22.71
CA VAL C 516 5.68 22.19 22.47
C VAL C 516 4.26 22.54 22.06
N THR C 517 3.55 21.58 21.50
CA THR C 517 2.14 21.80 21.21
C THR C 517 1.37 20.49 21.28
N ASN C 518 0.08 20.59 21.62
CA ASN C 518 -0.79 19.45 21.38
C ASN C 518 -1.01 19.34 19.87
N PRO C 519 -1.24 18.13 19.36
CA PRO C 519 -1.27 16.83 20.03
C PRO C 519 0.13 16.30 20.23
N GLY C 520 0.33 15.48 21.25
CA GLY C 520 1.64 14.89 21.45
C GLY C 520 1.67 13.93 22.61
N MET C 521 2.74 13.13 22.65
CA MET C 521 3.04 12.30 23.83
C MET C 521 4.56 12.27 23.99
N PHE C 522 5.05 11.87 25.16
CA PHE C 522 6.48 11.99 25.41
C PHE C 522 7.00 10.88 26.30
N SER C 523 8.32 10.66 26.18
CA SER C 523 9.08 9.81 27.07
C SER C 523 10.48 10.38 27.22
N MET C 524 10.98 10.38 28.45
CA MET C 524 12.34 10.84 28.71
C MET C 524 13.11 9.79 29.49
N SER C 525 14.38 9.65 29.14
CA SER C 525 15.34 8.91 29.95
C SER C 525 16.52 9.81 30.28
N CYS C 526 17.14 9.54 31.43
CA CYS C 526 18.32 10.24 31.93
C CYS C 526 19.32 9.20 32.38
N MET C 527 20.60 9.48 32.18
CA MET C 527 21.66 8.71 32.82
C MET C 527 22.10 9.48 34.08
N VAL C 528 22.07 8.82 35.23
CA VAL C 528 22.33 9.47 36.52
C VAL C 528 23.33 8.63 37.28
N ASN C 529 24.31 9.29 37.91
CA ASN C 529 25.30 8.59 38.74
C ASN C 529 25.40 9.32 40.07
N ILE C 530 24.74 8.78 41.10
CA ILE C 530 24.86 9.32 42.45
C ILE C 530 26.19 8.84 43.01
N ALA C 531 27.05 9.79 43.37
CA ALA C 531 28.28 9.54 44.10
C ALA C 531 28.00 9.46 45.59
N THR C 532 27.28 10.46 46.12
CA THR C 532 26.89 10.40 47.53
C THR C 532 25.59 11.16 47.71
N THR C 533 24.82 10.79 48.76
CA THR C 533 23.56 11.49 49.01
C THR C 533 23.09 11.24 50.44
N PRO C 534 22.49 12.22 51.11
CA PRO C 534 22.00 12.02 52.48
C PRO C 534 20.61 11.39 52.58
N GLY C 535 20.07 10.98 51.45
CA GLY C 535 18.70 10.53 51.31
C GLY C 535 18.35 10.54 49.83
N ASN C 536 17.06 10.65 49.54
CA ASN C 536 16.66 10.79 48.14
C ASN C 536 17.46 11.92 47.51
N ALA C 537 18.17 11.62 46.41
CA ALA C 537 19.16 12.56 45.90
C ALA C 537 18.53 13.72 45.15
N GLY C 538 17.27 13.62 44.78
CA GLY C 538 16.60 14.68 44.05
C GLY C 538 15.52 14.10 43.16
N GLN C 539 15.14 14.88 42.16
CA GLN C 539 14.11 14.42 41.25
C GLN C 539 14.23 15.14 39.92
N VAL C 540 13.85 14.44 38.87
CA VAL C 540 13.69 15.03 37.55
C VAL C 540 12.21 15.20 37.31
N SER C 541 11.79 16.37 36.83
CA SER C 541 10.37 16.61 36.60
C SER C 541 10.16 17.25 35.24
N ILE C 542 9.00 16.97 34.65
CA ILE C 542 8.57 17.54 33.37
C ILE C 542 7.21 18.18 33.61
N GLY C 543 7.08 19.44 33.21
CA GLY C 543 5.82 20.15 33.34
C GLY C 543 5.49 20.92 32.08
N PHE C 544 4.21 21.28 31.94
CA PHE C 544 3.71 21.97 30.77
C PHE C 544 3.09 23.30 31.14
N LEU C 545 3.27 24.29 30.27
CA LEU C 545 2.66 25.60 30.42
C LEU C 545 1.98 25.99 29.12
N ASP C 546 0.99 26.88 29.23
CA ASP C 546 0.44 27.45 28.01
C ASP C 546 1.33 28.64 27.61
N ALA C 547 0.94 29.32 26.53
CA ALA C 547 1.75 30.42 26.00
C ALA C 547 1.83 31.58 26.99
N ALA C 548 0.83 31.75 27.84
CA ALA C 548 0.77 32.80 28.84
C ALA C 548 1.52 32.46 30.12
N GLY C 549 2.06 31.26 30.25
CA GLY C 549 2.80 30.89 31.44
C GLY C 549 2.00 30.17 32.49
N ASN C 550 0.72 29.88 32.24
CA ASN C 550 -0.08 29.13 33.21
C ASN C 550 0.31 27.66 33.19
N SER C 551 0.42 27.09 34.38
CA SER C 551 0.75 25.68 34.52
C SER C 551 -0.46 24.82 34.15
N LEU C 552 -0.19 23.66 33.54
CA LEU C 552 -1.22 22.75 33.06
C LEU C 552 -1.13 21.38 33.73
N PRO C 553 -2.16 20.55 33.63
CA PRO C 553 -2.04 19.16 34.09
C PRO C 553 -1.09 18.37 33.21
N GLY C 554 -0.74 17.18 33.66
CA GLY C 554 0.14 16.31 32.90
C GLY C 554 1.59 16.31 33.33
N GLY C 555 1.94 17.02 34.40
CA GLY C 555 3.30 16.98 34.91
C GLY C 555 3.65 15.63 35.50
N VAL C 556 4.93 15.26 35.39
CA VAL C 556 5.41 13.97 35.88
C VAL C 556 6.75 14.18 36.56
N SER C 557 7.14 13.24 37.42
CA SER C 557 8.42 13.37 38.09
C SER C 557 8.96 11.99 38.44
N ALA C 558 10.27 11.94 38.64
CA ALA C 558 10.98 10.71 38.97
C ALA C 558 11.97 11.03 40.07
N ASN C 559 11.91 10.29 41.17
CA ASN C 559 12.90 10.42 42.22
C ASN C 559 14.19 9.74 41.81
N LEU C 560 15.31 10.30 42.25
CA LEU C 560 16.60 9.70 41.95
C LEU C 560 16.99 8.58 42.91
N GLY C 561 16.44 8.58 44.11
CA GLY C 561 16.75 7.57 45.11
C GLY C 561 18.15 7.72 45.71
N THR C 562 18.76 6.58 46.02
CA THR C 562 20.01 6.56 46.77
C THR C 562 21.09 5.63 46.21
N THR C 563 20.76 4.78 45.25
CA THR C 563 21.73 3.84 44.72
C THR C 563 22.83 4.55 43.93
N THR C 564 24.08 4.23 44.22
CA THR C 564 25.23 4.86 43.56
C THR C 564 25.50 4.20 42.22
N GLY C 565 26.21 4.92 41.35
CA GLY C 565 26.61 4.33 40.09
C GLY C 565 25.65 4.63 38.95
N TRP C 566 26.13 4.47 37.72
CA TRP C 566 25.31 4.85 36.55
C TRP C 566 24.04 4.03 36.45
N GLN C 567 22.91 4.72 36.33
CA GLN C 567 21.61 4.06 36.21
C GLN C 567 20.70 4.91 35.33
N VAL C 568 19.70 4.23 34.76
CA VAL C 568 18.70 4.87 33.93
C VAL C 568 17.58 5.38 34.82
N ILE C 569 17.23 6.65 34.66
CA ILE C 569 16.10 7.23 35.37
C ILE C 569 15.06 7.66 34.35
N GLY C 570 13.80 7.33 34.63
CA GLY C 570 12.67 7.81 33.84
C GLY C 570 11.83 6.74 33.21
N LYS C 571 12.18 5.45 33.30
CA LYS C 571 11.53 4.44 32.47
C LYS C 571 10.01 4.45 32.60
N ASN C 572 9.48 4.29 33.82
CA ASN C 572 8.03 4.24 33.97
C ASN C 572 7.49 5.46 34.71
N THR C 573 8.21 6.57 34.65
CA THR C 573 7.87 7.80 35.35
C THR C 573 7.78 9.01 34.44
N LEU C 574 8.81 9.23 33.61
CA LEU C 574 8.89 10.45 32.80
C LEU C 574 8.27 10.22 31.43
N ARG C 575 6.93 10.17 31.43
CA ARG C 575 6.21 9.85 30.20
C ARG C 575 4.77 10.32 30.35
N GLY C 576 4.11 10.54 29.21
CA GLY C 576 2.71 10.90 29.29
C GLY C 576 2.24 11.56 28.01
N LYS C 577 1.04 12.13 28.10
CA LYS C 577 0.40 12.83 27.00
C LYS C 577 0.61 14.34 27.16
N VAL C 578 0.75 15.03 26.04
CA VAL C 578 0.85 16.50 26.06
C VAL C 578 -0.53 17.08 26.33
N PRO C 579 -0.72 17.92 27.36
CA PRO C 579 -2.07 18.43 27.63
C PRO C 579 -2.53 19.39 26.54
N ILE C 580 -3.84 19.39 26.28
CA ILE C 580 -4.38 20.28 25.26
C ILE C 580 -4.23 21.72 25.72
N GLY C 581 -3.69 22.57 24.84
CA GLY C 581 -3.38 23.96 25.16
C GLY C 581 -1.95 24.19 25.58
N ALA C 582 -1.15 23.14 25.73
CA ALA C 582 0.26 23.30 26.10
C ALA C 582 1.01 24.00 24.97
N LYS C 583 1.83 24.98 25.34
CA LYS C 583 2.73 25.61 24.38
C LYS C 583 4.18 25.59 24.84
N GLN C 584 4.47 25.18 26.08
CA GLN C 584 5.83 25.07 26.57
C GLN C 584 5.97 23.80 27.38
N VAL C 585 7.15 23.17 27.31
CA VAL C 585 7.52 22.04 28.16
C VAL C 585 8.82 22.41 28.88
N ARG C 586 8.86 22.14 30.18
CA ARG C 586 9.97 22.53 31.06
C ARG C 586 10.46 21.29 31.78
N VAL C 587 11.76 21.04 31.71
CA VAL C 587 12.39 19.99 32.51
C VAL C 587 13.15 20.66 33.64
N ASN C 588 13.08 20.05 34.82
CA ASN C 588 13.80 20.52 35.99
C ASN C 588 14.49 19.35 36.66
N ILE C 589 15.76 19.52 36.98
CA ILE C 589 16.56 18.53 37.66
C ILE C 589 16.89 19.14 39.02
N GLN C 590 16.43 18.50 40.07
CA GLN C 590 16.64 19.00 41.42
C GLN C 590 17.58 18.05 42.13
N THR C 591 18.64 18.61 42.70
CA THR C 591 19.60 17.84 43.48
C THR C 591 19.60 18.42 44.88
N VAL C 592 19.48 17.54 45.89
CA VAL C 592 19.32 18.03 47.26
C VAL C 592 20.66 18.47 47.82
N ALA C 593 20.58 19.27 48.88
CA ALA C 593 21.77 19.71 49.58
C ALA C 593 22.51 18.49 50.11
N GLY C 594 23.83 18.47 49.93
CA GLY C 594 24.66 17.40 50.42
C GLY C 594 24.81 16.24 49.47
N ALA C 595 24.08 16.24 48.36
CA ALA C 595 24.19 15.20 47.35
C ALA C 595 25.29 15.58 46.35
N ASP C 596 25.82 14.55 45.71
CA ASP C 596 26.87 14.72 44.70
C ASP C 596 26.51 13.74 43.60
N VAL C 597 26.04 14.29 42.47
CA VAL C 597 25.40 13.52 41.42
C VAL C 597 25.93 13.96 40.08
N LYS C 598 26.20 13.00 39.20
CA LYS C 598 26.50 13.32 37.81
C LYS C 598 25.31 12.97 36.92
N TYR C 599 25.04 13.83 35.94
CA TYR C 599 23.95 13.67 35.00
C TYR C 599 24.51 13.63 33.58
N ALA C 600 23.93 12.77 32.74
CA ALA C 600 24.34 12.68 31.34
C ALA C 600 23.13 12.29 30.51
N TYR C 601 23.20 12.61 29.23
CA TYR C 601 22.25 12.10 28.23
C TYR C 601 20.80 12.32 28.68
N LEU C 602 20.44 13.58 28.87
CA LEU C 602 19.11 13.95 29.33
C LEU C 602 18.21 14.02 28.11
N LEU C 603 17.69 12.86 27.71
CA LEU C 603 17.03 12.68 26.41
C LEU C 603 15.52 12.56 26.59
N CYS C 604 14.82 13.65 26.29
CA CYS C 604 13.37 13.65 26.19
C CYS C 604 13.00 13.64 24.72
N ASN C 605 12.00 12.84 24.37
CA ASN C 605 11.38 12.91 23.06
C ASN C 605 9.89 13.23 23.26
N VAL C 606 9.45 14.34 22.70
CA VAL C 606 8.04 14.66 22.54
C VAL C 606 7.70 14.39 21.07
N VAL C 607 6.85 13.40 20.81
CA VAL C 607 6.43 13.04 19.44
C VAL C 607 4.98 13.47 19.22
N LYS C 608 4.69 14.16 18.12
CA LYS C 608 5.63 14.65 17.11
C LYS C 608 6.42 15.83 17.65
N LYS C 609 7.70 15.89 17.28
CA LYS C 609 8.58 16.96 17.74
C LYS C 609 8.20 18.26 17.04
N LEU C 610 8.21 19.36 17.79
CA LEU C 610 7.83 20.64 17.18
C LEU C 610 8.95 21.16 16.30
C2 BGC D . 5.04 -0.95 37.83
C3 BGC D . 5.65 -2.28 38.25
C4 BGC D . 6.92 -2.06 39.07
C5 BGC D . 6.69 -1.05 40.20
C6 BGC D . 7.96 -0.66 40.90
C1 BGC D . 4.87 -0.03 39.03
O1 BGC D . 4.33 1.18 38.62
O2 BGC D . 3.78 -1.15 37.21
O3 BGC D . 5.94 -3.05 37.09
O4 BGC D . 7.33 -3.29 39.66
O5 BGC D . 6.12 0.17 39.66
O6 BGC D . 7.85 -0.85 42.31
C1 GLC D . 5.68 -4.47 37.27
C2 GLC D . 6.25 -5.20 36.05
C3 GLC D . 5.52 -4.77 34.79
C4 GLC D . 4.00 -4.95 34.97
C5 GLC D . 3.56 -4.29 36.27
C6 GLC D . 2.07 -4.49 36.51
O2 GLC D . 7.62 -4.88 35.91
O3 GLC D . 6.01 -5.56 33.72
O4 GLC D . 3.26 -4.30 33.96
O5 GLC D . 4.29 -4.79 37.36
O6 GLC D . 1.78 -5.88 36.52
C1 BMA D . 3.11 -5.09 32.75
C2 BMA D . 1.74 -4.72 32.12
C3 BMA D . 1.59 -5.40 30.76
C4 BMA D . 2.85 -5.19 29.87
C5 BMA D . 4.10 -5.64 30.65
C6 BMA D . 5.41 -5.49 29.90
O2 BMA D . 1.67 -3.31 31.87
O3 BMA D . 0.41 -4.96 30.08
O4 BMA D . 2.73 -6.01 28.75
O5 BMA D . 4.19 -4.85 31.85
O6 BMA D . 6.41 -6.16 30.68
C2 BGC D . 2.83 -6.28 26.39
C3 BGC D . 2.89 -5.59 25.03
C4 BGC D . 1.83 -4.49 24.95
C5 BGC D . 1.99 -3.54 26.13
C6 BGC D . 0.95 -2.45 26.17
C1 BGC D . 2.88 -5.25 27.53
O2 BGC D . 3.91 -7.19 26.54
O3 BGC D . 2.67 -6.56 24.02
O4 BGC D . 1.96 -3.74 23.74
O5 BGC D . 1.85 -4.28 27.35
O6 BGC D . 1.21 -1.54 27.23
C1 GLC D . 3.64 -6.44 22.96
C2 GLC D . 3.03 -7.00 21.66
C3 GLC D . 2.74 -8.48 21.83
C4 GLC D . 4.00 -9.22 22.28
C5 GLC D . 4.60 -8.55 23.52
C6 GLC D . 5.97 -9.12 23.86
O2 GLC D . 1.85 -6.26 21.35
O3 GLC D . 2.29 -9.00 20.58
O4 GLC D . 3.64 -10.53 22.64
O5 GLC D . 4.80 -7.18 23.28
O6 GLC D . 6.82 -8.88 22.76
C1 BMA D . 4.07 -11.48 21.64
C2 BMA D . 4.22 -12.86 22.31
C3 BMA D . 4.53 -13.91 21.22
C4 BMA D . 3.54 -13.86 20.07
C5 BMA D . 3.52 -12.44 19.53
C6 BMA D . 2.56 -12.26 18.39
O2 BMA D . 3.00 -13.24 22.92
O3 BMA D . 4.61 -15.23 21.75
O4 BMA D . 3.98 -14.73 19.03
O5 BMA D . 3.11 -11.56 20.61
O6 BMA D . 2.68 -10.91 17.91
C1 GCU D . 5.90 -15.78 21.43
C2 GCU D . 5.92 -17.27 21.72
C3 GCU D . 5.62 -17.51 23.20
C4 GCU D . 6.60 -16.71 24.06
C5 GCU D . 6.58 -15.25 23.58
C6 GCU D . 7.54 -14.38 24.38
O2 GCU D . 4.99 -17.96 20.92
O3 GCU D . 5.72 -18.88 23.50
O4 GCU D . 6.22 -16.75 25.42
O5 GCU D . 6.91 -15.18 22.21
O6A GCU D . 8.73 -14.75 24.45
O6B GCU D . 7.06 -13.34 24.90
C1 GCU D . -0.65 -5.95 30.15
C2 GCU D . -1.54 -5.74 28.92
C3 GCU D . -2.25 -4.41 29.00
C4 GCU D . -2.96 -4.21 30.33
C5 GCU D . -1.98 -4.50 31.48
C6 GCU D . -2.69 -4.42 32.82
O2 GCU D . -0.71 -5.75 27.78
O3 GCU D . -3.25 -4.40 28.01
O4 GCU D . -3.45 -2.88 30.36
O5 GCU D . -1.45 -5.80 31.32
O6A GCU D . -3.50 -5.33 33.10
O6B GCU D . -2.43 -3.46 33.58
C2 BGC E . 5.42 -14.36 14.83
C3 BGC E . 4.73 -15.71 14.55
C4 BGC E . 3.48 -15.89 15.40
C5 BGC E . 2.62 -14.65 15.20
C6 BGC E . 1.29 -14.72 15.91
C1 BGC E . 4.46 -13.18 15.00
O1 BGC E . 5.11 -12.13 15.67
O2 BGC E . 6.28 -14.07 13.73
O3 BGC E . 5.63 -16.79 14.80
O4 BGC E . 2.76 -17.05 14.99
O5 BGC E . 3.32 -13.56 15.77
O6 BGC E . 0.56 -13.52 15.65
C1 GLC E . 5.53 -17.91 13.89
C2 GLC E . 5.68 -19.19 14.72
C3 GLC E . 7.10 -19.24 15.31
C4 GLC E . 8.17 -19.13 14.23
C5 GLC E . 7.86 -17.87 13.41
C6 GLC E . 8.81 -17.69 12.24
O2 GLC E . 4.75 -19.19 15.78
O3 GLC E . 7.25 -20.47 15.99
O4 GLC E . 9.45 -19.02 14.86
O5 GLC E . 6.54 -17.92 12.90
O6 GLC E . 8.84 -18.86 11.44
C1 BMA E . 10.36 -19.98 14.39
C2 BMA E . 11.75 -19.50 14.77
C3 BMA E . 12.78 -20.52 14.30
C4 BMA E . 12.43 -21.94 14.78
C5 BMA E . 10.98 -22.29 14.45
C6 BMA E . 10.54 -23.65 14.97
C6 BMA E . 10.61 -23.61 15.13
O2 BMA E . 11.81 -19.39 16.22
O3 BMA E . 14.07 -20.20 14.77
O4 BMA E . 13.29 -22.87 14.15
O5 BMA E . 10.12 -21.25 15.01
O6 BMA E . 10.54 -23.59 16.38
O6 BMA E . 9.22 -23.83 15.00
C1 GCU E . 14.84 -19.48 13.79
C2 GCU E . 15.88 -20.39 13.13
C3 GCU E . 16.85 -20.89 14.19
C4 GCU E . 17.50 -19.69 14.86
C5 GCU E . 16.43 -18.78 15.44
C6 GCU E . 17.10 -17.53 15.99
O2 GCU E . 15.22 -21.47 12.53
O3 GCU E . 17.84 -21.73 13.61
O4 GCU E . 18.34 -20.11 15.92
O5 GCU E . 15.49 -18.40 14.44
O6A GCU E . 17.39 -17.44 17.20
O6B GCU E . 17.34 -16.60 15.16
C2 BGC F . -23.83 29.69 1.24
C3 BGC F . -25.20 29.29 0.72
C4 BGC F . -26.31 30.05 1.46
C5 BGC F . -26.01 31.55 1.38
C6 BGC F . -27.02 32.40 2.14
C1 BGC F . -23.67 31.21 1.22
O1 BGC F . -22.46 31.55 1.82
O2 BGC F . -22.81 29.09 0.46
O3 BGC F . -25.36 27.88 0.86
O4 BGC F . -27.59 29.80 0.90
O5 BGC F . -24.73 31.82 1.94
O6 BGC F . -27.03 33.73 1.64
C1 GLC F . -26.22 27.28 -0.15
C2 GLC F . -26.24 25.78 0.13
C3 GLC F . -24.88 25.14 -0.15
C4 GLC F . -24.44 25.45 -1.59
C5 GLC F . -24.51 26.96 -1.81
C6 GLC F . -24.19 27.35 -3.26
O2 GLC F . -26.57 25.58 1.49
O3 GLC F . -24.98 23.76 0.14
O4 GLC F . -23.10 25.10 -1.87
O5 GLC F . -25.80 27.47 -1.49
O6 GLC F . -25.09 26.68 -4.12
C1 BMA F . -22.94 23.75 -2.31
C2 BMA F . -21.75 23.72 -3.25
C3 BMA F . -21.42 22.28 -3.63
C4 BMA F . -21.30 21.39 -2.36
C5 BMA F . -22.59 21.53 -1.53
C6 BMA F . -22.61 20.72 -0.26
O2 BMA F . -20.59 24.24 -2.59
O3 BMA F . -20.21 22.21 -4.38
O4 BMA F . -21.16 20.05 -2.75
O5 BMA F . -22.73 22.90 -1.18
O6 BMA F . -23.94 20.82 0.31
C2 BGC F . -20.12 17.91 -2.55
C3 BGC F . -18.89 17.11 -2.07
C4 BGC F . -17.60 17.81 -2.48
C5 BGC F . -17.65 19.26 -2.03
C5 BGC F . -17.63 19.27 -2.03
C6 BGC F . -16.42 20.06 -2.41
C6 BGC F . -16.41 20.07 -2.42
C1 BGC F . -20.02 19.38 -2.17
O2 BGC F . -21.30 17.34 -1.97
O3 BGC F . -18.94 15.80 -2.62
O4 BGC F . -16.49 17.14 -1.88
O5 BGC F . -18.77 19.91 -2.63
O6 BGC F . -15.63 19.39 -3.37
O6 BGC F . -16.48 21.39 -1.88
C1 GLC F . -18.71 14.80 -1.62
C2 GLC F . -18.14 13.56 -2.29
C3 GLC F . -19.12 12.92 -3.26
C4 GLC F . -20.45 12.70 -2.56
C5 GLC F . -20.91 13.96 -1.84
C6 GLC F . -22.12 13.65 -0.97
O2 GLC F . -16.97 13.92 -2.98
O3 GLC F . -18.59 11.69 -3.73
O4 GLC F . -21.44 12.41 -3.53
O5 GLC F . -19.91 14.44 -0.97
O6 GLC F . -21.66 12.75 0.01
C1 BMA F . -21.74 11.00 -3.52
C2 BMA F . -23.16 10.88 -4.03
C3 BMA F . -23.53 9.38 -4.15
C4 BMA F . -22.48 8.60 -4.95
C5 BMA F . -21.10 8.85 -4.34
C6 BMA F . -20.01 8.18 -5.13
O2 BMA F . -23.30 11.51 -5.31
O3 BMA F . -24.84 9.16 -4.67
O4 BMA F . -22.76 7.22 -4.86
O5 BMA F . -20.85 10.28 -4.35
O6 BMA F . -18.79 8.26 -4.38
C1 GCU F . -25.70 8.70 -3.59
C2 GCU F . -27.03 8.19 -4.15
C3 GCU F . -27.79 9.32 -4.85
C4 GCU F . -27.89 10.56 -3.97
C5 GCU F . -26.54 10.89 -3.33
C6 GCU F . -26.58 12.05 -2.35
O2 GCU F . -26.82 7.12 -5.04
O3 GCU F . -29.09 8.85 -5.13
O4 GCU F . -28.29 11.66 -4.76
O5 GCU F . -26.01 9.75 -2.69
O6A GCU F . -27.62 12.74 -2.28
O6B GCU F . -25.54 12.27 -1.69
C1 GCU F . -20.48 21.90 -5.78
C2 GCU F . -19.28 21.17 -6.39
C3 GCU F . -18.04 22.05 -6.44
C4 GCU F . -18.37 23.40 -7.05
C5 GCU F . -19.61 24.02 -6.41
C6 GCU F . -20.06 25.30 -7.10
O2 GCU F . -18.99 20.03 -5.63
O3 GCU F . -17.06 21.41 -7.24
O4 GCU F . -17.28 24.29 -6.88
O5 GCU F . -20.68 23.09 -6.50
O6A GCU F . -20.57 25.18 -8.24
O6B GCU F . -19.89 26.39 -6.51
C2 BGC G . -20.66 3.55 -3.03
C3 BGC G . -21.14 2.74 -4.24
C4 BGC G . -21.20 3.60 -5.49
C5 BGC G . -19.85 4.27 -5.66
C6 BGC G . -19.74 5.06 -6.94
C1 BGC G . -19.53 4.55 -3.33
O1 BGC G . -19.44 5.51 -2.31
O2 BGC G . -20.20 2.65 -2.05
O3 BGC G . -22.45 2.23 -3.98
O4 BGC G . -21.49 2.79 -6.62
O5 BGC G . -19.71 5.21 -4.59
O6 BGC G . -18.47 5.70 -6.99
C1 GLC G . -22.72 0.91 -4.50
C2 GLC G . -24.14 0.91 -5.06
C3 GLC G . -25.16 1.06 -3.93
C4 GLC G . -24.94 0.04 -2.82
C5 GLC G . -23.48 0.10 -2.39
C6 GLC G . -23.14 -0.98 -1.35
O2 GLC G . -24.31 1.99 -5.97
O3 GLC G . -26.48 0.92 -4.43
O4 GLC G . -25.75 0.44 -1.72
O5 GLC G . -22.61 -0.07 -3.49
O6 GLC G . -23.48 -2.27 -1.85
C1 BMA G . -26.56 -0.66 -1.26
C2 BMA G . -27.02 -0.33 0.16
C3 BMA G . -27.94 -1.45 0.63
C4 BMA G . -29.06 -1.73 -0.38
C5 BMA G . -28.48 -1.99 -1.79
C6 BMA G . -29.56 -2.16 -2.84
O2 BMA G . -27.76 0.89 0.18
O3 BMA G . -28.50 -1.13 1.92
O4 BMA G . -29.77 -2.89 0.03
O5 BMA G . -27.69 -0.86 -2.15
O6 BMA G . -30.26 -0.95 -2.95
C1 GCU G . -27.78 -1.73 3.00
C2 GCU G . -28.54 -2.95 3.52
C3 GCU G . -29.91 -2.52 4.02
C4 GCU G . -29.71 -1.51 5.14
C5 GCU G . -28.88 -0.35 4.60
C6 GCU G . -28.55 0.61 5.74
O2 GCU G . -28.72 -3.85 2.45
O3 GCU G . -30.64 -3.62 4.53
O4 GCU G . -30.98 -1.05 5.56
O5 GCU G . -27.65 -0.82 4.09
O6A GCU G . -27.54 0.35 6.44
O6B GCU G . -29.29 1.58 5.93
C2 BGC H . 13.33 3.13 -16.04
C3 BGC H . 13.63 1.79 -16.76
C4 BGC H . 14.95 1.21 -16.29
C5 BGC H . 14.94 1.17 -14.77
C6 BGC H . 16.14 0.51 -14.13
C1 BGC H . 13.71 3.15 -14.55
O1 BGC H . 13.82 4.48 -14.12
O2 BGC H . 11.95 3.42 -16.12
O3 BGC H . 13.65 2.00 -18.18
O4 BGC H . 15.17 -0.09 -16.83
O5 BGC H . 14.94 2.52 -14.31
O6 BGC H . 15.99 0.49 -12.71
C1 GLC H . 13.09 0.90 -18.95
C2 GLC H . 14.02 0.74 -20.15
C3 GLC H . 13.97 1.99 -21.03
C4 GLC H . 12.53 2.30 -21.44
C5 GLC H . 11.65 2.35 -20.18
C6 GLC H . 10.16 2.60 -20.45
O2 GLC H . 15.34 0.55 -19.68
O3 GLC H . 14.75 1.69 -22.19
O4 GLC H . 12.50 3.57 -22.08
O5 GLC H . 11.79 1.16 -19.42
O6 GLC H . 9.65 1.60 -21.32
C1 BMA H . 11.89 3.51 -23.38
C2 BMA H . 11.53 4.94 -23.79
C3 BMA H . 10.87 4.89 -25.17
C4 BMA H . 11.73 4.10 -26.16
C5 BMA H . 12.16 2.71 -25.60
C6 BMA H . 13.13 2.02 -26.56
C6 BMA H . 13.12 2.00 -26.51
O2 BMA H . 12.74 5.72 -23.91
O3 BMA H . 10.62 6.18 -25.70
O4 BMA H . 11.06 3.92 -27.39
O5 BMA H . 12.78 2.90 -24.31
O6 BMA H . 13.84 0.96 -25.92
O6 BMA H . 14.32 2.74 -26.57
C1 GCU H . 9.28 6.61 -25.45
C2 GCU H . 8.46 6.55 -26.74
C3 GCU H . 9.08 7.49 -27.77
C4 GCU H . 9.14 8.89 -27.20
C5 GCU H . 9.89 8.89 -25.88
C6 GCU H . 9.82 10.27 -25.25
O2 GCU H . 8.45 5.21 -27.21
O3 GCU H . 8.31 7.48 -28.96
O4 GCU H . 9.79 9.73 -28.14
O5 GCU H . 9.28 7.95 -24.99
O6A GCU H . 8.79 10.52 -24.59
O6B GCU H . 10.77 11.09 -25.43
C ACE I . -24.35 20.13 1.43
O ACE I . -23.51 19.60 2.15
CH3 ACE I . -25.75 20.34 1.89
C1 EDO J . -23.76 -34.26 -5.19
O1 EDO J . -22.61 -33.55 -5.67
C2 EDO J . -23.46 -35.74 -5.00
C2 EDO J . -23.53 -35.73 -5.47
O2 EDO J . -23.40 -36.31 -6.29
O2 EDO J . -22.35 -36.14 -4.76
C1 EDO K . 3.73 -54.90 -8.97
O1 EDO K . 3.13 -53.71 -8.43
C2 EDO K . 3.29 -56.10 -8.15
O2 EDO K . 1.84 -56.17 -8.20
C1 EDO L . -12.87 -31.71 5.89
O1 EDO L . -12.62 -31.43 7.24
C2 EDO L . -11.81 -32.65 5.39
O2 EDO L . -12.38 -33.53 4.44
C1 EDO M . -22.92 -21.17 -11.19
O1 EDO M . -23.16 -19.81 -10.90
C2 EDO M . -23.01 -21.42 -12.69
O2 EDO M . -24.31 -21.08 -13.16
C1 EDO N . -19.57 5.31 22.02
O1 EDO N . -19.90 4.97 20.69
C2 EDO N . -18.14 5.86 21.99
O2 EDO N . -17.26 4.75 21.83
C1 EDO O . -1.95 21.50 4.67
O1 EDO O . -1.47 22.05 5.90
C2 EDO O . -2.14 20.02 4.92
O2 EDO O . -3.11 19.92 5.97
C1 EDO P . -7.70 38.98 15.02
O1 EDO P . -7.24 40.27 14.61
C2 EDO P . -8.98 38.57 14.32
O2 EDO P . -9.73 39.75 13.97
C1 EDO Q . 3.96 -31.49 13.63
O1 EDO Q . 4.05 -30.29 12.89
C2 EDO Q . 3.79 -31.19 15.10
O2 EDO Q . 5.01 -30.62 15.57
C1 EDO R . -31.47 -4.47 -13.00
C1 EDO R . -31.76 -4.40 -12.54
O1 EDO R . -30.26 -4.23 -13.73
O1 EDO R . -32.27 -3.96 -11.28
C2 EDO R . -31.46 -5.88 -12.42
O2 EDO R . -30.35 -6.04 -11.56
C1 EDO S . -36.15 -36.79 -21.24
O1 EDO S . -35.38 -35.58 -21.36
C2 EDO S . -37.30 -36.72 -22.26
O2 EDO S . -36.77 -36.60 -23.59
C1 EDO T . -11.12 -18.01 -36.35
O1 EDO T . -10.94 -18.21 -34.94
C2 EDO T . -12.38 -18.74 -36.77
O2 EDO T . -12.05 -20.12 -36.92
C1 EDO U . -21.52 -25.03 -38.06
O1 EDO U . -22.80 -25.18 -38.69
C2 EDO U . -21.08 -26.39 -37.56
O2 EDO U . -20.83 -27.26 -38.67
C1 EDO V . 2.17 -14.91 -29.05
C1 EDO V . 1.42 -15.41 -29.18
O1 EDO V . 2.92 -15.02 -30.27
O1 EDO V . 2.28 -14.61 -28.36
C2 EDO V . 1.15 -16.04 -28.98
C2 EDO V . 1.17 -16.70 -28.42
O2 EDO V . 1.47 -16.84 -27.83
O2 EDO V . 1.63 -16.50 -27.08
C ACE W . 7.68 -6.36 30.20
O ACE W . 8.01 -5.66 29.25
CH3 ACE W . 8.68 -6.89 31.18
C1 EDO X . 25.88 0.28 13.12
O1 EDO X . 25.56 0.20 11.74
C2 EDO X . 26.63 -0.97 13.54
O2 EDO X . 25.74 -2.08 13.36
C1 EDO Y . 12.63 -40.95 -27.02
O1 EDO Y . 13.28 -41.41 -28.21
C2 EDO Y . 11.16 -41.26 -27.17
O2 EDO Y . 10.95 -42.67 -27.22
C1 EDO Z . 11.93 -37.40 -14.68
O1 EDO Z . 10.94 -36.36 -14.75
C2 EDO Z . 11.95 -38.11 -16.02
C2 EDO Z . 12.31 -37.84 -16.08
O2 EDO Z . 12.25 -37.15 -17.06
O2 EDO Z . 11.28 -38.68 -16.60
C1 EDO AA . 6.08 -11.79 -30.71
O1 EDO AA . 7.05 -12.77 -30.34
C2 EDO AA . 4.92 -12.49 -31.41
O2 EDO AA . 4.00 -12.91 -30.40
C1 EDO BA . 16.25 -22.51 -20.19
C1 EDO BA . 16.83 -23.02 -19.65
O1 EDO BA . 17.57 -22.41 -19.65
O1 EDO BA . 17.59 -21.82 -19.77
C2 EDO BA . 15.92 -24.00 -20.24
C2 EDO BA . 15.85 -23.08 -20.81
O2 EDO BA . 15.56 -24.29 -21.60
O2 EDO BA . 15.51 -24.45 -21.06
#